data_3N2G
#
_entry.id   3N2G
#
_cell.length_a   328.553
_cell.length_b   328.553
_cell.length_c   54.745
_cell.angle_alpha   90.00
_cell.angle_beta   90.00
_cell.angle_gamma   120.00
#
_symmetry.space_group_name_H-M   'P 65'
#
loop_
_entity.id
_entity.type
_entity.pdbx_description
1 polymer 'Tubulin alpha chain'
2 polymer 'Tubulin beta chain'
3 polymer Stathmin-4
4 non-polymer "GUANOSINE-5'-TRIPHOSPHATE"
5 non-polymer 'MAGNESIUM ION'
6 non-polymer "GUANOSINE-5'-DIPHOSPHATE"
7 non-polymer 'ethyl [(2R)-5-amino-2-methyl-3-phenyl-1,2-dihydropyrido[3,4-b]pyrazin-7-yl]carbamate'
#
loop_
_entity_poly.entity_id
_entity_poly.type
_entity_poly.pdbx_seq_one_letter_code
_entity_poly.pdbx_strand_id
1 'polypeptide(L)'
;MRECISIHVGQAGVQIGNACWELYCLEHGIQPDGQMPSDKTIGGGDDSFNTFFSETGAGKHVPRAVFVDLEPTVIDEVRT
GTYRQLFHPEQLITGKEDAANNYARGHYTIGKEIIDLVLDRIRKLADQCTGLQGFLVFHSFGGGTGSGFTSLLMERLSVD
YGKKSKLEFSIYPAPQVSTAVVEPYNSILTTHTTLEHSDCAFMVDNEAIYDICRRNLDIERPTYTNLNRLIGQIVSSITA
SLRFDGALNVDLTEFQTNLVPYPRIHFPLATYAPVISAEKAYHEQLSVAEITNACFEPANQMVKCDPRHGKYMACCLLYR
GDVVPKDVNAAIATIKTKRTIQFVDWCPTGFKVGINYQPPTVVPGGDLAKVQRAVCMLSNTTAIAEAWARLDHKFDLMYA
KRAFVHWYVGEGMEEGEFSEAREDMAALEKDYEEVGVDSVEGEGEEEGEEY
;
A,C
2 'polypeptide(L)'
;MREIVHIQAGQCGNQIGAKFWEVISDEHGIDPTGSYHGDSDLQLERINVYYNEATGNKYVPRAILVDLEPGTMDSVRSGP
FGQIFRPDNFVFGQSGAGNNWAKGHYTEGAELVDSVLDVVRKESESCDCLQGFQLTHSLGGGTGSGMGTLLISKIREEYP
DRIMNTFSVMPSPKVSDTVVEPYNATLSVHQLVENTDETYSIDNEALYDICFRTLKLTTPTYGDLNHLVSATMSGVTTCL
RFPGQLNADLRKLAVNMVPFPRLHFFMPGFAPLTSRGSQQYRALTVPELTQQMFDSKNMMAACDPRHGRYLTVAAVFRGR
MSMKEVDEQMLNVQNKNSSYFVEWIPNNVKTAVCDIPPRGLKMSATFIGNSTAIQELFKRISEQFTAMFRRKAFLHWYTG
EGMDEMEFTEAESNMNDLVSEYQQYQDATADEQGEFEEEEGEDEA
;
B,D
3 'polypeptide(L)'
;ADMEVIELNKCTSGQSFEVILKPPSFDGVPEFNASLPRRRDPSLEEIQKKLEAAEERRKYQEAELLKHLAEKREHEREVI
QKAIEENNNFIKMAKEKLAQKMESNKENREAHLAAMLERLQEKDKHAEEVRKNKELKEEASR
;
E
#
loop_
_chem_comp.id
_chem_comp.type
_chem_comp.name
_chem_comp.formula
G2N non-polymer 'ethyl [(2R)-5-amino-2-methyl-3-phenyl-1,2-dihydropyrido[3,4-b]pyrazin-7-yl]carbamate' 'C17 H19 N5 O2'
GDP RNA linking GUANOSINE-5'-DIPHOSPHATE 'C10 H15 N5 O11 P2'
GTP non-polymer GUANOSINE-5'-TRIPHOSPHATE 'C10 H16 N5 O14 P3'
MG non-polymer 'MAGNESIUM ION' 'Mg 2'
#
# COMPACT_ATOMS: atom_id res chain seq x y z
N ARG A 2 48.00 38.42 -48.21
CA ARG A 2 47.02 39.41 -48.75
C ARG A 2 45.75 39.58 -47.86
N GLU A 3 44.84 38.59 -47.90
CA GLU A 3 43.55 38.64 -47.19
C GLU A 3 43.56 37.78 -45.94
N CYS A 4 42.48 37.76 -45.18
CA CYS A 4 42.59 37.16 -43.84
C CYS A 4 41.29 36.94 -43.00
N ILE A 5 40.83 35.68 -42.90
CA ILE A 5 39.51 35.37 -42.34
C ILE A 5 39.51 34.90 -40.88
N SER A 6 38.69 35.55 -40.07
CA SER A 6 38.55 35.20 -38.67
C SER A 6 37.38 34.23 -38.43
N ILE A 7 37.64 33.09 -37.78
CA ILE A 7 36.60 32.16 -37.29
C ILE A 7 36.58 32.14 -35.78
N HIS A 8 35.42 32.35 -35.17
CA HIS A 8 35.31 32.23 -33.72
C HIS A 8 34.25 31.24 -33.31
N VAL A 9 34.68 30.05 -32.86
CA VAL A 9 33.73 29.05 -32.42
C VAL A 9 33.69 29.06 -30.93
N GLY A 10 32.49 28.98 -30.40
CA GLY A 10 32.28 28.71 -28.99
C GLY A 10 32.10 29.93 -28.14
N GLN A 11 31.17 29.85 -27.20
CA GLN A 11 30.85 30.96 -26.31
C GLN A 11 32.06 31.85 -26.03
N ALA A 12 33.15 31.22 -25.62
CA ALA A 12 34.32 31.98 -25.25
C ALA A 12 34.90 32.63 -26.48
N GLY A 13 35.22 31.82 -27.49
CA GLY A 13 35.64 32.37 -28.77
C GLY A 13 34.82 33.60 -29.14
N VAL A 14 33.50 33.42 -29.22
CA VAL A 14 32.63 34.45 -29.71
C VAL A 14 32.81 35.75 -28.95
N GLN A 15 32.90 35.68 -27.63
CA GLN A 15 32.96 36.91 -26.89
C GLN A 15 34.32 37.58 -26.92
N ILE A 16 35.40 36.77 -26.94
CA ILE A 16 36.72 37.30 -27.22
C ILE A 16 36.60 38.00 -28.54
N GLY A 17 36.00 37.31 -29.52
CA GLY A 17 35.84 37.86 -30.84
C GLY A 17 35.20 39.20 -30.78
N ASN A 18 33.99 39.22 -30.23
CA ASN A 18 33.19 40.43 -30.23
C ASN A 18 33.89 41.59 -29.56
N ALA A 19 34.75 41.27 -28.62
CA ALA A 19 35.46 42.28 -27.88
C ALA A 19 36.85 42.64 -28.50
N CYS A 20 37.18 42.02 -29.61
CA CYS A 20 38.31 42.52 -30.32
C CYS A 20 37.97 42.98 -31.73
N TRP A 21 36.86 42.52 -32.29
CA TRP A 21 36.32 43.19 -33.50
C TRP A 21 35.96 44.62 -33.10
N GLU A 22 35.46 44.75 -31.88
CA GLU A 22 35.15 46.04 -31.30
C GLU A 22 36.39 46.89 -31.30
N LEU A 23 37.50 46.33 -30.84
CA LEU A 23 38.73 47.11 -30.70
C LEU A 23 39.43 47.36 -32.04
N TYR A 24 39.21 46.47 -32.99
CA TYR A 24 39.72 46.69 -34.32
C TYR A 24 38.97 47.90 -34.80
N CYS A 25 37.65 47.86 -34.64
CA CYS A 25 36.80 48.96 -35.09
C CYS A 25 37.22 50.32 -34.55
N LEU A 26 37.65 50.37 -33.30
CA LEU A 26 38.10 51.62 -32.71
C LEU A 26 39.38 52.05 -33.41
N GLU A 27 40.31 51.12 -33.56
CA GLU A 27 41.64 51.40 -34.13
C GLU A 27 41.64 51.93 -35.57
N HIS A 28 40.71 51.45 -36.37
CA HIS A 28 40.65 51.84 -37.78
C HIS A 28 39.57 52.86 -38.08
N GLY A 29 38.89 53.31 -37.03
CA GLY A 29 37.87 54.36 -37.11
C GLY A 29 36.63 53.99 -37.91
N ILE A 30 35.93 52.95 -37.47
CA ILE A 30 34.68 52.58 -38.08
C ILE A 30 33.55 52.72 -37.08
N GLN A 31 32.66 53.68 -37.34
CA GLN A 31 31.42 53.73 -36.58
C GLN A 31 30.68 52.40 -36.79
N PRO A 32 30.23 51.76 -35.70
CA PRO A 32 29.33 50.61 -35.73
C PRO A 32 28.63 50.29 -37.06
N ASP A 33 27.80 51.19 -37.60
CA ASP A 33 27.09 50.90 -38.87
C ASP A 33 27.92 50.30 -40.03
N GLY A 34 29.25 50.34 -39.91
CA GLY A 34 30.14 49.86 -40.96
C GLY A 34 30.87 50.97 -41.73
N GLN A 35 30.22 52.13 -41.91
CA GLN A 35 30.78 53.25 -42.67
C GLN A 35 31.87 53.94 -41.86
N MET A 36 32.99 54.26 -42.50
CA MET A 36 34.02 55.09 -41.89
C MET A 36 34.28 56.26 -42.83
N PRO A 37 34.35 57.47 -42.28
CA PRO A 37 34.75 58.65 -43.05
C PRO A 37 36.29 58.86 -43.13
N ASP A 47 43.54 48.79 -50.06
CA ASP A 47 44.79 48.51 -49.34
C ASP A 47 44.77 48.90 -47.83
N SER A 48 45.74 48.36 -47.06
CA SER A 48 46.09 48.76 -45.67
C SER A 48 45.44 47.89 -44.62
N PHE A 49 44.19 48.19 -44.33
CA PHE A 49 43.38 47.47 -43.37
C PHE A 49 42.31 46.59 -44.04
N ASN A 50 42.37 46.50 -45.36
CA ASN A 50 41.54 45.59 -46.16
C ASN A 50 41.99 44.17 -45.87
N THR A 51 43.04 44.06 -45.05
CA THR A 51 43.58 42.78 -44.62
C THR A 51 42.54 42.01 -43.80
N PHE A 52 41.58 42.73 -43.19
CA PHE A 52 40.56 42.12 -42.32
C PHE A 52 39.13 42.39 -42.73
N PHE A 53 38.83 43.62 -43.10
CA PHE A 53 37.48 43.97 -43.53
C PHE A 53 37.36 43.95 -45.07
N SER A 54 36.12 43.85 -45.59
CA SER A 54 35.87 43.96 -47.05
C SER A 54 35.01 45.17 -47.37
N GLU A 55 35.27 45.82 -48.49
CA GLU A 55 34.65 47.09 -48.84
C GLU A 55 33.22 46.95 -49.43
N THR A 56 32.47 45.95 -48.92
CA THR A 56 31.17 45.49 -49.49
C THR A 56 30.07 46.58 -49.68
N GLY A 57 29.42 46.58 -50.86
CA GLY A 57 28.43 47.58 -51.25
C GLY A 57 29.10 48.94 -51.29
N ALA A 58 28.31 50.01 -51.38
CA ALA A 58 28.90 51.35 -51.34
C ALA A 58 28.54 52.18 -50.09
N GLY A 59 29.18 51.86 -48.97
CA GLY A 59 29.00 52.61 -47.74
C GLY A 59 29.65 51.93 -46.55
N LYS A 60 29.47 50.60 -46.48
CA LYS A 60 29.78 49.72 -45.31
C LYS A 60 31.18 49.13 -45.35
N HIS A 61 31.60 48.48 -44.24
CA HIS A 61 32.92 47.85 -44.13
C HIS A 61 32.91 46.53 -43.36
N VAL A 62 32.19 45.51 -43.86
CA VAL A 62 31.98 44.23 -43.14
C VAL A 62 33.27 43.48 -42.79
N PRO A 63 33.38 43.03 -41.54
CA PRO A 63 34.48 42.17 -41.10
C PRO A 63 34.52 40.88 -41.87
N ARG A 64 35.73 40.40 -42.14
CA ARG A 64 35.86 39.12 -42.77
C ARG A 64 35.93 38.10 -41.66
N ALA A 65 34.76 37.78 -41.17
CA ALA A 65 34.68 36.91 -40.04
C ALA A 65 33.54 35.92 -40.22
N VAL A 66 33.56 34.85 -39.42
CA VAL A 66 32.44 33.93 -39.30
C VAL A 66 32.37 33.44 -37.86
N PHE A 67 31.19 33.52 -37.28
CA PHE A 67 30.94 33.29 -35.87
C PHE A 67 30.05 32.07 -35.64
N VAL A 68 30.54 31.04 -34.98
CA VAL A 68 29.68 29.88 -34.84
C VAL A 68 29.60 29.45 -33.42
N ASP A 69 28.40 29.07 -33.01
CA ASP A 69 28.15 28.51 -31.69
C ASP A 69 27.04 27.48 -31.80
N LEU A 70 26.96 26.57 -30.84
CA LEU A 70 25.91 25.56 -30.90
C LEU A 70 24.53 25.87 -30.23
N GLU A 71 24.49 26.73 -29.19
CA GLU A 71 23.25 27.38 -28.73
C GLU A 71 23.09 28.62 -29.60
N PRO A 72 22.00 29.37 -29.48
CA PRO A 72 21.99 30.75 -29.98
C PRO A 72 22.55 31.63 -28.88
N THR A 73 21.72 32.20 -28.01
CA THR A 73 22.21 32.93 -26.81
C THR A 73 23.36 33.91 -27.10
N VAL A 74 24.58 33.41 -27.27
CA VAL A 74 25.73 34.28 -27.41
C VAL A 74 25.81 34.96 -28.76
N ILE A 75 25.72 34.19 -29.83
CA ILE A 75 25.57 34.73 -31.17
C ILE A 75 24.36 35.67 -31.22
N ASP A 76 23.35 35.40 -30.39
CA ASP A 76 22.14 36.21 -30.32
C ASP A 76 22.35 37.63 -29.78
N GLU A 77 23.16 37.74 -28.74
CA GLU A 77 23.66 39.02 -28.23
C GLU A 77 24.24 39.95 -29.33
N VAL A 78 24.89 39.39 -30.35
CA VAL A 78 25.47 40.19 -31.41
C VAL A 78 24.42 40.80 -32.32
N ARG A 79 23.42 40.02 -32.74
CA ARG A 79 22.37 40.59 -33.56
C ARG A 79 21.44 41.42 -32.68
N THR A 80 21.98 41.92 -31.55
CA THR A 80 21.24 42.76 -30.58
C THR A 80 21.82 44.20 -30.34
N GLY A 81 23.04 44.25 -29.78
CA GLY A 81 23.70 45.50 -29.38
C GLY A 81 24.60 46.02 -30.46
N THR A 82 24.47 47.33 -30.71
CA THR A 82 25.04 47.95 -31.91
C THR A 82 26.41 47.39 -32.22
N TYR A 83 26.54 47.02 -33.49
CA TYR A 83 27.47 46.05 -34.07
C TYR A 83 26.50 45.13 -34.82
N ARG A 84 25.29 45.02 -34.28
CA ARG A 84 24.17 44.44 -34.97
C ARG A 84 24.19 44.91 -36.43
N GLN A 85 24.69 46.11 -36.65
CA GLN A 85 24.72 46.67 -37.98
C GLN A 85 25.94 46.22 -38.77
N LEU A 86 26.91 45.65 -38.06
CA LEU A 86 28.29 45.49 -38.54
C LEU A 86 28.61 44.25 -39.34
N PHE A 87 27.93 43.16 -39.06
CA PHE A 87 28.21 41.93 -39.77
C PHE A 87 27.16 41.66 -40.80
N HIS A 88 27.27 40.56 -41.52
CA HIS A 88 26.18 40.11 -42.38
C HIS A 88 25.44 39.00 -41.67
N PRO A 89 24.12 39.12 -41.58
CA PRO A 89 23.30 38.11 -40.93
C PRO A 89 23.81 36.71 -41.26
N GLU A 90 24.34 36.52 -42.48
CA GLU A 90 24.86 35.22 -42.85
C GLU A 90 26.06 34.81 -42.03
N GLN A 91 26.96 35.72 -41.74
CA GLN A 91 28.21 35.31 -41.14
C GLN A 91 28.09 34.89 -39.68
N LEU A 92 26.88 34.76 -39.14
CA LEU A 92 26.77 34.23 -37.76
C LEU A 92 25.91 32.99 -37.67
N ILE A 93 26.55 31.83 -37.65
CA ILE A 93 25.80 30.61 -37.59
C ILE A 93 25.53 30.21 -36.15
N THR A 94 24.25 29.98 -35.85
CA THR A 94 23.76 29.43 -34.55
C THR A 94 23.11 28.03 -34.75
N GLY A 95 22.96 27.26 -33.68
CA GLY A 95 22.64 25.87 -33.92
C GLY A 95 21.69 25.13 -33.04
N LYS A 96 20.75 25.84 -32.39
CA LYS A 96 19.62 25.21 -31.65
C LYS A 96 19.99 24.53 -30.30
N GLU A 97 20.69 23.40 -30.34
CA GLU A 97 20.99 22.65 -29.13
C GLU A 97 22.45 22.72 -28.81
N ASP A 98 22.72 22.73 -27.51
CA ASP A 98 24.07 22.84 -26.94
C ASP A 98 25.01 21.61 -27.04
N ALA A 99 26.32 21.87 -26.95
CA ALA A 99 27.38 20.84 -26.99
C ALA A 99 27.59 20.22 -25.64
N ALA A 100 26.99 20.86 -24.64
CA ALA A 100 27.04 20.43 -23.25
C ALA A 100 28.42 20.03 -22.77
N ASN A 101 29.29 21.02 -22.65
CA ASN A 101 30.55 20.84 -21.94
C ASN A 101 31.26 19.54 -22.29
N ASN A 102 31.10 19.05 -23.52
CA ASN A 102 31.65 17.74 -23.88
C ASN A 102 32.07 17.53 -25.36
N TYR A 103 33.36 17.23 -25.52
CA TYR A 103 34.02 17.20 -26.80
C TYR A 103 33.33 16.27 -27.76
N ALA A 104 33.17 15.03 -27.34
CA ALA A 104 32.48 14.05 -28.17
C ALA A 104 31.27 14.68 -28.85
N ARG A 105 30.44 15.32 -28.04
CA ARG A 105 29.22 15.92 -28.53
C ARG A 105 29.58 16.91 -29.60
N GLY A 106 30.53 17.78 -29.31
CA GLY A 106 30.92 18.79 -30.26
C GLY A 106 31.49 18.31 -31.59
N HIS A 107 32.33 17.27 -31.52
CA HIS A 107 33.01 16.74 -32.69
C HIS A 107 32.05 15.85 -33.48
N TYR A 108 31.50 14.84 -32.83
CA TYR A 108 30.83 13.80 -33.56
C TYR A 108 29.33 13.95 -33.66
N THR A 109 28.69 14.28 -32.55
CA THR A 109 27.25 14.17 -32.52
C THR A 109 26.63 15.41 -33.08
N ILE A 110 26.82 16.54 -32.40
CA ILE A 110 26.15 17.73 -32.82
C ILE A 110 26.91 18.45 -33.95
N GLY A 111 28.18 18.10 -34.14
CA GLY A 111 29.02 18.71 -35.16
C GLY A 111 28.63 18.34 -36.58
N LYS A 112 28.84 17.07 -36.92
CA LYS A 112 28.33 16.45 -38.14
C LYS A 112 27.31 17.29 -38.90
N GLU A 113 26.36 17.87 -38.16
CA GLU A 113 25.15 18.47 -38.75
C GLU A 113 25.36 19.86 -39.30
N ILE A 114 26.16 20.64 -38.58
CA ILE A 114 26.32 22.07 -38.87
C ILE A 114 27.55 22.37 -39.73
N ILE A 115 28.52 21.46 -39.69
CA ILE A 115 29.84 21.66 -40.28
C ILE A 115 29.80 21.86 -41.78
N ASP A 116 28.93 21.13 -42.44
CA ASP A 116 28.81 21.23 -43.86
C ASP A 116 28.32 22.60 -44.23
N LEU A 117 27.54 23.21 -43.35
CA LEU A 117 27.03 24.56 -43.60
C LEU A 117 28.06 25.65 -43.36
N VAL A 118 28.68 25.63 -42.19
CA VAL A 118 29.71 26.59 -41.83
C VAL A 118 30.80 26.62 -42.88
N LEU A 119 31.41 25.45 -43.09
CA LEU A 119 32.52 25.24 -44.02
C LEU A 119 32.30 25.93 -45.36
N ASP A 120 31.04 25.96 -45.74
CA ASP A 120 30.63 26.52 -47.01
C ASP A 120 30.41 28.04 -46.87
N ARG A 121 29.95 28.48 -45.69
CA ARG A 121 29.75 29.90 -45.46
C ARG A 121 31.06 30.63 -45.28
N ILE A 122 32.11 29.88 -44.93
CA ILE A 122 33.47 30.39 -44.93
C ILE A 122 33.92 30.60 -46.36
N ARG A 123 33.66 29.57 -47.17
CA ARG A 123 33.99 29.54 -48.60
C ARG A 123 33.37 30.67 -49.41
N LYS A 124 32.34 31.32 -48.85
CA LYS A 124 31.76 32.52 -49.43
C LYS A 124 32.72 33.66 -49.24
N LEU A 125 33.27 33.75 -48.03
CA LEU A 125 34.19 34.83 -47.69
C LEU A 125 35.56 34.73 -48.35
N ALA A 126 36.04 33.50 -48.53
CA ALA A 126 37.29 33.26 -49.23
C ALA A 126 37.16 33.59 -50.71
N ASP A 127 35.93 33.62 -51.20
CA ASP A 127 35.67 33.81 -52.63
C ASP A 127 35.67 35.26 -53.05
N GLN A 128 35.45 36.14 -52.08
CA GLN A 128 35.59 37.57 -52.34
C GLN A 128 37.01 38.10 -51.94
N CYS A 129 38.04 37.33 -52.31
CA CYS A 129 39.42 37.57 -51.89
C CYS A 129 40.41 37.10 -52.95
N THR A 130 41.19 38.04 -53.49
CA THR A 130 42.20 37.72 -54.50
C THR A 130 43.57 37.41 -53.90
N GLY A 131 43.74 36.14 -53.52
CA GLY A 131 44.90 35.68 -52.79
C GLY A 131 44.69 35.68 -51.27
N LEU A 132 43.77 34.86 -50.77
CA LEU A 132 43.58 34.74 -49.33
C LEU A 132 44.83 34.15 -48.66
N GLN A 133 45.16 34.67 -47.48
CA GLN A 133 46.26 34.13 -46.68
C GLN A 133 45.86 32.90 -45.83
N GLY A 134 45.34 33.12 -44.64
CA GLY A 134 45.00 32.01 -43.76
C GLY A 134 43.85 32.32 -42.83
N PHE A 135 43.67 31.50 -41.80
CA PHE A 135 42.60 31.75 -40.86
C PHE A 135 43.07 31.97 -39.47
N LEU A 136 42.31 32.79 -38.75
CA LEU A 136 42.47 32.95 -37.33
C LEU A 136 41.28 32.29 -36.65
N VAL A 137 41.52 31.24 -35.88
CA VAL A 137 40.48 30.47 -35.19
C VAL A 137 40.48 30.81 -33.70
N PHE A 138 39.47 31.52 -33.21
CA PHE A 138 39.36 31.80 -31.78
C PHE A 138 38.45 30.79 -31.08
N HIS A 139 38.89 30.20 -29.98
CA HIS A 139 38.15 29.10 -29.32
C HIS A 139 38.59 28.72 -27.91
N SER A 140 37.68 28.24 -27.11
CA SER A 140 38.00 27.87 -25.75
C SER A 140 38.59 26.51 -25.78
N PHE A 141 39.52 26.26 -24.86
CA PHE A 141 40.27 24.98 -24.81
C PHE A 141 39.36 23.91 -24.27
N GLY A 142 39.17 23.95 -22.96
CA GLY A 142 38.14 23.16 -22.32
C GLY A 142 36.83 23.77 -22.72
N GLY A 143 35.75 23.00 -22.55
CA GLY A 143 34.45 23.47 -22.97
C GLY A 143 34.10 22.89 -24.32
N GLY A 144 32.79 22.73 -24.54
CA GLY A 144 32.20 21.79 -25.47
C GLY A 144 32.38 22.02 -26.93
N THR A 145 31.63 22.96 -27.47
CA THR A 145 31.75 23.26 -28.90
C THR A 145 33.15 23.80 -29.21
N GLY A 146 33.66 24.65 -28.32
CA GLY A 146 34.99 25.22 -28.43
C GLY A 146 36.09 24.20 -28.72
N SER A 147 36.11 23.10 -27.97
CA SER A 147 37.07 22.01 -28.19
C SER A 147 36.67 21.14 -29.38
N GLY A 148 35.40 20.72 -29.40
CA GLY A 148 34.91 19.71 -30.31
C GLY A 148 34.64 20.11 -31.75
N PHE A 149 34.05 21.30 -31.94
CA PHE A 149 33.77 21.80 -33.27
C PHE A 149 35.04 22.31 -33.90
N THR A 150 35.79 23.08 -33.13
CA THR A 150 37.08 23.57 -33.55
C THR A 150 37.89 22.45 -34.15
N SER A 151 37.98 21.34 -33.40
CA SER A 151 38.76 20.20 -33.84
C SER A 151 38.28 19.72 -35.19
N LEU A 152 36.97 19.51 -35.33
CA LEU A 152 36.39 19.09 -36.60
C LEU A 152 36.55 20.13 -37.69
N LEU A 153 36.43 21.40 -37.34
CA LEU A 153 36.65 22.50 -38.28
C LEU A 153 38.01 22.30 -38.92
N MET A 154 39.04 22.36 -38.09
CA MET A 154 40.44 22.29 -38.53
C MET A 154 40.78 21.06 -39.41
N GLU A 155 40.25 19.89 -39.04
CA GLU A 155 40.41 18.69 -39.85
C GLU A 155 39.95 19.07 -41.22
N ARG A 156 38.77 19.69 -41.31
CA ARG A 156 38.17 19.99 -42.59
C ARG A 156 38.78 21.17 -43.34
N LEU A 157 39.04 22.28 -42.64
CA LEU A 157 39.74 23.44 -43.19
C LEU A 157 41.08 23.06 -43.73
N SER A 158 41.73 22.14 -43.03
CA SER A 158 42.95 21.53 -43.53
C SER A 158 42.78 20.82 -44.87
N VAL A 159 41.61 20.22 -45.11
CA VAL A 159 41.37 19.54 -46.39
C VAL A 159 40.94 20.53 -47.48
N ASP A 160 39.95 21.36 -47.18
CA ASP A 160 39.44 22.31 -48.16
C ASP A 160 40.45 23.43 -48.56
N TYR A 161 41.46 23.72 -47.72
CA TYR A 161 42.44 24.81 -47.98
C TYR A 161 43.91 24.40 -47.87
N GLY A 162 44.58 24.33 -49.02
CA GLY A 162 45.93 23.79 -49.20
C GLY A 162 47.01 24.31 -48.26
N LYS A 163 47.87 25.19 -48.78
CA LYS A 163 48.93 25.84 -47.97
C LYS A 163 48.35 26.67 -46.83
N LYS A 164 47.56 27.68 -47.23
CA LYS A 164 46.77 28.53 -46.35
C LYS A 164 46.83 28.13 -44.89
N SER A 165 47.61 28.89 -44.12
CA SER A 165 47.94 28.54 -42.75
C SER A 165 46.82 28.82 -41.73
N LYS A 166 46.96 28.25 -40.55
CA LYS A 166 45.97 28.41 -39.52
C LYS A 166 46.63 28.80 -38.21
N LEU A 167 46.21 29.95 -37.67
CA LEU A 167 46.65 30.45 -36.36
C LEU A 167 45.55 30.35 -35.33
N GLU A 168 45.78 29.68 -34.22
CA GLU A 168 44.72 29.55 -33.23
C GLU A 168 45.01 30.37 -31.97
N PHE A 169 43.96 30.89 -31.35
CA PHE A 169 44.02 31.53 -30.06
C PHE A 169 43.16 30.73 -29.12
N SER A 170 43.76 29.88 -28.30
CA SER A 170 43.06 29.01 -27.33
C SER A 170 42.90 29.67 -25.94
N ILE A 171 41.78 29.40 -25.27
CA ILE A 171 41.63 29.88 -23.91
C ILE A 171 41.76 28.75 -22.88
N TYR A 172 43.03 28.50 -22.51
CA TYR A 172 43.44 27.54 -21.48
C TYR A 172 42.69 27.86 -20.18
N PRO A 173 42.01 26.84 -19.63
CA PRO A 173 40.85 27.03 -18.74
C PRO A 173 41.23 27.10 -17.27
N ALA A 174 40.49 27.87 -16.47
CA ALA A 174 40.94 28.11 -15.10
C ALA A 174 39.91 28.01 -14.01
N PRO A 175 40.20 27.10 -13.08
CA PRO A 175 39.33 26.71 -11.98
C PRO A 175 38.50 27.81 -11.35
N GLN A 176 39.09 28.99 -11.11
CA GLN A 176 38.40 30.10 -10.43
C GLN A 176 37.28 30.66 -11.29
N VAL A 177 37.53 31.09 -12.51
CA VAL A 177 36.36 31.39 -13.32
C VAL A 177 36.08 30.41 -14.46
N SER A 178 35.63 29.21 -14.06
CA SER A 178 35.03 28.20 -14.94
C SER A 178 33.77 27.78 -14.21
N THR A 179 33.20 26.65 -14.61
CA THR A 179 32.10 26.04 -13.87
C THR A 179 32.18 24.54 -14.02
N ALA A 180 32.88 24.17 -15.09
CA ALA A 180 33.02 22.79 -15.53
C ALA A 180 34.25 22.02 -14.96
N VAL A 181 33.92 20.85 -14.41
CA VAL A 181 34.83 19.84 -13.91
C VAL A 181 35.51 19.05 -15.02
N VAL A 182 34.73 18.56 -15.97
CA VAL A 182 35.19 17.78 -17.11
C VAL A 182 36.15 18.51 -18.06
N GLU A 183 36.42 19.78 -17.80
CA GLU A 183 37.31 20.60 -18.61
C GLU A 183 38.54 19.94 -19.21
N PRO A 184 39.47 19.49 -18.34
CA PRO A 184 40.74 18.92 -18.78
C PRO A 184 40.57 17.95 -19.93
N TYR A 185 39.70 16.95 -19.80
CA TYR A 185 39.43 15.95 -20.85
C TYR A 185 39.30 16.64 -22.19
N ASN A 186 38.42 17.64 -22.26
CA ASN A 186 38.14 18.34 -23.51
C ASN A 186 39.31 19.04 -24.16
N SER A 187 40.17 19.65 -23.33
CA SER A 187 41.39 20.30 -23.83
C SER A 187 42.38 19.27 -24.44
N ILE A 188 42.72 18.24 -23.65
CA ILE A 188 43.70 17.23 -24.05
C ILE A 188 43.20 16.49 -25.27
N LEU A 189 41.88 16.47 -25.40
CA LEU A 189 41.24 15.81 -26.51
C LEU A 189 41.48 16.63 -27.74
N THR A 190 40.90 17.83 -27.79
CA THR A 190 41.05 18.68 -28.97
C THR A 190 42.53 18.84 -29.37
N THR A 191 43.28 19.50 -28.48
CA THR A 191 44.71 19.71 -28.59
C THR A 191 45.50 18.54 -29.24
N HIS A 192 44.93 17.34 -29.19
CA HIS A 192 45.53 16.20 -29.85
C HIS A 192 45.15 16.17 -31.33
N THR A 193 43.86 16.20 -31.63
CA THR A 193 43.40 16.09 -33.02
C THR A 193 43.71 17.37 -33.76
N THR A 194 43.69 18.45 -32.99
CA THR A 194 43.88 19.83 -33.46
C THR A 194 45.32 20.18 -33.91
N LEU A 195 46.33 19.60 -33.24
CA LEU A 195 47.71 20.11 -33.33
C LEU A 195 48.44 19.79 -34.63
N GLU A 196 48.05 18.73 -35.34
CA GLU A 196 48.72 18.50 -36.61
C GLU A 196 48.07 19.30 -37.75
N HIS A 197 46.97 19.96 -37.44
CA HIS A 197 46.25 20.78 -38.42
C HIS A 197 46.43 22.28 -38.16
N SER A 198 47.21 22.63 -37.13
CA SER A 198 47.39 24.02 -36.71
C SER A 198 48.80 24.48 -37.10
N ASP A 199 49.08 25.78 -37.13
CA ASP A 199 50.43 26.25 -37.54
C ASP A 199 51.24 26.92 -36.42
N CYS A 200 50.57 27.85 -35.74
CA CYS A 200 51.08 28.49 -34.54
C CYS A 200 49.88 28.81 -33.68
N ALA A 201 50.03 28.67 -32.37
CA ALA A 201 48.89 28.73 -31.46
C ALA A 201 49.15 29.46 -30.15
N PHE A 202 48.43 30.56 -29.96
CA PHE A 202 48.64 31.39 -28.77
C PHE A 202 47.71 30.92 -27.68
N MET A 203 48.24 30.31 -26.63
CA MET A 203 47.38 29.95 -25.52
C MET A 203 47.15 31.15 -24.70
N VAL A 204 45.99 31.25 -24.07
CA VAL A 204 45.70 32.36 -23.13
C VAL A 204 45.12 31.86 -21.81
N ASP A 205 45.92 31.89 -20.75
CA ASP A 205 45.51 31.34 -19.46
C ASP A 205 44.58 32.26 -18.69
N ASN A 206 43.30 31.94 -18.73
CA ASN A 206 42.32 32.72 -17.98
C ASN A 206 42.84 33.13 -16.63
N GLU A 207 43.43 32.18 -15.93
CA GLU A 207 43.92 32.46 -14.60
C GLU A 207 44.88 33.64 -14.66
N ALA A 208 45.81 33.62 -15.61
CA ALA A 208 46.79 34.69 -15.69
C ALA A 208 46.13 36.05 -15.96
N ILE A 209 45.01 36.04 -16.70
CA ILE A 209 44.33 37.28 -17.04
C ILE A 209 43.55 37.71 -15.84
N TYR A 210 42.89 36.75 -15.22
CA TYR A 210 42.15 37.03 -14.01
C TYR A 210 43.11 37.61 -13.02
N ASP A 211 44.35 37.19 -13.12
CA ASP A 211 45.40 37.62 -12.21
C ASP A 211 45.80 39.08 -12.44
N ILE A 212 46.03 39.42 -13.70
CA ILE A 212 46.45 40.75 -14.06
C ILE A 212 45.44 41.76 -13.52
N CYS A 213 44.16 41.45 -13.69
CA CYS A 213 43.11 42.36 -13.27
C CYS A 213 43.05 42.55 -11.80
N ARG A 214 43.32 41.49 -11.07
CA ARG A 214 43.25 41.54 -9.61
C ARG A 214 44.44 42.32 -9.00
N ARG A 215 45.57 42.28 -9.68
CA ARG A 215 46.73 43.03 -9.25
C ARG A 215 46.72 44.41 -9.90
N ASN A 216 46.60 44.43 -11.22
CA ASN A 216 46.94 45.63 -11.98
C ASN A 216 45.78 46.63 -12.17
N LEU A 217 44.55 46.13 -12.07
CA LEU A 217 43.39 46.95 -12.38
C LEU A 217 42.56 47.24 -11.15
N ASP A 218 42.85 46.56 -10.05
CA ASP A 218 42.13 46.78 -8.80
C ASP A 218 40.69 46.25 -8.82
N ILE A 219 40.37 45.43 -9.81
CA ILE A 219 39.05 44.83 -9.92
C ILE A 219 38.90 43.71 -8.91
N GLU A 220 37.89 43.78 -8.06
CA GLU A 220 37.76 42.84 -6.96
C GLU A 220 37.63 41.41 -7.46
N ARG A 221 36.48 41.07 -8.06
CA ARG A 221 36.30 39.77 -8.71
C ARG A 221 35.86 40.00 -10.15
N PRO A 222 36.77 39.89 -11.10
CA PRO A 222 36.59 40.40 -12.45
C PRO A 222 35.64 39.62 -13.32
N THR A 223 34.92 40.35 -14.16
CA THR A 223 33.92 39.82 -15.09
C THR A 223 34.57 39.16 -16.27
N TYR A 224 33.77 38.46 -17.07
CA TYR A 224 34.20 37.92 -18.36
C TYR A 224 34.53 39.05 -19.32
N THR A 225 33.61 40.01 -19.39
CA THR A 225 33.81 41.15 -20.27
C THR A 225 34.88 42.07 -19.69
N ASN A 226 35.26 41.83 -18.43
CA ASN A 226 36.48 42.42 -17.90
C ASN A 226 37.73 41.79 -18.53
N LEU A 227 37.73 40.47 -18.56
CA LEU A 227 38.83 39.70 -19.04
C LEU A 227 38.93 39.85 -20.52
N ASN A 228 37.83 40.10 -21.17
CA ASN A 228 37.88 40.03 -22.60
C ASN A 228 38.54 41.28 -23.19
N ARG A 229 38.24 42.42 -22.58
CA ARG A 229 38.83 43.70 -23.00
C ARG A 229 40.35 43.63 -22.97
N LEU A 230 40.89 42.87 -22.02
CA LEU A 230 42.32 42.67 -21.86
C LEU A 230 42.87 41.79 -22.94
N ILE A 231 42.19 40.69 -23.24
CA ILE A 231 42.62 39.76 -24.27
C ILE A 231 42.49 40.47 -25.61
N GLY A 232 41.38 41.19 -25.78
CA GLY A 232 41.15 42.05 -26.93
C GLY A 232 42.38 42.89 -27.23
N GLN A 233 42.91 43.54 -26.21
CA GLN A 233 44.07 44.38 -26.34
C GLN A 233 45.31 43.59 -26.81
N ILE A 234 45.44 42.36 -26.32
CA ILE A 234 46.67 41.59 -26.54
C ILE A 234 46.65 41.11 -27.97
N VAL A 235 45.53 40.48 -28.34
CA VAL A 235 45.31 39.98 -29.68
C VAL A 235 45.55 41.08 -30.70
N SER A 236 44.88 42.20 -30.48
CA SER A 236 45.02 43.33 -31.37
C SER A 236 46.45 43.89 -31.40
N SER A 237 47.29 43.49 -30.45
CA SER A 237 48.70 43.86 -30.54
C SER A 237 49.52 42.81 -31.31
N ILE A 238 48.97 41.60 -31.39
CA ILE A 238 49.56 40.55 -32.20
C ILE A 238 49.21 40.73 -33.66
N THR A 239 47.93 40.99 -33.94
CA THR A 239 47.44 41.07 -35.32
C THR A 239 47.85 42.35 -35.96
N ALA A 240 48.17 43.32 -35.10
CA ALA A 240 48.65 44.66 -35.48
C ALA A 240 49.52 44.70 -36.75
N SER A 241 50.54 43.84 -36.78
CA SER A 241 51.50 43.78 -37.86
C SER A 241 50.84 43.77 -39.26
N LEU A 242 49.74 43.02 -39.38
CA LEU A 242 49.07 42.78 -40.69
C LEU A 242 47.83 43.63 -41.01
N ARG A 243 47.56 44.61 -40.16
CA ARG A 243 46.38 45.46 -40.31
C ARG A 243 46.75 46.87 -40.74
N PHE A 244 47.85 47.39 -40.18
CA PHE A 244 48.47 48.65 -40.63
C PHE A 244 49.59 48.43 -41.67
N ASP A 245 50.15 47.22 -41.68
CA ASP A 245 51.37 46.84 -42.42
C ASP A 245 52.61 47.63 -41.95
N GLY A 246 53.39 47.01 -41.09
CA GLY A 246 54.70 47.48 -40.70
C GLY A 246 55.57 46.23 -40.63
N ALA A 247 56.80 46.30 -41.18
CA ALA A 247 57.73 45.15 -41.34
C ALA A 247 57.71 44.15 -40.17
N LEU A 248 58.11 42.90 -40.41
CA LEU A 248 57.91 41.81 -39.40
C LEU A 248 56.42 41.46 -39.10
N ASN A 249 56.07 40.21 -39.44
CA ASN A 249 54.71 39.64 -39.44
C ASN A 249 53.71 40.27 -40.41
N VAL A 250 54.19 40.67 -41.59
CA VAL A 250 53.38 41.25 -42.68
C VAL A 250 52.27 40.28 -43.07
N ASP A 251 52.54 39.01 -42.84
CA ASP A 251 51.77 37.92 -43.41
C ASP A 251 51.94 36.63 -42.60
N LEU A 252 50.92 35.80 -42.57
CA LEU A 252 50.85 34.77 -41.58
C LEU A 252 52.03 33.85 -41.64
N THR A 253 52.45 33.52 -42.85
CA THR A 253 53.64 32.69 -43.00
C THR A 253 54.69 33.09 -41.96
N GLU A 254 55.00 34.39 -41.87
CA GLU A 254 56.11 34.89 -41.04
C GLU A 254 55.94 34.60 -39.56
N PHE A 255 54.69 34.50 -39.14
CA PHE A 255 54.43 34.20 -37.75
C PHE A 255 55.23 32.99 -37.31
N GLN A 256 54.98 31.90 -38.01
CA GLN A 256 55.66 30.66 -37.76
C GLN A 256 57.18 30.82 -37.99
N THR A 257 57.58 31.49 -39.08
CA THR A 257 58.97 31.49 -39.52
C THR A 257 59.86 32.05 -38.43
N ASN A 258 59.31 33.03 -37.70
CA ASN A 258 60.00 33.65 -36.57
C ASN A 258 59.77 32.93 -35.27
N LEU A 259 58.58 32.33 -35.10
CA LEU A 259 58.17 31.76 -33.81
C LEU A 259 58.30 30.24 -33.60
N VAL A 260 58.06 29.46 -34.63
CA VAL A 260 58.11 28.02 -34.47
C VAL A 260 59.29 27.38 -35.20
N PRO A 261 60.25 26.91 -34.42
CA PRO A 261 61.41 26.25 -34.98
C PRO A 261 61.05 24.82 -35.33
N TYR A 262 60.08 24.26 -34.60
CA TYR A 262 59.76 22.86 -34.78
C TYR A 262 58.28 22.65 -35.02
N PRO A 263 57.94 21.79 -35.98
CA PRO A 263 56.55 21.67 -36.44
C PRO A 263 55.60 21.67 -35.26
N ARG A 264 55.89 20.87 -34.23
CA ARG A 264 54.98 20.63 -33.10
C ARG A 264 54.93 21.82 -32.17
N ILE A 265 56.03 22.10 -31.49
CA ILE A 265 56.14 23.29 -30.65
C ILE A 265 55.56 24.57 -31.30
N HIS A 266 54.25 24.83 -31.14
CA HIS A 266 53.61 26.04 -31.68
C HIS A 266 53.57 27.13 -30.66
N PHE A 267 53.50 26.74 -29.41
CA PHE A 267 52.88 27.57 -28.40
C PHE A 267 53.81 28.61 -27.86
N PRO A 268 53.63 29.85 -28.35
CA PRO A 268 54.44 30.96 -27.89
C PRO A 268 53.75 31.55 -26.67
N LEU A 269 54.54 32.22 -25.85
CA LEU A 269 54.09 32.80 -24.62
C LEU A 269 53.95 34.28 -24.94
N ALA A 270 52.81 34.89 -24.62
CA ALA A 270 52.71 36.34 -24.82
C ALA A 270 52.85 37.17 -23.52
N THR A 271 53.17 38.45 -23.65
CA THR A 271 53.31 39.30 -22.47
C THR A 271 52.98 40.76 -22.86
N TYR A 272 51.93 41.34 -22.30
CA TYR A 272 51.56 42.68 -22.73
C TYR A 272 52.07 43.67 -21.74
N ALA A 273 52.44 44.82 -22.26
CA ALA A 273 53.32 45.74 -21.55
C ALA A 273 52.74 46.59 -20.43
N PRO A 274 52.21 47.77 -20.77
CA PRO A 274 51.66 48.66 -19.74
C PRO A 274 50.14 48.48 -19.58
N VAL A 275 49.73 47.59 -18.67
CA VAL A 275 48.33 47.50 -18.27
C VAL A 275 48.19 48.42 -17.09
N ILE A 276 47.63 49.60 -17.32
CA ILE A 276 47.40 50.50 -16.21
C ILE A 276 46.08 51.22 -16.33
N SER A 277 45.43 51.33 -15.18
CA SER A 277 44.03 51.68 -15.09
C SER A 277 43.77 53.19 -15.06
N ALA A 278 42.90 53.66 -15.96
CA ALA A 278 42.43 55.04 -15.91
C ALA A 278 41.92 55.21 -14.52
N GLU A 279 42.18 56.37 -13.94
CA GLU A 279 42.17 56.58 -12.49
C GLU A 279 43.63 56.74 -12.15
N LYS A 280 44.49 56.07 -12.92
CA LYS A 280 45.94 56.28 -12.89
C LYS A 280 46.35 56.89 -14.22
N ALA A 281 45.34 57.22 -15.01
CA ALA A 281 45.51 57.62 -16.39
C ALA A 281 46.36 58.87 -16.61
N TYR A 282 46.70 59.56 -15.53
CA TYR A 282 47.44 60.78 -15.67
C TYR A 282 48.74 60.81 -14.90
N HIS A 283 49.22 59.67 -14.41
CA HIS A 283 50.56 59.63 -13.80
C HIS A 283 51.60 59.78 -14.92
N GLU A 284 52.78 60.38 -14.62
CA GLU A 284 53.79 60.65 -15.67
C GLU A 284 54.18 59.34 -16.38
N GLN A 285 53.68 59.12 -17.61
CA GLN A 285 53.60 57.77 -18.20
C GLN A 285 54.96 57.04 -18.39
N LEU A 286 54.91 55.71 -18.60
CA LEU A 286 56.08 54.82 -18.50
C LEU A 286 57.09 54.92 -19.62
N SER A 287 58.36 54.75 -19.23
CA SER A 287 59.55 54.89 -20.08
C SER A 287 59.84 53.67 -20.99
N VAL A 288 60.25 53.95 -22.23
CA VAL A 288 60.52 52.92 -23.25
C VAL A 288 61.27 51.77 -22.64
N ALA A 289 62.18 52.10 -21.72
CA ALA A 289 62.97 51.12 -21.01
C ALA A 289 62.13 50.23 -20.11
N GLU A 290 61.39 50.87 -19.19
CA GLU A 290 60.71 50.18 -18.10
C GLU A 290 59.68 49.15 -18.57
N ILE A 291 59.02 49.44 -19.68
CA ILE A 291 58.00 48.57 -20.22
C ILE A 291 58.60 47.33 -20.83
N THR A 292 59.72 47.50 -21.52
CA THR A 292 60.47 46.37 -21.99
C THR A 292 60.82 45.51 -20.80
N ASN A 293 61.31 46.17 -19.75
CA ASN A 293 61.73 45.51 -18.51
C ASN A 293 60.56 44.93 -17.71
N ALA A 294 59.37 44.99 -18.30
CA ALA A 294 58.17 44.37 -17.72
C ALA A 294 57.88 43.06 -18.38
N CYS A 295 58.09 42.99 -19.68
CA CYS A 295 57.85 41.79 -20.50
C CYS A 295 58.44 40.56 -19.89
N PHE A 296 59.51 40.80 -19.16
CA PHE A 296 60.25 39.74 -18.51
C PHE A 296 59.90 39.84 -17.02
N GLU A 297 58.65 39.53 -16.72
CA GLU A 297 58.14 39.54 -15.38
C GLU A 297 57.00 38.53 -15.30
N PRO A 298 57.26 37.40 -14.66
CA PRO A 298 56.26 36.33 -14.50
C PRO A 298 54.86 36.83 -14.18
N ALA A 299 54.77 37.99 -13.54
CA ALA A 299 53.47 38.59 -13.21
C ALA A 299 52.67 38.99 -14.47
N ASN A 300 53.30 39.79 -15.34
CA ASN A 300 52.71 40.36 -16.54
C ASN A 300 52.55 39.39 -17.68
N GLN A 301 52.84 38.12 -17.39
CA GLN A 301 52.67 37.03 -18.34
C GLN A 301 51.23 36.74 -18.79
N MET A 302 51.16 35.82 -19.73
CA MET A 302 49.94 35.46 -20.43
C MET A 302 49.48 34.00 -20.23
N VAL A 303 50.39 33.17 -19.73
CA VAL A 303 50.14 31.80 -19.32
C VAL A 303 50.94 31.58 -18.02
N LYS A 304 50.25 31.09 -17.00
CA LYS A 304 50.84 30.96 -15.66
C LYS A 304 51.95 29.92 -15.68
N CYS A 305 53.21 30.35 -15.51
CA CYS A 305 54.33 29.42 -15.44
C CYS A 305 55.55 30.13 -14.82
N ASP A 306 56.75 29.81 -15.30
CA ASP A 306 57.98 30.51 -14.87
C ASP A 306 59.15 30.34 -15.87
N PRO A 307 59.35 31.30 -16.78
CA PRO A 307 60.34 31.15 -17.86
C PRO A 307 61.75 31.54 -17.46
N ARG A 308 61.94 31.93 -16.20
CA ARG A 308 63.26 32.26 -15.65
C ARG A 308 64.11 31.00 -15.48
N HIS A 309 63.42 29.85 -15.48
CA HIS A 309 64.03 28.53 -15.36
C HIS A 309 63.97 27.63 -16.64
N GLY A 310 62.98 27.85 -17.54
CA GLY A 310 62.95 27.22 -18.86
C GLY A 310 63.79 28.01 -19.85
N LYS A 311 64.35 27.36 -20.86
CA LYS A 311 65.16 28.04 -21.88
C LYS A 311 64.25 28.73 -22.88
N TYR A 312 64.66 29.91 -23.36
CA TYR A 312 64.02 30.58 -24.51
C TYR A 312 64.62 30.03 -25.79
N MET A 313 63.83 30.00 -26.87
CA MET A 313 64.33 29.47 -28.14
C MET A 313 63.88 30.25 -29.37
N ALA A 314 63.05 31.26 -29.14
CA ALA A 314 62.76 32.24 -30.16
C ALA A 314 62.00 33.43 -29.56
N CYS A 315 62.56 34.63 -29.74
CA CYS A 315 62.06 35.82 -29.08
C CYS A 315 61.81 37.01 -29.99
N CYS A 316 60.59 37.51 -29.88
CA CYS A 316 60.09 38.69 -30.58
C CYS A 316 59.72 39.82 -29.60
N LEU A 317 59.88 41.06 -30.02
CA LEU A 317 59.36 42.15 -29.26
C LEU A 317 58.53 42.94 -30.21
N LEU A 318 57.23 43.03 -29.92
CA LEU A 318 56.32 43.84 -30.74
C LEU A 318 55.88 45.18 -30.06
N TYR A 319 56.59 46.26 -30.43
CA TYR A 319 56.39 47.64 -29.91
C TYR A 319 55.27 48.31 -30.67
N ARG A 320 54.58 49.23 -30.01
CA ARG A 320 53.45 49.94 -30.61
C ARG A 320 53.45 51.31 -30.00
N GLY A 321 53.39 52.33 -30.85
CA GLY A 321 53.31 53.70 -30.37
C GLY A 321 54.44 54.65 -30.73
N ASP A 322 54.79 55.51 -29.80
CA ASP A 322 55.83 56.49 -30.03
C ASP A 322 57.15 55.92 -29.58
N VAL A 323 57.96 55.47 -30.53
CA VAL A 323 59.25 54.84 -30.22
C VAL A 323 60.28 54.99 -31.34
N VAL A 324 61.45 55.54 -30.99
CA VAL A 324 62.63 55.47 -31.86
C VAL A 324 63.43 54.27 -31.40
N PRO A 325 63.85 53.44 -32.35
CA PRO A 325 64.69 52.26 -32.10
C PRO A 325 65.98 52.49 -31.32
N LYS A 326 66.62 53.64 -31.57
CA LYS A 326 67.70 54.09 -30.71
C LYS A 326 67.47 53.66 -29.22
N ASP A 327 66.25 53.88 -28.69
CA ASP A 327 65.89 53.63 -27.28
C ASP A 327 65.85 52.15 -26.98
N VAL A 328 65.11 51.46 -27.83
CA VAL A 328 64.82 50.05 -27.69
C VAL A 328 66.10 49.31 -27.40
N ASN A 329 67.09 49.62 -28.22
CA ASN A 329 68.32 48.92 -28.13
C ASN A 329 68.90 48.94 -26.72
N ALA A 330 69.49 50.06 -26.30
CA ALA A 330 70.19 50.15 -25.01
C ALA A 330 69.30 49.73 -23.82
N ALA A 331 67.99 49.78 -24.03
CA ALA A 331 67.06 49.18 -23.11
C ALA A 331 67.27 47.65 -23.08
N ILE A 332 67.13 46.99 -24.22
CA ILE A 332 67.44 45.55 -24.31
C ILE A 332 68.80 45.26 -23.70
N ALA A 333 69.81 46.08 -24.01
CA ALA A 333 71.20 45.88 -23.56
C ALA A 333 71.30 45.55 -22.08
N THR A 334 70.57 46.30 -21.27
CA THR A 334 70.57 46.11 -19.82
C THR A 334 69.38 45.26 -19.32
N ILE A 335 68.72 44.58 -20.26
CA ILE A 335 67.94 43.40 -19.90
C ILE A 335 68.93 42.21 -19.80
N LYS A 336 70.01 42.29 -20.59
CA LYS A 336 71.02 41.23 -20.63
C LYS A 336 71.87 41.31 -19.39
N THR A 337 72.50 42.46 -19.17
CA THR A 337 73.47 42.65 -18.09
C THR A 337 72.82 42.78 -16.68
N LYS A 338 71.49 42.79 -16.63
CA LYS A 338 70.76 42.76 -15.34
C LYS A 338 70.00 41.43 -15.12
N ARG A 339 69.04 41.15 -15.99
CA ARG A 339 68.18 39.99 -15.82
C ARG A 339 68.71 38.67 -16.39
N THR A 340 67.82 37.67 -16.46
CA THR A 340 68.09 36.27 -16.90
C THR A 340 67.99 36.05 -18.44
N ILE A 341 69.19 36.16 -19.05
CA ILE A 341 69.51 35.82 -20.46
C ILE A 341 68.65 34.63 -20.94
N GLN A 342 69.10 33.41 -20.57
CA GLN A 342 68.31 32.17 -20.61
C GLN A 342 68.06 31.60 -22.02
N PHE A 343 69.11 31.49 -22.83
CA PHE A 343 68.87 31.03 -24.21
C PHE A 343 69.21 29.58 -24.46
N VAL A 344 68.59 29.02 -25.51
CA VAL A 344 68.78 27.62 -25.88
C VAL A 344 70.16 27.35 -26.50
N ASP A 345 70.53 26.08 -26.61
CA ASP A 345 71.85 25.66 -27.11
C ASP A 345 72.28 26.19 -28.52
N TRP A 346 71.29 26.41 -29.40
CA TRP A 346 71.57 26.47 -30.84
C TRP A 346 70.92 27.54 -31.72
N CYS A 347 70.29 28.55 -31.14
CA CYS A 347 69.66 29.57 -31.95
C CYS A 347 70.05 30.99 -31.50
N PRO A 348 70.49 31.84 -32.44
CA PRO A 348 71.13 33.13 -32.13
C PRO A 348 71.07 33.65 -30.65
N THR A 349 70.58 34.86 -30.43
CA THR A 349 70.06 35.25 -29.13
C THR A 349 68.96 36.24 -29.48
N GLY A 350 68.01 35.76 -30.29
CA GLY A 350 66.75 36.42 -30.64
C GLY A 350 66.59 37.93 -30.81
N PHE A 351 65.37 38.36 -30.55
CA PHE A 351 64.96 39.77 -30.65
C PHE A 351 64.86 40.31 -32.07
N LYS A 352 63.83 39.82 -32.78
CA LYS A 352 63.37 40.47 -34.00
C LYS A 352 62.37 41.49 -33.48
N VAL A 353 62.61 42.76 -33.78
CA VAL A 353 61.94 43.85 -33.09
C VAL A 353 61.00 44.55 -34.04
N GLY A 354 59.75 44.71 -33.61
CA GLY A 354 58.73 45.29 -34.46
C GLY A 354 58.19 46.62 -34.00
N ILE A 355 58.51 47.67 -34.74
CA ILE A 355 58.00 48.99 -34.46
C ILE A 355 56.76 49.29 -35.29
N ASN A 356 55.71 49.71 -34.60
CA ASN A 356 54.52 50.25 -35.24
C ASN A 356 54.12 51.57 -34.61
N TYR A 357 54.19 52.62 -35.41
CA TYR A 357 53.98 53.97 -34.93
C TYR A 357 52.57 54.29 -34.43
N GLN A 358 51.59 53.45 -34.77
CA GLN A 358 50.20 53.65 -34.39
C GLN A 358 49.95 53.54 -32.89
N PRO A 359 49.69 54.67 -32.26
CA PRO A 359 49.51 54.70 -30.82
C PRO A 359 48.32 53.84 -30.45
N PRO A 360 48.49 53.11 -29.38
CA PRO A 360 47.49 52.15 -28.93
C PRO A 360 46.22 52.76 -28.38
N THR A 361 45.07 52.33 -28.91
CA THR A 361 43.77 52.83 -28.44
C THR A 361 43.11 51.87 -27.49
N VAL A 362 42.38 52.43 -26.54
CA VAL A 362 41.70 51.60 -25.57
C VAL A 362 40.21 51.91 -25.66
N VAL A 363 39.43 50.95 -25.21
CA VAL A 363 37.97 51.02 -25.18
C VAL A 363 37.49 52.10 -24.23
N PRO A 364 36.59 52.94 -24.71
CA PRO A 364 36.38 54.29 -24.21
C PRO A 364 36.12 54.41 -22.70
N GLY A 365 35.07 53.77 -22.19
CA GLY A 365 34.78 53.76 -20.77
C GLY A 365 35.26 52.45 -20.19
N GLY A 366 36.37 51.94 -20.74
CA GLY A 366 36.99 50.68 -20.37
C GLY A 366 37.66 50.72 -19.01
N ASP A 367 38.74 49.97 -18.83
CA ASP A 367 39.36 49.84 -17.51
C ASP A 367 40.81 50.35 -17.43
N LEU A 368 41.49 50.27 -18.57
CA LEU A 368 42.90 50.63 -18.78
C LEU A 368 42.92 52.00 -19.41
N ALA A 369 44.08 52.64 -19.47
CA ALA A 369 44.11 54.01 -20.02
C ALA A 369 44.87 54.13 -21.34
N LYS A 370 44.63 55.25 -22.05
CA LYS A 370 45.37 55.60 -23.27
C LYS A 370 46.87 55.62 -22.98
N VAL A 371 47.62 54.69 -23.56
CA VAL A 371 49.05 54.75 -23.34
C VAL A 371 49.88 55.21 -24.51
N GLN A 372 50.98 55.90 -24.23
CA GLN A 372 51.84 56.45 -25.27
C GLN A 372 52.61 55.36 -26.04
N ARG A 373 53.16 54.39 -25.29
CA ARG A 373 53.95 53.31 -25.84
C ARG A 373 53.57 52.01 -25.13
N ALA A 374 53.45 50.91 -25.88
CA ALA A 374 53.14 49.59 -25.31
C ALA A 374 54.00 48.58 -26.00
N VAL A 375 54.31 47.50 -25.31
CA VAL A 375 55.21 46.46 -25.82
C VAL A 375 54.52 45.09 -25.81
N CYS A 376 55.04 44.14 -26.59
CA CYS A 376 54.32 42.88 -26.69
C CYS A 376 55.01 41.49 -26.67
N MET A 377 56.33 41.42 -26.77
CA MET A 377 57.09 40.18 -26.49
C MET A 377 56.39 38.83 -26.78
N LEU A 378 56.73 38.23 -27.91
CA LEU A 378 56.29 36.88 -28.21
C LEU A 378 57.46 35.92 -28.07
N SER A 379 57.45 35.16 -26.98
CA SER A 379 58.52 34.23 -26.67
C SER A 379 58.10 32.75 -26.84
N ASN A 380 58.95 31.97 -27.50
CA ASN A 380 58.73 30.53 -27.54
C ASN A 380 59.65 29.81 -26.55
N THR A 381 59.28 29.83 -25.28
CA THR A 381 60.10 29.22 -24.24
C THR A 381 59.59 27.84 -23.93
N THR A 382 60.49 27.02 -23.43
CA THR A 382 60.18 25.65 -23.07
C THR A 382 59.55 25.60 -21.70
N ALA A 383 59.28 26.75 -21.12
CA ALA A 383 58.66 26.77 -19.80
C ALA A 383 57.14 26.89 -19.96
N ILE A 384 56.67 27.06 -21.18
CA ILE A 384 55.23 27.05 -21.38
C ILE A 384 54.68 25.63 -21.33
N ALA A 385 55.57 24.65 -21.24
CA ALA A 385 55.15 23.27 -21.06
C ALA A 385 54.85 22.96 -19.60
N GLU A 386 54.98 23.96 -18.74
CA GLU A 386 54.57 23.87 -17.34
C GLU A 386 53.10 23.68 -17.25
N ALA A 387 52.36 24.41 -18.10
CA ALA A 387 50.91 24.35 -18.16
C ALA A 387 50.45 23.21 -19.04
N TRP A 388 51.36 22.65 -19.81
CA TRP A 388 51.01 21.45 -20.52
C TRP A 388 50.84 20.30 -19.54
N ALA A 389 51.57 20.34 -18.42
CA ALA A 389 51.47 19.31 -17.38
C ALA A 389 50.44 19.66 -16.33
N ARG A 390 50.42 20.91 -15.88
CA ARG A 390 49.44 21.33 -14.88
C ARG A 390 48.05 20.94 -15.34
N LEU A 391 47.88 20.85 -16.67
CA LEU A 391 46.70 20.26 -17.30
C LEU A 391 46.69 18.76 -17.17
N ASP A 392 47.42 18.09 -18.07
CA ASP A 392 47.68 16.62 -18.00
C ASP A 392 47.41 15.97 -16.64
N HIS A 393 48.05 16.49 -15.58
CA HIS A 393 47.93 15.89 -14.25
C HIS A 393 46.47 15.75 -13.88
N LYS A 394 45.67 16.80 -14.08
CA LYS A 394 44.23 16.72 -13.85
C LYS A 394 43.64 15.56 -14.65
N PHE A 395 43.81 15.64 -15.96
CA PHE A 395 43.37 14.58 -16.86
C PHE A 395 43.79 13.19 -16.36
N ASP A 396 45.05 13.03 -16.02
CA ASP A 396 45.55 11.75 -15.55
C ASP A 396 44.73 11.28 -14.38
N LEU A 397 44.61 12.15 -13.39
CA LEU A 397 44.15 11.80 -12.05
C LEU A 397 42.63 11.57 -12.06
N MET A 398 42.02 11.83 -13.20
CA MET A 398 40.63 11.53 -13.40
C MET A 398 40.49 10.26 -14.20
N TYR A 399 41.01 10.23 -15.41
CA TYR A 399 40.89 9.06 -16.27
C TYR A 399 41.25 7.77 -15.52
N ALA A 400 42.10 7.93 -14.53
CA ALA A 400 42.55 6.83 -13.68
C ALA A 400 41.38 6.11 -13.02
N LYS A 401 40.24 6.77 -12.97
CA LYS A 401 39.07 6.20 -12.34
C LYS A 401 37.92 6.11 -13.34
N ARG A 402 38.24 6.35 -14.61
CA ARG A 402 37.24 6.54 -15.66
C ARG A 402 36.39 7.77 -15.41
N ALA A 403 36.57 8.36 -14.24
CA ALA A 403 35.91 9.61 -13.84
C ALA A 403 34.68 9.97 -14.65
N PHE A 404 34.82 10.82 -15.66
CA PHE A 404 33.65 11.26 -16.37
C PHE A 404 33.48 10.66 -17.72
N VAL A 405 34.39 9.77 -18.08
CA VAL A 405 34.42 9.10 -19.38
C VAL A 405 33.06 8.75 -20.00
N HIS A 406 32.19 8.14 -19.21
CA HIS A 406 30.99 7.51 -19.73
C HIS A 406 30.10 8.46 -20.47
N TRP A 407 30.25 9.75 -20.21
CA TRP A 407 29.48 10.73 -20.98
C TRP A 407 29.91 10.74 -22.45
N TYR A 408 31.12 10.24 -22.67
CA TYR A 408 31.77 10.37 -23.96
C TYR A 408 31.50 9.13 -24.76
N VAL A 409 31.93 8.00 -24.23
CA VAL A 409 31.63 6.70 -24.81
C VAL A 409 30.16 6.76 -25.20
N GLY A 410 29.44 7.58 -24.42
CA GLY A 410 28.01 7.77 -24.54
C GLY A 410 27.67 8.36 -25.88
N GLU A 411 28.08 9.62 -26.09
CA GLU A 411 27.82 10.32 -27.35
C GLU A 411 28.41 9.65 -28.59
N GLY A 412 29.48 8.90 -28.43
CA GLY A 412 29.84 7.99 -29.49
C GLY A 412 31.29 7.64 -29.54
N MET A 413 32.06 8.15 -28.60
CA MET A 413 33.51 8.06 -28.70
C MET A 413 34.15 6.75 -28.30
N GLU A 414 35.47 6.68 -28.38
CA GLU A 414 36.18 5.48 -28.02
C GLU A 414 36.97 5.59 -26.72
N GLU A 415 36.66 4.72 -25.76
CA GLU A 415 37.49 4.52 -24.58
C GLU A 415 38.98 4.68 -24.90
N GLY A 416 39.42 4.09 -26.02
CA GLY A 416 40.81 4.11 -26.44
C GLY A 416 41.30 5.40 -27.08
N GLU A 417 40.38 6.26 -27.52
CA GLU A 417 40.74 7.55 -28.15
C GLU A 417 41.24 8.54 -27.09
N PHE A 418 40.82 8.28 -25.85
CA PHE A 418 41.30 8.98 -24.67
C PHE A 418 42.74 8.62 -24.37
N SER A 419 43.01 7.33 -24.14
CA SER A 419 44.35 6.74 -23.96
C SER A 419 45.37 7.41 -24.88
N GLU A 420 44.97 7.42 -26.15
CA GLU A 420 45.70 7.89 -27.33
C GLU A 420 46.01 9.38 -27.41
N ALA A 421 45.17 10.19 -26.79
CA ALA A 421 45.45 11.61 -26.73
C ALA A 421 46.42 11.93 -25.61
N ARG A 422 46.25 11.32 -24.44
CA ARG A 422 47.17 11.51 -23.32
C ARG A 422 48.52 11.09 -23.81
N GLU A 423 48.53 10.01 -24.57
CA GLU A 423 49.71 9.53 -25.25
C GLU A 423 50.45 10.67 -25.96
N ASP A 424 49.69 11.55 -26.63
CA ASP A 424 50.28 12.62 -27.46
C ASP A 424 50.94 13.67 -26.59
N MET A 425 50.23 14.08 -25.54
CA MET A 425 50.76 15.04 -24.60
C MET A 425 52.01 14.47 -23.97
N ALA A 426 51.93 13.24 -23.51
CA ALA A 426 53.08 12.58 -22.94
C ALA A 426 54.29 12.79 -23.87
N ALA A 427 54.11 12.48 -25.17
CA ALA A 427 55.19 12.58 -26.16
C ALA A 427 55.57 14.04 -26.42
N LEU A 428 54.60 14.95 -26.37
CA LEU A 428 54.88 16.37 -26.50
C LEU A 428 55.70 16.92 -25.33
N GLU A 429 55.12 16.86 -24.12
CA GLU A 429 55.81 17.16 -22.86
C GLU A 429 57.28 16.70 -22.87
N LYS A 430 57.52 15.67 -23.69
CA LYS A 430 58.85 15.07 -23.93
C LYS A 430 59.69 15.90 -24.91
N ASP A 431 59.10 16.31 -26.04
CA ASP A 431 59.80 17.12 -27.03
C ASP A 431 60.27 18.36 -26.31
N TYR A 432 59.34 18.94 -25.56
CA TYR A 432 59.55 20.18 -24.82
C TYR A 432 60.63 20.08 -23.77
N GLU A 433 60.78 18.91 -23.16
CA GLU A 433 61.92 18.68 -22.29
C GLU A 433 63.20 18.45 -23.11
N GLU A 434 63.01 17.81 -24.27
CA GLU A 434 64.10 17.41 -25.15
C GLU A 434 64.78 18.55 -25.89
N VAL A 435 64.41 19.78 -25.57
CA VAL A 435 65.03 20.93 -26.23
C VAL A 435 66.06 21.63 -25.33
N GLY A 436 66.13 21.27 -24.04
CA GLY A 436 67.12 21.81 -23.14
C GLY A 436 68.54 21.30 -23.39
N VAL A 437 69.51 22.21 -23.47
CA VAL A 437 70.99 21.96 -23.54
C VAL A 437 71.53 20.86 -24.49
N ASP A 438 72.70 20.29 -24.17
CA ASP A 438 73.32 19.19 -24.94
C ASP A 438 74.82 19.21 -24.74
N ARG B 2 16.51 25.40 -21.65
CA ARG B 2 15.84 25.94 -22.86
C ARG B 2 14.33 25.87 -22.72
N GLU B 3 13.85 24.92 -21.88
CA GLU B 3 12.41 24.63 -21.63
C GLU B 3 12.24 23.30 -20.92
N ILE B 4 11.50 23.27 -19.82
CA ILE B 4 11.32 22.03 -19.03
C ILE B 4 9.89 21.76 -18.54
N VAL B 5 9.41 20.51 -18.62
CA VAL B 5 8.08 20.15 -18.11
C VAL B 5 8.15 19.31 -16.89
N HIS B 6 7.03 19.28 -16.21
CA HIS B 6 7.02 18.80 -14.87
C HIS B 6 5.92 17.79 -14.62
N ILE B 7 6.31 16.63 -14.14
CA ILE B 7 5.37 15.60 -13.78
C ILE B 7 5.40 15.45 -12.26
N GLN B 8 4.22 15.41 -11.68
CA GLN B 8 4.06 15.50 -10.25
C GLN B 8 3.01 14.48 -9.83
N ALA B 9 3.44 13.30 -9.41
CA ALA B 9 2.52 12.18 -9.27
C ALA B 9 2.50 11.53 -7.89
N GLY B 10 1.32 11.36 -7.32
CA GLY B 10 1.18 10.71 -6.03
C GLY B 10 0.85 11.67 -4.91
N GLN B 11 0.11 11.21 -3.91
CA GLN B 11 -0.26 12.07 -2.77
C GLN B 11 0.95 12.81 -2.19
N CYS B 12 2.09 12.12 -2.07
CA CYS B 12 3.28 12.80 -1.55
C CYS B 12 3.88 13.65 -2.64
N GLY B 13 4.07 13.06 -3.81
CA GLY B 13 4.55 13.79 -4.96
C GLY B 13 3.76 15.05 -5.25
N ASN B 14 2.44 15.00 -5.06
CA ASN B 14 1.55 16.10 -5.46
C ASN B 14 1.53 17.23 -4.45
N GLN B 15 1.44 16.90 -3.18
CA GLN B 15 1.38 17.92 -2.17
C GLN B 15 2.72 18.63 -2.04
N ILE B 16 3.80 18.01 -2.55
CA ILE B 16 5.10 18.69 -2.69
C ILE B 16 5.02 19.65 -3.86
N GLY B 17 4.58 19.10 -4.99
CA GLY B 17 4.44 19.83 -6.22
C GLY B 17 3.67 21.09 -6.02
N ALA B 18 2.58 21.02 -5.26
CA ALA B 18 1.77 22.18 -4.98
C ALA B 18 2.62 23.25 -4.33
N LYS B 19 3.31 22.88 -3.25
CA LYS B 19 4.03 23.87 -2.46
C LYS B 19 5.14 24.43 -3.32
N PHE B 20 5.85 23.56 -4.04
CA PHE B 20 6.90 23.99 -4.95
C PHE B 20 6.34 25.09 -5.82
N TRP B 21 5.26 24.78 -6.53
CA TRP B 21 4.77 25.66 -7.58
C TRP B 21 4.38 27.04 -7.06
N GLU B 22 3.65 27.07 -5.96
CA GLU B 22 3.27 28.36 -5.42
C GLU B 22 4.45 29.16 -4.87
N VAL B 23 5.54 28.50 -4.46
CA VAL B 23 6.72 29.23 -3.99
C VAL B 23 7.50 29.86 -5.14
N ILE B 24 7.73 29.09 -6.20
CA ILE B 24 8.39 29.63 -7.38
C ILE B 24 7.45 30.57 -8.10
N SER B 25 6.16 30.30 -8.02
CA SER B 25 5.20 31.20 -8.62
C SER B 25 5.16 32.54 -7.91
N ASP B 26 5.58 32.55 -6.65
CA ASP B 26 5.72 33.80 -5.94
C ASP B 26 6.93 34.50 -6.51
N GLU B 27 8.06 33.80 -6.52
CA GLU B 27 9.31 34.42 -6.94
C GLU B 27 9.17 35.20 -8.25
N HIS B 28 8.46 34.63 -9.21
CA HIS B 28 8.23 35.31 -10.47
C HIS B 28 7.07 36.28 -10.34
N GLY B 29 6.19 36.02 -9.39
CA GLY B 29 5.07 36.88 -9.11
C GLY B 29 3.95 36.63 -10.07
N ILE B 30 3.13 35.64 -9.76
CA ILE B 30 1.95 35.34 -10.55
C ILE B 30 0.69 35.26 -9.70
N ASP B 31 -0.35 35.97 -10.15
CA ASP B 31 -1.66 35.92 -9.54
C ASP B 31 -2.10 34.47 -9.51
N PRO B 32 -2.86 34.09 -8.50
CA PRO B 32 -3.48 32.76 -8.46
C PRO B 32 -4.05 32.31 -9.81
N THR B 33 -4.38 33.27 -10.69
CA THR B 33 -4.70 32.98 -12.10
C THR B 33 -3.76 33.74 -13.01
N GLY B 34 -4.00 35.06 -13.08
CA GLY B 34 -3.44 35.90 -14.10
C GLY B 34 -1.93 35.91 -14.26
N SER B 35 -1.41 37.13 -14.43
CA SER B 35 -0.02 37.37 -14.82
C SER B 35 0.83 38.07 -13.77
N TYR B 36 1.80 38.82 -14.24
CA TYR B 36 2.80 39.39 -13.38
C TYR B 36 2.25 40.52 -12.50
N HIS B 37 2.60 40.47 -11.21
CA HIS B 37 2.39 41.60 -10.32
C HIS B 37 3.61 41.68 -9.39
N GLY B 38 4.51 42.63 -9.64
CA GLY B 38 5.73 42.84 -8.87
C GLY B 38 6.66 43.89 -9.46
N ASP B 39 7.33 44.64 -8.60
CA ASP B 39 8.19 45.74 -9.04
C ASP B 39 9.52 45.27 -9.65
N SER B 40 9.86 44.00 -9.43
CA SER B 40 11.02 43.37 -10.07
C SER B 40 10.73 43.20 -11.59
N ASP B 41 11.77 42.97 -12.40
CA ASP B 41 11.57 42.86 -13.83
C ASP B 41 12.25 41.66 -14.41
N LEU B 42 13.33 41.24 -13.75
CA LEU B 42 14.04 40.00 -14.09
C LEU B 42 13.01 38.89 -14.32
N GLN B 43 12.61 38.20 -13.24
CA GLN B 43 11.61 37.12 -13.26
C GLN B 43 11.37 36.52 -14.64
N LEU B 44 10.83 37.34 -15.53
CA LEU B 44 10.33 36.92 -16.84
C LEU B 44 11.31 36.50 -17.95
N GLU B 45 12.63 36.71 -17.76
CA GLU B 45 13.67 36.18 -18.70
C GLU B 45 13.61 34.66 -18.85
N ARG B 46 13.48 34.00 -17.72
CA ARG B 46 13.61 32.58 -17.70
C ARG B 46 12.31 31.96 -17.17
N ILE B 47 11.22 32.76 -17.22
CA ILE B 47 9.89 32.26 -16.86
C ILE B 47 9.40 31.38 -18.00
N ASN B 48 9.99 31.64 -19.15
CA ASN B 48 9.89 30.78 -20.31
C ASN B 48 10.00 29.30 -19.93
N VAL B 49 10.95 29.02 -19.04
CA VAL B 49 11.39 27.67 -18.80
C VAL B 49 10.41 26.83 -18.03
N TYR B 50 9.76 27.42 -17.03
CA TYR B 50 8.83 26.65 -16.21
C TYR B 50 7.36 26.98 -16.45
N TYR B 51 7.07 27.83 -17.43
CA TYR B 51 5.71 28.26 -17.65
C TYR B 51 5.40 28.36 -19.15
N ASN B 52 4.58 27.44 -19.66
CA ASN B 52 4.04 27.61 -21.00
C ASN B 52 2.89 28.61 -20.90
N GLU B 53 2.96 29.70 -21.64
CA GLU B 53 1.96 30.76 -21.51
C GLU B 53 0.80 30.71 -22.52
N ALA B 54 -0.43 30.99 -22.06
CA ALA B 54 -1.65 30.90 -22.88
C ALA B 54 -2.32 32.27 -23.10
N THR B 55 -3.46 32.28 -23.79
CA THR B 55 -4.10 33.52 -24.28
C THR B 55 -4.66 34.46 -23.19
N GLY B 56 -5.03 35.68 -23.57
CA GLY B 56 -5.38 36.71 -22.61
C GLY B 56 -4.08 37.25 -22.05
N ASN B 57 -3.98 37.42 -20.73
CA ASN B 57 -2.71 37.74 -20.06
C ASN B 57 -2.01 36.42 -19.80
N LYS B 58 -2.30 35.83 -18.64
CA LYS B 58 -2.12 34.39 -18.32
C LYS B 58 -0.73 33.77 -18.41
N TYR B 59 -0.47 32.77 -17.57
CA TYR B 59 0.84 32.16 -17.56
C TYR B 59 0.96 30.64 -17.43
N VAL B 60 0.01 29.99 -16.77
CA VAL B 60 -0.06 28.50 -16.61
C VAL B 60 1.23 27.65 -16.68
N PRO B 61 1.59 27.03 -15.54
CA PRO B 61 2.71 26.08 -15.47
C PRO B 61 2.68 24.98 -16.52
N ARG B 62 3.85 24.40 -16.74
CA ARG B 62 3.96 23.22 -17.57
C ARG B 62 3.92 22.08 -16.59
N ALA B 63 2.72 21.73 -16.17
CA ALA B 63 2.54 20.74 -15.13
C ALA B 63 1.55 19.61 -15.49
N ILE B 64 1.87 18.39 -15.06
CA ILE B 64 0.99 17.25 -15.21
C ILE B 64 0.86 16.69 -13.85
N LEU B 65 -0.36 16.38 -13.45
CA LEU B 65 -0.56 15.85 -12.12
C LEU B 65 -1.22 14.50 -12.21
N VAL B 66 -0.50 13.48 -11.77
CA VAL B 66 -1.03 12.15 -11.85
C VAL B 66 -1.37 11.66 -10.47
N ASP B 67 -2.51 11.00 -10.35
CA ASP B 67 -2.85 10.25 -9.16
C ASP B 67 -3.81 9.12 -9.54
N LEU B 68 -3.84 8.06 -8.74
CA LEU B 68 -4.76 6.96 -9.01
C LEU B 68 -6.04 7.03 -8.15
N GLU B 69 -6.40 8.26 -7.78
CA GLU B 69 -7.67 8.55 -7.12
C GLU B 69 -7.88 10.05 -6.95
N PRO B 70 -9.11 10.49 -7.18
CA PRO B 70 -9.50 11.90 -7.08
C PRO B 70 -8.93 12.58 -5.87
N GLY B 71 -9.33 12.13 -4.68
CA GLY B 71 -8.97 12.73 -3.40
C GLY B 71 -7.97 13.89 -3.30
N THR B 72 -6.72 13.63 -3.64
CA THR B 72 -5.65 14.58 -3.38
C THR B 72 -5.44 15.56 -4.52
N MET B 73 -6.21 15.41 -5.59
CA MET B 73 -6.09 16.35 -6.71
C MET B 73 -7.03 17.53 -6.51
N ASP B 74 -8.20 17.24 -5.93
CA ASP B 74 -9.18 18.26 -5.59
C ASP B 74 -8.78 18.94 -4.28
N SER B 75 -7.58 18.62 -3.81
CA SER B 75 -6.98 19.28 -2.67
C SER B 75 -6.19 20.49 -3.16
N VAL B 76 -5.35 20.25 -4.15
CA VAL B 76 -4.70 21.31 -4.86
C VAL B 76 -5.76 22.27 -5.40
N ARG B 77 -6.65 21.77 -6.27
CA ARG B 77 -7.61 22.66 -6.93
C ARG B 77 -8.47 23.44 -5.93
N SER B 78 -8.54 22.96 -4.68
CA SER B 78 -9.37 23.61 -3.65
C SER B 78 -8.57 24.42 -2.64
N GLY B 79 -7.26 24.43 -2.78
CA GLY B 79 -6.43 24.98 -1.74
C GLY B 79 -5.83 26.35 -2.02
N PRO B 80 -4.50 26.37 -2.26
CA PRO B 80 -3.69 27.61 -2.20
C PRO B 80 -3.66 28.37 -3.52
N PHE B 81 -2.73 27.99 -4.38
CA PHE B 81 -2.74 28.36 -5.78
C PHE B 81 -3.51 27.30 -6.57
N GLY B 82 -4.83 27.34 -6.43
CA GLY B 82 -5.68 26.26 -6.84
C GLY B 82 -5.80 26.17 -8.34
N GLN B 83 -6.74 26.93 -8.89
CA GLN B 83 -7.07 26.85 -10.30
C GLN B 83 -5.98 27.54 -11.14
N ILE B 84 -4.72 27.27 -10.82
CA ILE B 84 -3.60 27.75 -11.64
C ILE B 84 -3.17 26.80 -12.78
N PHE B 85 -3.31 25.50 -12.58
CA PHE B 85 -2.90 24.50 -13.57
C PHE B 85 -4.00 24.23 -14.57
N ARG B 86 -3.65 24.09 -15.84
CA ARG B 86 -4.66 23.90 -16.88
C ARG B 86 -5.59 22.70 -16.55
N PRO B 87 -6.91 22.95 -16.55
CA PRO B 87 -7.91 21.94 -16.19
C PRO B 87 -7.56 20.50 -16.62
N ASP B 88 -7.47 20.22 -17.92
CA ASP B 88 -7.15 18.86 -18.36
C ASP B 88 -5.66 18.67 -18.51
N ASN B 89 -4.96 18.96 -17.43
CA ASN B 89 -3.60 18.51 -17.23
C ASN B 89 -3.64 17.61 -16.01
N PHE B 90 -4.83 17.47 -15.45
CA PHE B 90 -5.05 16.56 -14.34
C PHE B 90 -5.36 15.15 -14.87
N VAL B 91 -4.55 14.17 -14.49
CA VAL B 91 -4.85 12.80 -14.88
C VAL B 91 -5.37 12.06 -13.67
N PHE B 92 -6.69 11.83 -13.65
CA PHE B 92 -7.41 11.21 -12.53
C PHE B 92 -7.20 9.72 -12.37
N GLY B 93 -7.59 9.19 -11.23
CA GLY B 93 -7.31 7.81 -10.95
C GLY B 93 -8.54 6.98 -10.84
N GLN B 94 -9.48 7.41 -10.00
CA GLN B 94 -10.69 6.66 -9.68
C GLN B 94 -10.40 5.43 -8.82
N SER B 95 -9.52 4.56 -9.30
CA SER B 95 -9.30 3.22 -8.73
C SER B 95 -8.60 3.28 -7.37
N GLY B 96 -8.05 2.16 -6.94
CA GLY B 96 -7.22 2.13 -5.75
C GLY B 96 -5.84 2.60 -6.12
N ALA B 97 -5.05 2.82 -5.09
CA ALA B 97 -3.62 3.13 -5.18
C ALA B 97 -2.90 2.00 -4.49
N GLY B 98 -3.43 1.65 -3.31
CA GLY B 98 -3.04 0.48 -2.56
C GLY B 98 -1.91 0.68 -1.56
N ASN B 99 -1.13 1.74 -1.77
CA ASN B 99 0.18 1.86 -1.12
C ASN B 99 0.99 0.63 -1.47
N ASN B 100 0.92 0.25 -2.76
CA ASN B 100 1.53 -0.96 -3.28
C ASN B 100 2.17 -0.76 -4.66
N TRP B 101 3.45 -1.05 -4.78
CA TRP B 101 4.20 -0.72 -5.99
C TRP B 101 3.62 -1.34 -7.23
N ALA B 102 3.18 -2.58 -7.11
CA ALA B 102 2.77 -3.30 -8.29
C ALA B 102 1.55 -2.68 -8.90
N LYS B 103 0.52 -2.47 -8.10
CA LYS B 103 -0.70 -1.89 -8.63
C LYS B 103 -0.36 -0.63 -9.47
N GLY B 104 0.54 0.19 -8.95
CA GLY B 104 0.96 1.40 -9.63
C GLY B 104 1.93 1.21 -10.78
N HIS B 105 2.71 0.15 -10.79
CA HIS B 105 3.64 -0.09 -11.90
C HIS B 105 3.13 -1.13 -12.94
N TYR B 106 2.16 -1.94 -12.54
CA TYR B 106 1.66 -2.95 -13.44
C TYR B 106 0.18 -2.80 -13.73
N THR B 107 -0.69 -3.15 -12.79
CA THR B 107 -2.12 -3.33 -13.10
C THR B 107 -2.89 -2.04 -13.24
N GLU B 108 -3.17 -1.36 -12.13
CA GLU B 108 -4.00 -0.14 -12.17
C GLU B 108 -3.23 1.03 -12.75
N GLY B 109 -1.91 0.92 -12.75
CA GLY B 109 -1.05 1.96 -13.29
C GLY B 109 -1.14 1.96 -14.78
N ALA B 110 -0.61 0.91 -15.40
CA ALA B 110 -0.58 0.82 -16.86
C ALA B 110 -1.97 1.05 -17.46
N GLU B 111 -2.99 0.82 -16.66
CA GLU B 111 -4.39 1.07 -17.02
C GLU B 111 -4.58 2.52 -17.40
N LEU B 112 -3.85 3.40 -16.70
CA LEU B 112 -3.82 4.82 -17.01
C LEU B 112 -2.65 5.10 -17.92
N VAL B 113 -1.57 5.66 -17.37
CA VAL B 113 -0.28 5.78 -18.04
C VAL B 113 -0.40 6.41 -19.41
N ASP B 114 -1.01 5.68 -20.33
CA ASP B 114 -1.17 6.09 -21.72
C ASP B 114 -1.88 7.45 -21.82
N SER B 115 -2.75 7.75 -20.84
CA SER B 115 -3.44 9.02 -20.81
C SER B 115 -2.53 10.11 -20.30
N VAL B 116 -1.64 9.75 -19.40
CA VAL B 116 -0.62 10.65 -18.91
C VAL B 116 0.33 10.95 -20.07
N LEU B 117 1.03 9.93 -20.57
CA LEU B 117 1.83 10.08 -21.77
C LEU B 117 1.18 11.02 -22.78
N ASP B 118 -0.15 11.02 -22.81
CA ASP B 118 -0.91 11.82 -23.76
C ASP B 118 -0.88 13.32 -23.46
N VAL B 119 -0.74 13.69 -22.19
CA VAL B 119 -0.62 15.11 -21.81
C VAL B 119 0.80 15.55 -21.99
N VAL B 120 1.71 14.73 -21.51
CA VAL B 120 3.12 15.04 -21.64
C VAL B 120 3.50 15.20 -23.10
N ARG B 121 3.09 14.24 -23.93
CA ARG B 121 3.40 14.28 -25.35
C ARG B 121 2.96 15.61 -25.95
N LYS B 122 1.87 16.19 -25.46
CA LYS B 122 1.33 17.42 -26.05
C LYS B 122 1.75 18.71 -25.33
N GLU B 123 2.43 18.59 -24.18
CA GLU B 123 3.06 19.75 -23.60
C GLU B 123 4.47 19.82 -24.13
N SER B 124 5.11 18.66 -24.21
CA SER B 124 6.49 18.57 -24.65
C SER B 124 6.63 18.77 -26.15
N GLU B 125 5.68 18.25 -26.89
CA GLU B 125 5.68 18.46 -28.32
C GLU B 125 5.32 19.94 -28.63
N SER B 126 4.66 20.60 -27.68
CA SER B 126 4.24 22.00 -27.84
C SER B 126 5.44 22.89 -27.60
N CYS B 127 6.01 22.69 -26.42
CA CYS B 127 7.32 23.15 -26.04
C CYS B 127 8.32 23.23 -27.18
N ASP B 128 8.80 24.45 -27.46
CA ASP B 128 9.62 24.76 -28.64
C ASP B 128 11.04 24.15 -28.65
N CYS B 129 11.68 24.05 -27.49
CA CYS B 129 12.93 23.29 -27.36
C CYS B 129 12.99 22.59 -25.99
N LEU B 130 12.19 21.53 -25.84
CA LEU B 130 12.10 20.84 -24.55
C LEU B 130 13.42 20.29 -24.13
N GLN B 131 13.89 20.76 -22.99
CA GLN B 131 15.20 20.37 -22.53
C GLN B 131 15.18 19.13 -21.65
N GLY B 132 14.14 18.96 -20.84
CA GLY B 132 14.00 17.78 -20.00
C GLY B 132 12.79 17.81 -19.11
N PHE B 133 12.50 16.70 -18.46
CA PHE B 133 11.44 16.74 -17.49
C PHE B 133 12.02 16.53 -16.11
N GLN B 134 11.29 17.00 -15.11
CA GLN B 134 11.57 16.70 -13.72
C GLN B 134 10.31 16.12 -13.11
N LEU B 135 10.45 15.25 -12.11
CA LEU B 135 9.30 14.58 -11.50
C LEU B 135 9.41 14.61 -9.98
N THR B 136 8.30 14.73 -9.25
CA THR B 136 8.33 14.65 -7.78
C THR B 136 7.43 13.51 -7.31
N HIS B 137 7.81 12.82 -6.22
CA HIS B 137 7.05 11.67 -5.74
C HIS B 137 7.65 10.90 -4.57
N SER B 138 6.80 10.17 -3.83
CA SER B 138 7.21 9.22 -2.77
C SER B 138 7.83 7.93 -3.31
N LEU B 139 8.57 7.22 -2.47
CA LEU B 139 9.24 6.01 -2.94
C LEU B 139 8.75 4.79 -2.20
N GLY B 140 7.99 5.04 -1.14
CA GLY B 140 7.30 3.98 -0.41
C GLY B 140 5.81 4.20 -0.52
N GLY B 141 5.20 3.51 -1.48
CA GLY B 141 3.81 3.78 -1.80
C GLY B 141 3.67 3.95 -3.27
N GLY B 142 2.63 3.32 -3.81
CA GLY B 142 2.53 2.95 -5.21
C GLY B 142 2.28 3.99 -6.28
N THR B 143 1.24 4.79 -6.12
CA THR B 143 0.86 5.68 -7.20
C THR B 143 2.03 6.57 -7.65
N GLY B 144 2.89 6.98 -6.71
CA GLY B 144 4.09 7.75 -6.98
C GLY B 144 5.26 6.86 -7.38
N SER B 145 5.79 6.11 -6.43
CA SER B 145 6.98 5.30 -6.69
C SER B 145 6.81 4.29 -7.81
N GLY B 146 5.62 3.72 -7.95
CA GLY B 146 5.33 2.69 -8.94
C GLY B 146 4.83 3.16 -10.31
N MET B 147 3.95 4.16 -10.32
CA MET B 147 3.50 4.78 -11.56
C MET B 147 4.61 5.60 -12.17
N GLY B 148 5.24 6.39 -11.33
CA GLY B 148 6.31 7.27 -11.74
C GLY B 148 7.48 6.50 -12.31
N THR B 149 7.91 5.46 -11.61
CA THR B 149 9.01 4.66 -12.11
C THR B 149 8.61 4.07 -13.42
N LEU B 150 7.32 3.80 -13.56
CA LEU B 150 6.79 3.37 -14.86
C LEU B 150 6.82 4.54 -15.85
N LEU B 151 6.25 5.68 -15.43
CA LEU B 151 6.22 6.87 -16.25
C LEU B 151 7.58 7.12 -16.86
N ILE B 152 8.59 7.28 -16.00
CA ILE B 152 9.95 7.55 -16.45
C ILE B 152 10.46 6.49 -17.41
N SER B 153 10.07 5.22 -17.23
CA SER B 153 10.49 4.17 -18.18
C SER B 153 9.84 4.39 -19.52
N LYS B 154 8.60 4.85 -19.49
CA LYS B 154 7.87 5.06 -20.73
C LYS B 154 8.19 6.44 -21.28
N ILE B 155 8.64 7.33 -20.40
CA ILE B 155 9.07 8.68 -20.77
C ILE B 155 10.36 8.67 -21.59
N ARG B 156 11.38 7.90 -21.14
CA ARG B 156 12.53 7.56 -21.96
C ARG B 156 11.95 6.66 -23.00
N GLU B 157 12.77 6.15 -23.91
CA GLU B 157 12.20 5.36 -25.01
C GLU B 157 11.38 6.24 -25.96
N GLU B 158 10.55 7.11 -25.40
CA GLU B 158 9.80 8.11 -26.16
C GLU B 158 10.69 9.32 -26.37
N TYR B 159 11.45 9.62 -25.32
CA TYR B 159 12.41 10.69 -25.28
C TYR B 159 13.65 10.08 -24.66
N PRO B 160 14.53 9.52 -25.47
CA PRO B 160 15.79 8.99 -24.96
C PRO B 160 16.65 10.22 -24.68
N ASP B 161 17.30 10.73 -25.73
CA ASP B 161 17.33 12.15 -26.05
C ASP B 161 17.48 13.21 -24.98
N ARG B 162 16.40 13.36 -24.21
CA ARG B 162 16.24 14.41 -23.23
C ARG B 162 16.51 13.88 -21.84
N ILE B 163 16.91 14.77 -20.94
CA ILE B 163 17.34 14.31 -19.62
C ILE B 163 16.26 14.32 -18.55
N MET B 164 16.28 13.25 -17.76
CA MET B 164 15.31 12.96 -16.71
C MET B 164 15.83 13.34 -15.29
N ASN B 165 14.98 13.40 -14.28
CA ASN B 165 15.35 14.13 -13.08
C ASN B 165 14.30 14.07 -12.01
N THR B 166 14.65 13.64 -10.82
CA THR B 166 13.60 13.54 -9.84
C THR B 166 13.95 13.97 -8.45
N PHE B 167 12.94 14.51 -7.78
CA PHE B 167 12.94 14.64 -6.33
C PHE B 167 12.07 13.53 -5.83
N SER B 168 12.73 12.55 -5.23
CA SER B 168 12.10 11.37 -4.69
C SER B 168 12.23 11.38 -3.16
N VAL B 169 11.24 10.88 -2.45
CA VAL B 169 11.23 11.00 -1.02
C VAL B 169 11.38 9.61 -0.44
N MET B 170 12.57 9.32 0.07
CA MET B 170 12.86 8.01 0.64
C MET B 170 12.28 7.84 2.01
N PRO B 171 11.51 6.80 2.21
CA PRO B 171 10.65 6.74 3.39
C PRO B 171 11.39 6.20 4.56
N SER B 172 10.91 6.60 5.73
CA SER B 172 11.51 6.15 6.96
C SER B 172 10.56 5.21 7.74
N PRO B 173 11.15 4.26 8.49
CA PRO B 173 10.42 3.45 9.48
C PRO B 173 9.75 4.32 10.57
N LYS B 174 10.37 5.43 10.97
CA LYS B 174 9.70 6.42 11.82
C LYS B 174 9.08 7.55 10.96
N VAL B 175 7.82 7.85 11.26
CA VAL B 175 6.97 8.76 10.46
C VAL B 175 6.70 8.26 9.02
N SER B 176 5.80 7.27 9.01
CA SER B 176 5.26 6.61 7.82
C SER B 176 3.96 5.82 8.16
N ASP B 177 3.27 5.39 7.10
CA ASP B 177 1.90 4.87 7.14
C ASP B 177 1.80 3.33 6.95
N THR B 178 2.65 2.82 6.06
CA THR B 178 2.62 1.42 5.60
C THR B 178 3.80 0.59 6.04
N VAL B 179 3.48 -0.56 6.60
CA VAL B 179 4.45 -1.56 6.94
C VAL B 179 5.39 -1.83 5.77
N VAL B 180 4.85 -1.82 4.56
CA VAL B 180 5.56 -2.34 3.37
C VAL B 180 6.62 -1.46 2.71
N GLU B 181 6.66 -0.16 2.99
CA GLU B 181 7.45 0.81 2.18
C GLU B 181 8.85 0.40 1.70
N PRO B 182 9.68 -0.17 2.59
CA PRO B 182 10.92 -0.81 2.16
C PRO B 182 10.77 -1.59 0.81
N TYR B 183 9.76 -2.46 0.68
CA TYR B 183 9.48 -3.23 -0.56
C TYR B 183 9.25 -2.26 -1.69
N ASN B 184 8.33 -1.32 -1.49
CA ASN B 184 8.09 -0.28 -2.47
C ASN B 184 9.36 0.47 -2.91
N ALA B 185 10.17 0.91 -1.97
CA ALA B 185 11.34 1.70 -2.29
C ALA B 185 12.34 0.90 -3.09
N THR B 186 12.72 -0.25 -2.56
CA THR B 186 13.74 -1.07 -3.16
C THR B 186 13.41 -1.35 -4.61
N LEU B 187 12.12 -1.36 -4.93
CA LEU B 187 11.65 -1.69 -6.28
C LEU B 187 11.82 -0.56 -7.30
N SER B 188 11.75 0.67 -6.77
CA SER B 188 11.86 1.89 -7.55
C SER B 188 13.31 2.35 -7.58
N VAL B 189 14.04 2.16 -6.47
CA VAL B 189 15.46 2.47 -6.38
C VAL B 189 16.18 1.81 -7.55
N HIS B 190 15.94 0.51 -7.70
CA HIS B 190 16.31 -0.25 -8.90
C HIS B 190 15.93 0.60 -10.12
N GLN B 191 14.64 0.86 -10.29
CA GLN B 191 14.13 1.53 -11.50
C GLN B 191 14.90 2.81 -11.79
N LEU B 192 14.96 3.69 -10.78
CA LEU B 192 15.59 5.01 -10.89
C LEU B 192 17.02 4.90 -11.36
N VAL B 193 17.81 4.10 -10.64
CA VAL B 193 19.22 3.95 -10.90
C VAL B 193 19.55 3.53 -12.32
N GLU B 194 18.54 3.27 -13.14
CA GLU B 194 18.81 2.97 -14.54
C GLU B 194 18.12 3.88 -15.56
N ASN B 195 17.15 4.68 -15.08
CA ASN B 195 16.35 5.57 -15.96
C ASN B 195 16.35 7.12 -15.69
N THR B 196 16.95 7.56 -14.57
CA THR B 196 17.09 8.99 -14.27
C THR B 196 18.52 9.47 -14.47
N ASP B 197 18.72 10.78 -14.53
CA ASP B 197 20.05 11.34 -14.81
C ASP B 197 20.60 12.02 -13.61
N GLU B 198 19.68 12.54 -12.76
CA GLU B 198 19.93 13.02 -11.39
C GLU B 198 18.70 12.71 -10.51
N THR B 199 18.91 12.39 -9.24
CA THR B 199 17.82 12.12 -8.32
C THR B 199 18.09 12.69 -6.94
N TYR B 200 17.40 13.79 -6.60
CA TYR B 200 17.50 14.37 -5.27
C TYR B 200 16.90 13.46 -4.21
N SER B 201 17.74 12.94 -3.34
CA SER B 201 17.32 12.05 -2.28
C SER B 201 16.81 12.91 -1.15
N ILE B 202 15.71 12.51 -0.55
CA ILE B 202 15.13 13.30 0.52
C ILE B 202 14.51 12.36 1.53
N ASP B 203 15.17 12.24 2.65
CA ASP B 203 14.68 11.42 3.71
C ASP B 203 13.62 12.15 4.49
N ASN B 204 12.56 11.44 4.87
CA ASN B 204 11.60 12.01 5.81
C ASN B 204 12.18 11.88 7.18
N GLU B 205 13.12 10.94 7.36
CA GLU B 205 13.92 10.79 8.61
C GLU B 205 14.67 12.10 8.86
N ALA B 206 15.20 12.67 7.80
CA ALA B 206 15.82 13.97 7.88
C ALA B 206 14.74 15.01 8.14
N LEU B 207 13.83 15.12 7.17
CA LEU B 207 12.86 16.19 7.15
C LEU B 207 12.33 16.37 8.54
N TYR B 208 11.90 15.26 9.14
CA TYR B 208 11.34 15.29 10.49
C TYR B 208 12.38 15.72 11.50
N ASP B 209 13.61 15.23 11.32
CA ASP B 209 14.65 15.46 12.32
C ASP B 209 15.02 16.94 12.35
N ILE B 210 15.09 17.53 11.15
CA ILE B 210 15.31 18.96 10.97
C ILE B 210 14.27 19.83 11.72
N CYS B 211 13.17 19.22 12.17
CA CYS B 211 12.09 19.93 12.84
C CYS B 211 12.07 19.78 14.35
N PHE B 212 12.62 18.69 14.85
CA PHE B 212 12.57 18.44 16.27
C PHE B 212 13.91 18.62 17.01
N ARG B 213 15.03 18.36 16.32
CA ARG B 213 16.36 18.72 16.91
C ARG B 213 16.74 20.19 16.57
N THR B 214 16.16 20.69 15.47
CA THR B 214 16.53 21.98 14.86
C THR B 214 15.39 23.03 14.75
N LEU B 215 14.23 22.82 15.39
CA LEU B 215 13.12 23.79 15.24
C LEU B 215 12.05 24.00 16.35
N LYS B 216 12.14 23.28 17.47
CA LYS B 216 11.13 23.36 18.54
C LYS B 216 9.72 23.39 17.94
N LEU B 217 9.43 22.36 17.13
CA LEU B 217 8.12 22.12 16.53
C LEU B 217 7.57 20.72 16.90
N THR B 218 6.81 20.65 18.00
CA THR B 218 6.30 19.40 18.59
C THR B 218 5.64 18.42 17.61
N THR B 219 4.47 18.79 17.09
CA THR B 219 3.66 17.93 16.23
C THR B 219 3.91 18.22 14.76
N PRO B 220 4.93 17.61 14.16
CA PRO B 220 5.30 17.95 12.78
C PRO B 220 4.32 17.34 11.77
N THR B 221 3.66 18.22 11.00
CA THR B 221 2.64 17.82 10.02
C THR B 221 3.31 17.17 8.87
N TYR B 222 2.51 16.87 7.86
CA TYR B 222 3.03 16.78 6.52
C TYR B 222 3.09 18.19 5.91
N GLY B 223 2.64 19.16 6.68
CA GLY B 223 2.68 20.54 6.25
C GLY B 223 4.08 21.06 6.44
N ASP B 224 4.33 21.65 7.61
CA ASP B 224 5.66 22.14 7.97
C ASP B 224 6.67 20.98 7.94
N LEU B 225 7.18 20.64 6.76
CA LEU B 225 7.98 19.44 6.55
C LEU B 225 8.00 19.28 5.08
N ASN B 226 6.84 19.48 4.46
CA ASN B 226 6.83 19.74 3.04
C ASN B 226 7.54 21.06 2.84
N HIS B 227 7.20 22.03 3.70
CA HIS B 227 7.72 23.39 3.63
C HIS B 227 9.22 23.41 3.29
N LEU B 228 9.96 22.44 3.83
CA LEU B 228 11.40 22.37 3.63
C LEU B 228 11.71 21.98 2.21
N VAL B 229 11.04 20.93 1.73
CA VAL B 229 11.28 20.41 0.39
C VAL B 229 10.89 21.44 -0.63
N SER B 230 9.77 22.10 -0.36
CA SER B 230 9.29 23.19 -1.16
C SER B 230 10.42 24.15 -1.38
N ALA B 231 11.05 24.57 -0.28
CA ALA B 231 12.15 25.54 -0.31
C ALA B 231 13.40 25.00 -1.02
N THR B 232 13.77 23.76 -0.66
CA THR B 232 14.99 23.15 -1.13
C THR B 232 14.86 22.94 -2.63
N MET B 233 13.64 22.72 -3.07
CA MET B 233 13.38 22.61 -4.49
C MET B 233 13.46 23.93 -5.25
N SER B 234 13.08 25.03 -4.61
CA SER B 234 13.27 26.31 -5.25
C SER B 234 14.76 26.56 -5.39
N GLY B 235 15.48 26.34 -4.28
CA GLY B 235 16.92 26.44 -4.28
C GLY B 235 17.53 25.79 -5.51
N VAL B 236 17.34 24.48 -5.63
CA VAL B 236 17.99 23.75 -6.68
C VAL B 236 17.73 24.31 -8.06
N THR B 237 16.50 24.71 -8.31
CA THR B 237 16.08 25.14 -9.64
C THR B 237 16.61 26.49 -10.11
N THR B 238 16.60 27.46 -9.19
CA THR B 238 16.85 28.87 -9.48
C THR B 238 17.62 29.17 -10.76
N CYS B 239 18.79 28.57 -10.91
CA CYS B 239 19.68 29.04 -11.94
C CYS B 239 19.38 28.54 -13.31
N LEU B 240 18.41 27.63 -13.43
CA LEU B 240 17.86 27.37 -14.76
C LEU B 240 16.73 28.34 -15.00
N ARG B 241 16.24 28.96 -13.93
CA ARG B 241 15.08 29.86 -14.01
C ARG B 241 15.22 31.36 -13.65
N PHE B 242 16.44 31.93 -13.72
CA PHE B 242 16.66 33.31 -13.22
C PHE B 242 17.70 34.30 -13.84
N PRO B 243 19.01 34.14 -13.56
CA PRO B 243 19.95 35.25 -13.73
C PRO B 243 20.38 35.23 -15.17
N GLY B 244 21.56 34.65 -15.39
CA GLY B 244 22.29 34.64 -16.64
C GLY B 244 23.78 34.77 -16.33
N GLN B 245 24.13 34.61 -15.04
CA GLN B 245 25.53 34.47 -14.58
C GLN B 245 26.03 32.98 -14.68
N LEU B 246 25.08 32.02 -14.77
CA LEU B 246 25.38 30.65 -15.12
C LEU B 246 25.03 30.49 -16.60
N ASN B 247 24.50 29.35 -16.96
CA ASN B 247 23.44 29.26 -17.99
C ASN B 247 22.84 27.83 -18.17
N ALA B 248 23.50 26.87 -17.51
CA ALA B 248 22.83 25.77 -16.86
C ALA B 248 21.94 24.92 -17.75
N ASP B 249 22.56 24.28 -18.72
CA ASP B 249 21.82 23.47 -19.69
C ASP B 249 20.91 22.35 -19.22
N LEU B 250 21.00 22.01 -17.94
CA LEU B 250 20.38 20.82 -17.36
C LEU B 250 21.15 19.57 -17.75
N ARG B 251 21.49 19.48 -19.02
CA ARG B 251 22.43 18.48 -19.43
C ARG B 251 23.83 18.84 -18.93
N LYS B 252 24.32 20.03 -19.28
CA LYS B 252 25.62 20.52 -18.84
C LYS B 252 25.61 20.24 -17.38
N LEU B 253 24.60 20.78 -16.71
CA LEU B 253 24.41 20.60 -15.28
C LEU B 253 24.61 19.16 -14.78
N ALA B 254 24.12 18.17 -15.53
CA ALA B 254 24.30 16.76 -15.17
C ALA B 254 25.69 16.25 -15.48
N VAL B 255 26.13 16.35 -16.73
CA VAL B 255 27.51 16.00 -17.08
C VAL B 255 28.57 16.48 -16.05
N ASN B 256 28.34 17.60 -15.40
CA ASN B 256 29.34 18.16 -14.49
C ASN B 256 29.12 17.78 -13.04
N MET B 257 28.08 16.97 -12.83
CA MET B 257 27.63 16.50 -11.52
C MET B 257 27.74 14.99 -11.33
N VAL B 258 27.77 14.23 -12.42
CA VAL B 258 27.88 12.79 -12.34
C VAL B 258 29.08 12.18 -13.04
N PRO B 259 29.94 11.60 -12.24
CA PRO B 259 31.13 10.92 -12.74
C PRO B 259 30.76 9.58 -13.38
N PHE B 260 29.97 8.82 -12.67
CA PHE B 260 29.68 7.45 -13.01
C PHE B 260 28.18 7.25 -13.14
N PRO B 261 27.75 6.55 -14.19
CA PRO B 261 26.42 6.74 -14.77
C PRO B 261 25.32 6.27 -13.86
N ARG B 262 25.62 5.30 -12.99
CA ARG B 262 24.71 4.89 -11.94
C ARG B 262 24.78 6.02 -10.94
N LEU B 263 24.72 5.76 -9.66
CA LEU B 263 25.13 6.75 -8.66
C LEU B 263 24.99 8.29 -8.97
N HIS B 264 23.77 8.72 -9.29
CA HIS B 264 23.46 10.14 -9.40
C HIS B 264 22.63 10.62 -8.20
N PHE B 265 23.11 10.36 -7.00
CA PHE B 265 22.22 10.47 -5.88
C PHE B 265 22.64 11.60 -4.99
N PHE B 266 22.20 12.78 -5.41
CA PHE B 266 22.52 13.97 -4.70
C PHE B 266 21.69 14.06 -3.43
N MET B 267 22.32 14.08 -2.26
CA MET B 267 21.64 14.53 -1.05
C MET B 267 21.77 16.04 -1.01
N PRO B 268 20.65 16.76 -0.87
CA PRO B 268 20.64 18.22 -0.76
C PRO B 268 20.73 18.74 0.68
N GLY B 269 20.54 20.05 0.82
CA GLY B 269 20.57 20.72 2.11
C GLY B 269 20.17 22.16 1.96
N PHE B 270 19.97 22.83 3.08
CA PHE B 270 19.57 24.22 3.04
C PHE B 270 20.27 25.16 4.07
N ALA B 271 20.16 26.48 3.85
CA ALA B 271 20.78 27.53 4.68
C ALA B 271 20.03 27.86 5.99
N PRO B 272 19.03 28.74 5.93
CA PRO B 272 18.07 28.92 7.03
C PRO B 272 16.75 28.05 7.02
N LEU B 273 15.97 28.22 8.09
CA LEU B 273 14.87 27.29 8.30
C LEU B 273 13.56 27.89 8.89
N THR B 274 12.44 27.57 8.17
CA THR B 274 10.99 27.70 8.57
C THR B 274 10.25 29.09 8.42
N SER B 275 9.06 29.23 9.06
CA SER B 275 8.27 30.48 9.14
C SER B 275 8.51 31.27 10.41
N LEU B 284 22.09 35.45 9.49
CA LEU B 284 22.55 34.89 8.21
C LEU B 284 23.58 35.83 7.61
N THR B 285 24.83 35.36 7.58
CA THR B 285 25.95 36.27 7.48
C THR B 285 26.95 35.97 6.33
N VAL B 286 26.93 34.75 5.83
CA VAL B 286 27.81 34.19 4.76
C VAL B 286 28.68 33.10 5.37
N PRO B 287 29.64 33.45 6.22
CA PRO B 287 30.35 32.39 6.94
C PRO B 287 29.33 31.49 7.62
N GLU B 288 28.42 32.08 8.42
CA GLU B 288 27.47 31.29 9.22
C GLU B 288 26.32 30.68 8.40
N LEU B 289 26.28 31.07 7.14
CA LEU B 289 25.47 30.42 6.14
C LEU B 289 26.24 29.23 5.58
N THR B 290 27.52 29.40 5.36
CA THR B 290 28.31 28.35 4.76
C THR B 290 28.48 27.20 5.71
N GLN B 291 29.18 27.40 6.82
CA GLN B 291 29.31 26.31 7.81
C GLN B 291 27.99 26.02 8.53
N GLN B 292 26.94 25.88 7.71
CA GLN B 292 25.60 25.42 8.10
C GLN B 292 24.99 24.60 6.96
N MET B 293 25.39 24.89 5.73
CA MET B 293 24.97 24.12 4.56
C MET B 293 25.91 22.95 4.34
N PHE B 294 27.03 22.96 5.05
CA PHE B 294 28.00 21.87 5.02
C PHE B 294 27.96 21.12 6.33
N ASP B 295 26.95 21.41 7.13
CA ASP B 295 26.63 20.60 8.30
C ASP B 295 25.57 19.53 7.98
N SER B 296 25.80 18.33 8.53
CA SER B 296 24.91 17.19 8.39
C SER B 296 23.53 17.47 8.99
N LYS B 297 23.52 18.01 10.21
CA LYS B 297 22.35 18.55 10.93
C LYS B 297 21.50 19.49 10.06
N ASN B 298 21.87 19.55 8.77
CA ASN B 298 21.22 20.35 7.72
C ASN B 298 21.27 19.71 6.33
N MET B 299 21.41 18.38 6.29
CA MET B 299 21.34 17.63 5.04
C MET B 299 19.92 17.13 4.81
N MET B 300 19.57 16.93 3.55
CA MET B 300 18.21 16.51 3.18
C MET B 300 18.01 14.99 3.11
N ALA B 301 19.09 14.23 2.92
CA ALA B 301 19.00 12.77 3.08
C ALA B 301 19.36 12.47 4.51
N ALA B 302 18.89 11.34 5.03
CA ALA B 302 19.34 10.96 6.37
C ALA B 302 20.74 10.34 6.30
N CYS B 303 21.77 11.18 6.26
CA CYS B 303 23.13 10.69 6.13
C CYS B 303 23.89 11.39 7.15
N ASP B 304 25.19 11.20 7.12
CA ASP B 304 26.14 12.12 7.71
C ASP B 304 27.32 12.13 6.79
N PRO B 305 27.35 13.16 5.97
CA PRO B 305 28.41 13.30 4.97
C PRO B 305 29.76 13.30 5.65
N ARG B 306 29.90 12.61 6.78
CA ARG B 306 31.21 12.43 7.40
C ARG B 306 31.78 11.08 6.96
N HIS B 307 31.16 9.99 7.38
CA HIS B 307 31.59 8.66 6.93
C HIS B 307 31.21 8.46 5.44
N GLY B 308 32.07 8.97 4.55
CA GLY B 308 31.85 8.96 3.11
C GLY B 308 32.25 10.32 2.59
N ARG B 309 33.02 10.35 1.51
CA ARG B 309 33.61 11.59 1.00
C ARG B 309 32.79 12.19 -0.16
N TYR B 310 32.95 13.47 -0.44
CA TYR B 310 32.16 14.08 -1.51
C TYR B 310 32.78 13.78 -2.86
N LEU B 311 31.92 13.34 -3.77
CA LEU B 311 32.30 13.16 -5.15
C LEU B 311 32.42 14.51 -5.80
N THR B 312 31.29 15.10 -6.15
CA THR B 312 31.24 16.46 -6.66
C THR B 312 30.23 17.20 -5.84
N VAL B 313 30.35 18.52 -5.76
CA VAL B 313 29.50 19.31 -4.88
C VAL B 313 29.20 20.67 -5.48
N ALA B 314 27.92 21.02 -5.58
CA ALA B 314 27.50 22.35 -6.02
C ALA B 314 26.79 23.07 -4.90
N ALA B 315 27.06 24.36 -4.71
CA ALA B 315 26.25 25.20 -3.83
C ALA B 315 25.72 26.40 -4.60
N VAL B 316 24.48 26.79 -4.35
CA VAL B 316 23.97 27.98 -5.00
C VAL B 316 23.54 29.00 -3.94
N PHE B 317 24.10 30.21 -4.05
CA PHE B 317 23.93 31.24 -3.04
C PHE B 317 22.94 32.27 -3.52
N ARG B 318 22.21 32.90 -2.57
CA ARG B 318 21.15 33.88 -2.88
C ARG B 318 21.05 35.12 -1.98
N GLY B 319 21.06 36.30 -2.59
CA GLY B 319 21.01 37.54 -1.85
C GLY B 319 22.10 38.51 -2.22
N ARG B 320 21.71 39.75 -2.59
CA ARG B 320 22.65 40.78 -2.97
C ARG B 320 23.60 40.89 -1.82
N MET B 321 24.71 40.15 -1.90
CA MET B 321 25.79 40.21 -0.92
C MET B 321 27.12 40.20 -1.68
N SER B 322 28.21 40.58 -1.01
CA SER B 322 29.52 40.56 -1.64
C SER B 322 30.06 39.11 -1.72
N MET B 323 30.12 38.57 -2.94
CA MET B 323 30.61 37.19 -3.13
C MET B 323 32.15 37.09 -3.02
N LYS B 324 32.83 38.22 -3.14
CA LYS B 324 34.24 38.28 -2.75
C LYS B 324 34.41 37.56 -1.39
N GLU B 325 33.39 37.62 -0.54
CA GLU B 325 33.37 36.89 0.74
C GLU B 325 33.08 35.43 0.49
N VAL B 326 32.19 35.16 -0.47
CA VAL B 326 31.68 33.82 -0.78
C VAL B 326 32.75 32.74 -1.04
N ASP B 327 33.57 32.86 -2.09
CA ASP B 327 34.62 31.85 -2.33
C ASP B 327 35.72 31.87 -1.27
N GLU B 328 35.88 33.02 -0.60
CA GLU B 328 36.80 33.17 0.54
C GLU B 328 36.34 32.33 1.73
N GLN B 329 35.04 32.05 1.78
CA GLN B 329 34.49 31.11 2.76
C GLN B 329 34.38 29.71 2.16
N MET B 330 34.25 29.66 0.83
CA MET B 330 34.08 28.41 0.07
C MET B 330 35.36 27.61 0.10
N LEU B 331 36.45 28.25 -0.31
CA LEU B 331 37.78 27.72 -0.08
C LEU B 331 37.92 27.22 1.37
N ASN B 332 37.62 28.07 2.36
CA ASN B 332 37.74 27.70 3.77
C ASN B 332 37.17 26.31 4.14
N VAL B 333 36.00 25.95 3.64
CA VAL B 333 35.43 24.62 3.95
C VAL B 333 36.26 23.50 3.33
N GLN B 334 36.79 23.74 2.13
CA GLN B 334 37.64 22.78 1.44
C GLN B 334 39.05 22.69 2.00
N ASN B 335 39.31 23.37 3.10
CA ASN B 335 40.59 23.19 3.77
C ASN B 335 40.35 22.75 5.21
N LYS B 336 39.32 23.31 5.86
CA LYS B 336 38.99 23.00 7.27
C LYS B 336 38.24 21.71 7.23
N ASN B 337 37.89 21.33 6.00
CA ASN B 337 37.31 20.05 5.68
C ASN B 337 37.94 19.52 4.40
N SER B 338 39.26 19.48 4.34
CA SER B 338 39.95 19.13 3.09
C SER B 338 40.02 17.64 2.88
N SER B 339 40.12 16.92 3.98
CA SER B 339 40.19 15.48 3.92
C SER B 339 39.01 14.98 3.09
N TYR B 340 37.84 15.56 3.33
CA TYR B 340 36.54 14.95 2.95
C TYR B 340 35.91 15.22 1.57
N PHE B 341 36.75 15.53 0.60
CA PHE B 341 36.33 15.55 -0.77
C PHE B 341 37.37 14.71 -1.46
N VAL B 342 36.98 14.09 -2.56
CA VAL B 342 37.87 13.21 -3.26
C VAL B 342 38.99 14.05 -3.93
N GLU B 343 40.15 13.46 -4.20
CA GLU B 343 41.20 14.18 -4.96
C GLU B 343 41.05 13.96 -6.44
N TRP B 344 40.70 12.74 -6.83
CA TRP B 344 40.77 12.30 -8.24
C TRP B 344 39.78 12.92 -9.25
N ILE B 345 38.88 13.76 -8.76
CA ILE B 345 38.32 14.77 -9.63
C ILE B 345 38.79 16.10 -9.14
N PRO B 346 39.49 16.84 -9.98
CA PRO B 346 40.16 18.09 -9.58
C PRO B 346 39.21 19.18 -9.12
N ASN B 347 38.67 20.02 -9.99
CA ASN B 347 38.02 21.22 -9.46
C ASN B 347 36.61 20.96 -9.06
N ASN B 348 36.46 19.90 -8.31
CA ASN B 348 35.19 19.31 -8.09
C ASN B 348 34.30 19.94 -7.01
N VAL B 349 34.48 21.19 -6.62
CA VAL B 349 33.40 21.89 -5.88
C VAL B 349 33.20 23.34 -6.33
N LYS B 350 32.34 23.48 -7.33
CA LYS B 350 32.05 24.76 -7.97
C LYS B 350 30.77 25.33 -7.36
N THR B 351 30.69 26.68 -7.29
CA THR B 351 29.53 27.41 -6.74
C THR B 351 29.12 28.55 -7.61
N ALA B 352 27.87 28.92 -7.49
CA ALA B 352 27.38 30.10 -8.16
C ALA B 352 26.35 30.84 -7.30
N VAL B 353 26.17 32.12 -7.63
CA VAL B 353 25.48 33.11 -6.81
C VAL B 353 24.45 33.91 -7.61
N CYS B 354 23.17 33.71 -7.33
CA CYS B 354 22.17 34.58 -7.94
C CYS B 354 21.55 35.45 -6.85
N ASP B 355 21.26 36.71 -7.15
CA ASP B 355 21.01 37.66 -6.07
C ASP B 355 19.56 37.95 -5.70
N ILE B 356 18.59 37.37 -6.40
CA ILE B 356 17.20 37.66 -6.07
C ILE B 356 16.65 36.70 -4.98
N PRO B 357 16.59 37.18 -3.73
CA PRO B 357 16.34 36.33 -2.55
C PRO B 357 14.99 35.59 -2.62
N PRO B 358 14.68 34.68 -1.69
CA PRO B 358 13.43 33.91 -1.74
C PRO B 358 12.26 34.55 -0.93
N ARG B 359 11.15 33.81 -0.78
CA ARG B 359 10.07 34.23 0.13
C ARG B 359 10.70 34.65 1.50
N GLY B 360 10.55 35.93 1.88
CA GLY B 360 11.25 36.48 3.03
C GLY B 360 12.75 36.23 2.90
N LEU B 361 13.44 36.10 4.04
CA LEU B 361 14.85 35.65 4.07
C LEU B 361 15.87 36.45 3.20
N LYS B 362 16.66 37.32 3.84
CA LYS B 362 17.63 38.21 3.18
C LYS B 362 18.76 37.46 2.44
N MET B 363 19.32 36.44 3.10
CA MET B 363 20.43 35.64 2.59
C MET B 363 20.03 34.17 2.65
N SER B 364 20.41 33.37 1.65
CA SER B 364 20.19 31.92 1.70
C SER B 364 21.07 31.12 0.74
N ALA B 365 21.19 29.82 1.00
CA ALA B 365 22.04 28.96 0.19
C ALA B 365 21.48 27.57 0.13
N THR B 366 21.79 26.87 -0.95
CA THR B 366 21.34 25.50 -1.09
C THR B 366 22.49 24.67 -1.61
N PHE B 367 22.53 23.42 -1.14
CA PHE B 367 23.65 22.54 -1.36
C PHE B 367 23.14 21.29 -2.01
N ILE B 368 23.54 21.08 -3.26
CA ILE B 368 23.42 19.82 -3.98
C ILE B 368 24.69 19.01 -3.76
N GLY B 369 24.61 17.78 -3.25
CA GLY B 369 25.86 17.09 -2.97
C GLY B 369 25.95 15.63 -3.36
N ASN B 370 26.73 15.29 -4.39
CA ASN B 370 26.95 13.90 -4.77
C ASN B 370 27.85 13.11 -3.80
N SER B 371 27.34 12.76 -2.61
CA SER B 371 28.21 12.16 -1.55
C SER B 371 28.00 10.67 -1.34
N THR B 372 29.12 9.93 -1.36
CA THR B 372 29.09 8.48 -1.30
C THR B 372 28.55 8.04 0.01
N ALA B 373 28.41 8.99 0.93
CA ALA B 373 27.79 8.74 2.22
C ALA B 373 26.33 8.46 2.04
N ILE B 374 25.86 8.62 0.82
CA ILE B 374 24.49 8.31 0.49
C ILE B 374 24.23 6.80 0.61
N GLN B 375 25.28 6.02 0.35
CA GLN B 375 25.30 4.59 0.60
C GLN B 375 24.68 4.29 1.96
N GLU B 376 24.83 5.22 2.91
CA GLU B 376 24.31 5.05 4.26
C GLU B 376 22.79 4.96 4.29
N LEU B 377 22.16 5.65 3.34
CA LEU B 377 20.70 5.61 3.18
C LEU B 377 20.21 4.35 2.47
N PHE B 378 20.84 3.93 1.38
CA PHE B 378 20.47 2.67 0.76
C PHE B 378 20.63 1.45 1.68
N LYS B 379 21.80 1.34 2.30
CA LYS B 379 22.08 0.29 3.27
C LYS B 379 20.93 0.13 4.25
N ARG B 380 20.46 1.28 4.77
CA ARG B 380 19.45 1.38 5.83
C ARG B 380 18.08 0.83 5.40
N ILE B 381 17.75 0.99 4.11
CA ILE B 381 16.50 0.46 3.56
C ILE B 381 16.73 -0.99 3.30
N SER B 382 17.84 -1.28 2.61
CA SER B 382 18.13 -2.66 2.25
C SER B 382 18.30 -3.53 3.49
N GLU B 383 18.76 -2.91 4.57
CA GLU B 383 18.85 -3.60 5.85
C GLU B 383 17.46 -4.06 6.38
N GLN B 384 16.42 -3.23 6.26
CA GLN B 384 15.06 -3.61 6.70
C GLN B 384 14.27 -4.20 5.57
N PHE B 385 14.90 -4.29 4.40
CA PHE B 385 14.28 -4.98 3.31
C PHE B 385 14.54 -6.47 3.36
N THR B 386 15.79 -6.89 3.53
CA THR B 386 16.14 -8.33 3.56
C THR B 386 15.62 -8.97 4.84
N ALA B 387 15.61 -8.19 5.90
CA ALA B 387 15.03 -8.60 7.15
C ALA B 387 13.54 -8.81 7.00
N MET B 388 12.99 -8.44 5.84
CA MET B 388 11.57 -8.63 5.53
C MET B 388 11.36 -9.67 4.44
N PHE B 389 12.12 -9.58 3.35
CA PHE B 389 12.07 -10.57 2.28
C PHE B 389 12.59 -11.89 2.83
N ARG B 390 13.21 -11.82 4.01
CA ARG B 390 13.60 -12.98 4.82
C ARG B 390 12.61 -14.11 4.59
N ARG B 391 11.89 -14.52 5.63
CA ARG B 391 10.93 -15.61 5.51
C ARG B 391 9.80 -15.24 4.53
N LYS B 392 10.07 -14.25 3.66
CA LYS B 392 9.17 -13.82 2.59
C LYS B 392 7.86 -13.30 3.14
N ALA B 393 7.95 -12.18 3.83
CA ALA B 393 6.84 -11.61 4.57
C ALA B 393 5.77 -11.04 3.71
N PHE B 394 5.35 -9.83 4.07
CA PHE B 394 4.20 -9.22 3.48
C PHE B 394 4.17 -9.34 1.95
N LEU B 395 5.14 -10.05 1.36
CA LEU B 395 5.27 -10.17 -0.10
C LEU B 395 4.00 -10.63 -0.82
N HIS B 396 3.19 -11.40 -0.11
CA HIS B 396 1.98 -11.97 -0.70
C HIS B 396 1.01 -10.93 -1.26
N TRP B 397 1.14 -9.66 -0.88
CA TRP B 397 0.30 -8.64 -1.48
C TRP B 397 0.76 -8.37 -2.89
N TYR B 398 1.94 -8.84 -3.26
CA TYR B 398 2.43 -8.60 -4.61
C TYR B 398 2.47 -9.94 -5.34
N THR B 399 2.75 -11.00 -4.59
CA THR B 399 2.63 -12.37 -5.10
C THR B 399 1.54 -12.39 -6.16
N GLY B 400 0.30 -12.31 -5.69
CA GLY B 400 -0.87 -12.53 -6.50
C GLY B 400 -1.21 -11.32 -7.33
N GLU B 401 -0.44 -10.25 -7.18
CA GLU B 401 -0.60 -9.11 -8.07
C GLU B 401 0.12 -9.34 -9.37
N GLY B 402 0.83 -10.46 -9.43
CA GLY B 402 1.38 -10.94 -10.67
C GLY B 402 2.83 -10.63 -10.79
N MET B 403 3.48 -10.55 -9.64
CA MET B 403 4.87 -10.20 -9.59
C MET B 403 5.65 -11.44 -9.26
N ASP B 404 6.96 -11.44 -9.56
CA ASP B 404 7.75 -12.64 -9.28
C ASP B 404 8.57 -12.69 -8.01
N GLU B 405 8.32 -13.77 -7.28
CA GLU B 405 9.19 -14.34 -6.27
C GLU B 405 10.60 -13.75 -6.31
N MET B 406 11.32 -13.95 -7.41
CA MET B 406 12.75 -13.56 -7.58
C MET B 406 12.96 -12.19 -8.24
N GLU B 407 11.88 -11.65 -8.79
CA GLU B 407 11.90 -10.32 -9.32
C GLU B 407 12.18 -9.31 -8.20
N PHE B 408 11.87 -9.68 -6.97
CA PHE B 408 12.29 -8.90 -5.82
C PHE B 408 13.82 -9.05 -5.70
N THR B 409 14.28 -10.29 -5.47
CA THR B 409 15.71 -10.56 -5.35
C THR B 409 16.47 -9.97 -6.55
N GLU B 410 15.80 -9.80 -7.69
CA GLU B 410 16.41 -9.18 -8.89
C GLU B 410 16.71 -7.68 -8.74
N ALA B 411 16.00 -7.04 -7.83
CA ALA B 411 16.19 -5.65 -7.48
C ALA B 411 16.90 -5.51 -6.15
N GLU B 412 16.71 -6.47 -5.25
CA GLU B 412 17.44 -6.50 -3.99
C GLU B 412 18.94 -6.53 -4.25
N SER B 413 19.35 -7.34 -5.22
CA SER B 413 20.76 -7.38 -5.59
C SER B 413 21.18 -6.12 -6.34
N ASN B 414 20.37 -5.63 -7.27
CA ASN B 414 20.77 -4.42 -8.01
C ASN B 414 21.14 -3.29 -7.06
N MET B 415 20.50 -3.28 -5.90
CA MET B 415 20.73 -2.29 -4.90
C MET B 415 22.02 -2.50 -4.14
N ASN B 416 22.17 -3.71 -3.60
CA ASN B 416 23.38 -4.09 -2.87
C ASN B 416 24.65 -3.87 -3.69
N ASP B 417 24.45 -3.64 -5.01
CA ASP B 417 25.58 -3.30 -5.90
C ASP B 417 25.83 -1.84 -5.66
N LEU B 418 24.80 -1.04 -5.92
CA LEU B 418 24.90 0.38 -5.75
C LEU B 418 25.41 0.73 -4.36
N VAL B 419 25.23 -0.16 -3.38
CA VAL B 419 25.89 0.08 -2.11
C VAL B 419 27.40 -0.07 -2.29
N SER B 420 27.84 -1.25 -2.70
CA SER B 420 29.28 -1.55 -2.73
C SER B 420 29.95 -1.05 -4.00
N GLU B 421 29.43 0.06 -4.52
CA GLU B 421 30.09 0.80 -5.57
C GLU B 421 30.45 2.10 -4.98
N TYR B 422 29.51 2.68 -4.28
CA TYR B 422 29.77 3.83 -3.46
C TYR B 422 30.90 3.54 -2.49
N GLN B 423 30.92 2.31 -1.96
CA GLN B 423 31.98 1.83 -1.08
C GLN B 423 33.30 1.59 -1.83
N GLN B 424 33.17 1.15 -3.09
CA GLN B 424 34.29 0.99 -4.00
C GLN B 424 34.81 2.35 -4.53
N TYR B 425 34.13 3.46 -4.21
CA TYR B 425 34.74 4.78 -4.41
C TYR B 425 35.14 5.46 -3.11
N GLN B 426 35.84 4.69 -2.29
CA GLN B 426 36.65 5.19 -1.21
C GLN B 426 38.02 4.59 -1.57
N ASP B 427 38.60 5.15 -2.64
CA ASP B 427 39.76 4.56 -3.32
C ASP B 427 41.09 5.33 -3.13
N ALA B 428 41.82 5.64 -4.19
CA ALA B 428 43.19 6.20 -4.05
C ALA B 428 43.63 7.12 -5.20
N ARG C 2 -14.12 2.97 -2.69
CA ARG C 2 -15.27 3.88 -2.89
C ARG C 2 -16.51 3.45 -2.06
N GLU C 3 -17.24 2.41 -2.52
CA GLU C 3 -18.53 2.03 -1.91
C GLU C 3 -18.33 0.84 -0.99
N CYS C 4 -19.36 0.36 -0.30
CA CYS C 4 -19.15 -0.65 0.76
C CYS C 4 -20.35 -1.43 1.38
N ILE C 5 -20.58 -2.67 0.93
CA ILE C 5 -21.80 -3.40 1.28
C ILE C 5 -21.70 -4.33 2.49
N SER C 6 -22.65 -4.19 3.42
CA SER C 6 -22.75 -5.03 4.61
C SER C 6 -23.70 -6.20 4.39
N ILE C 7 -23.22 -7.43 4.56
CA ILE C 7 -24.07 -8.62 4.67
C ILE C 7 -24.07 -9.12 6.10
N HIS C 8 -25.25 -9.39 6.68
CA HIS C 8 -25.34 -9.99 8.02
C HIS C 8 -26.15 -11.28 7.94
N VAL C 9 -25.51 -12.43 8.02
CA VAL C 9 -26.27 -13.68 8.04
C VAL C 9 -26.36 -14.19 9.45
N GLY C 10 -27.55 -14.60 9.83
CA GLY C 10 -27.72 -15.35 11.05
C GLY C 10 -28.13 -14.58 12.28
N GLN C 11 -28.93 -15.23 13.13
CA GLN C 11 -29.47 -14.64 14.33
C GLN C 11 -28.48 -13.70 15.00
N ALA C 12 -27.26 -14.20 15.22
CA ALA C 12 -26.24 -13.39 15.86
C ALA C 12 -25.78 -12.24 14.98
N GLY C 13 -25.35 -12.56 13.77
CA GLY C 13 -25.02 -11.54 12.77
C GLY C 13 -26.06 -10.43 12.74
N VAL C 14 -27.29 -10.80 12.49
CA VAL C 14 -28.36 -9.85 12.37
C VAL C 14 -28.45 -8.86 13.54
N GLN C 15 -28.35 -9.37 14.76
CA GLN C 15 -28.54 -8.52 15.92
C GLN C 15 -27.35 -7.64 16.23
N ILE C 16 -26.13 -8.17 16.02
CA ILE C 16 -24.92 -7.35 16.03
C ILE C 16 -25.11 -6.24 15.02
N GLY C 17 -25.54 -6.63 13.81
CA GLY C 17 -25.84 -5.69 12.75
C GLY C 17 -26.78 -4.60 13.20
N ASN C 18 -28.00 -5.01 13.58
CA ASN C 18 -29.01 -4.04 13.96
C ASN C 18 -28.52 -3.09 15.04
N ALA C 19 -27.60 -3.59 15.86
CA ALA C 19 -27.08 -2.83 16.97
C ALA C 19 -25.84 -2.02 16.62
N CYS C 20 -25.39 -2.11 15.37
CA CYS C 20 -24.36 -1.18 14.96
C CYS C 20 -24.78 -0.33 13.77
N TRP C 21 -25.79 -0.76 13.02
CA TRP C 21 -26.39 0.16 12.06
C TRP C 21 -27.09 1.22 12.86
N GLU C 22 -27.58 0.82 14.03
CA GLU C 22 -28.10 1.75 15.03
C GLU C 22 -27.04 2.79 15.42
N LEU C 23 -25.85 2.31 15.75
CA LEU C 23 -24.81 3.18 16.26
C LEU C 23 -24.23 4.00 15.14
N TYR C 24 -24.23 3.45 13.92
CA TYR C 24 -23.81 4.22 12.75
C TYR C 24 -24.75 5.41 12.68
N CYS C 25 -26.04 5.12 12.80
CA CYS C 25 -27.07 6.13 12.63
C CYS C 25 -26.96 7.29 13.64
N LEU C 26 -26.56 6.97 14.86
CA LEU C 26 -26.33 8.01 15.85
C LEU C 26 -25.15 8.87 15.42
N GLU C 27 -24.05 8.21 15.04
CA GLU C 27 -22.79 8.86 14.66
C GLU C 27 -22.91 9.84 13.48
N HIS C 28 -23.75 9.51 12.49
CA HIS C 28 -23.90 10.32 11.29
C HIS C 28 -25.16 11.21 11.32
N GLY C 29 -25.90 11.14 12.43
CA GLY C 29 -27.08 11.96 12.66
C GLY C 29 -28.21 11.67 11.70
N ILE C 30 -28.73 10.45 11.73
CA ILE C 30 -29.88 10.10 10.92
C ILE C 30 -31.00 9.68 11.83
N GLN C 31 -32.06 10.48 11.86
CA GLN C 31 -33.28 10.06 12.53
C GLN C 31 -33.80 8.81 11.83
N PRO C 32 -34.14 7.79 12.62
CA PRO C 32 -34.80 6.57 12.15
C PRO C 32 -35.43 6.56 10.74
N ASP C 33 -36.41 7.42 10.45
CA ASP C 33 -37.08 7.42 9.13
C ASP C 33 -36.17 7.52 7.90
N GLY C 34 -34.87 7.78 8.09
CA GLY C 34 -33.91 7.84 7.01
C GLY C 34 -33.39 9.24 6.71
N GLN C 35 -34.26 10.24 6.84
CA GLN C 35 -33.88 11.63 6.57
C GLN C 35 -32.92 12.16 7.63
N MET C 36 -31.89 12.87 7.19
CA MET C 36 -31.02 13.62 8.09
C MET C 36 -31.01 15.08 7.63
N PRO C 37 -31.18 15.99 8.58
CA PRO C 37 -31.02 17.42 8.29
C PRO C 37 -29.56 17.94 8.33
N SER C 38 -28.65 17.25 7.64
CA SER C 38 -27.32 17.79 7.31
C SER C 38 -27.18 17.95 5.80
N ASP C 39 -26.53 19.03 5.35
CA ASP C 39 -26.39 19.37 3.92
C ASP C 39 -25.62 18.35 3.06
N LYS C 40 -25.30 17.21 3.65
CA LYS C 40 -24.56 16.17 2.98
C LYS C 40 -25.46 15.12 2.28
N THR C 41 -26.36 15.60 1.39
CA THR C 41 -26.90 14.77 0.30
C THR C 41 -27.41 15.41 -1.01
N ILE C 42 -26.70 14.98 -2.05
CA ILE C 42 -27.22 14.69 -3.37
C ILE C 42 -26.68 13.24 -3.68
N GLY C 43 -27.29 12.59 -4.67
CA GLY C 43 -26.91 11.26 -5.17
C GLY C 43 -28.14 10.57 -5.78
N ASP C 47 -20.47 12.53 -1.09
CA ASP C 47 -19.20 12.21 -0.44
C ASP C 47 -19.29 12.11 1.12
N SER C 48 -18.21 11.63 1.76
CA SER C 48 -18.01 11.55 3.24
C SER C 48 -18.49 10.28 4.00
N PHE C 49 -19.81 10.07 4.07
CA PHE C 49 -20.38 8.88 4.71
C PHE C 49 -21.24 8.07 3.73
N ASN C 50 -21.16 8.45 2.45
CA ASN C 50 -21.81 7.74 1.35
C ASN C 50 -21.15 6.37 1.15
N THR C 51 -20.19 6.04 2.01
CA THR C 51 -19.46 4.78 1.94
C THR C 51 -20.40 3.66 2.17
N PHE C 52 -21.31 3.94 3.10
CA PHE C 52 -22.18 2.93 3.70
C PHE C 52 -23.64 3.09 3.31
N PHE C 53 -24.15 4.32 3.36
CA PHE C 53 -25.55 4.58 3.03
C PHE C 53 -25.67 5.02 1.57
N SER C 54 -26.86 4.91 1.00
CA SER C 54 -27.13 5.47 -0.33
C SER C 54 -28.25 6.51 -0.29
N GLU C 55 -28.03 7.63 -0.98
CA GLU C 55 -28.99 8.72 -0.97
C GLU C 55 -30.16 8.43 -1.92
N THR C 56 -30.86 7.33 -1.65
CA THR C 56 -32.03 6.89 -2.46
C THR C 56 -33.29 7.77 -2.35
N GLY C 57 -33.92 8.08 -3.48
CA GLY C 57 -35.07 8.95 -3.52
C GLY C 57 -34.66 10.32 -3.04
N ALA C 58 -35.64 11.23 -2.85
CA ALA C 58 -35.35 12.57 -2.38
C ALA C 58 -35.85 12.81 -0.95
N GLY C 59 -35.14 12.25 0.04
CA GLY C 59 -35.48 12.46 1.44
C GLY C 59 -34.76 11.52 2.39
N LYS C 60 -34.69 10.24 2.01
CA LYS C 60 -34.21 9.09 2.82
C LYS C 60 -32.70 8.78 2.67
N HIS C 61 -32.19 7.85 3.48
CA HIS C 61 -30.77 7.50 3.48
C HIS C 61 -30.53 6.03 3.76
N VAL C 62 -31.00 5.15 2.87
CA VAL C 62 -30.93 3.69 3.09
C VAL C 62 -29.52 3.09 3.26
N PRO C 63 -29.35 2.22 4.25
CA PRO C 63 -28.07 1.53 4.47
C PRO C 63 -27.79 0.62 3.30
N ARG C 64 -26.51 0.48 2.96
CA ARG C 64 -26.16 -0.45 1.93
C ARG C 64 -25.88 -1.73 2.64
N ALA C 65 -26.96 -2.45 2.94
CA ALA C 65 -26.87 -3.70 3.66
C ALA C 65 -27.86 -4.71 3.11
N VAL C 66 -27.66 -5.97 3.46
CA VAL C 66 -28.61 -7.01 3.17
C VAL C 66 -28.61 -7.93 4.37
N PHE C 67 -29.78 -8.34 4.80
CA PHE C 67 -29.94 -9.11 6.03
C PHE C 67 -30.55 -10.49 5.79
N VAL C 68 -29.85 -11.56 6.10
CA VAL C 68 -30.42 -12.85 5.82
C VAL C 68 -30.40 -13.75 7.02
N ASP C 69 -31.48 -14.49 7.19
CA ASP C 69 -31.60 -15.49 8.24
C ASP C 69 -32.49 -16.59 7.71
N LEU C 70 -32.42 -17.77 8.29
CA LEU C 70 -33.25 -18.85 7.76
C LEU C 70 -34.63 -19.10 8.40
N GLU C 71 -34.85 -18.61 9.64
CA GLU C 71 -36.19 -18.43 10.23
C GLU C 71 -36.62 -17.02 9.84
N PRO C 72 -37.83 -16.60 10.15
CA PRO C 72 -38.09 -15.17 10.19
C PRO C 72 -37.63 -14.66 11.57
N THR C 73 -38.55 -14.60 12.53
CA THR C 73 -38.27 -14.25 13.92
C THR C 73 -37.37 -13.03 14.14
N VAL C 74 -36.09 -13.16 13.78
CA VAL C 74 -35.13 -12.11 14.06
C VAL C 74 -35.18 -10.99 13.04
N ILE C 75 -35.19 -11.36 11.76
CA ILE C 75 -35.39 -10.42 10.67
C ILE C 75 -36.72 -9.70 10.87
N ASP C 76 -37.65 -10.42 11.50
CA ASP C 76 -39.00 -9.92 11.75
C ASP C 76 -39.03 -8.72 12.72
N GLU C 77 -38.12 -8.70 13.70
CA GLU C 77 -38.13 -7.63 14.69
C GLU C 77 -37.57 -6.34 14.14
N VAL C 78 -36.96 -6.41 12.96
CA VAL C 78 -36.47 -5.23 12.28
C VAL C 78 -37.63 -4.53 11.59
N ARG C 79 -38.41 -5.28 10.83
CA ARG C 79 -39.58 -4.69 10.22
C ARG C 79 -40.65 -4.40 11.29
N THR C 80 -40.20 -4.29 12.56
CA THR C 80 -41.07 -4.05 13.75
C THR C 80 -40.77 -2.71 14.48
N GLY C 81 -39.62 -2.62 15.14
CA GLY C 81 -39.26 -1.45 15.95
C GLY C 81 -38.53 -0.41 15.14
N THR C 82 -38.88 0.86 15.35
CA THR C 82 -38.44 1.93 14.46
C THR C 82 -37.01 1.76 14.03
N TYR C 83 -36.81 1.96 12.73
CA TYR C 83 -35.71 1.48 11.89
C TYR C 83 -36.43 0.67 10.84
N ARG C 84 -37.61 0.18 11.23
CA ARG C 84 -38.60 -0.39 10.31
C ARG C 84 -38.69 0.53 9.09
N GLN C 85 -38.48 1.81 9.33
CA GLN C 85 -38.53 2.82 8.30
C GLN C 85 -37.23 2.92 7.52
N LEU C 86 -36.17 2.31 8.04
CA LEU C 86 -34.80 2.59 7.61
C LEU C 86 -34.29 1.81 6.41
N PHE C 87 -34.72 0.58 6.26
CA PHE C 87 -34.22 -0.26 5.20
C PHE C 87 -35.23 -0.32 4.07
N HIS C 88 -34.91 -1.04 3.01
CA HIS C 88 -35.88 -1.36 1.98
C HIS C 88 -36.39 -2.76 2.23
N PRO C 89 -37.70 -2.96 2.27
CA PRO C 89 -38.31 -4.29 2.48
C PRO C 89 -37.62 -5.44 1.72
N GLU C 90 -37.06 -5.13 0.55
CA GLU C 90 -36.20 -6.01 -0.24
C GLU C 90 -35.01 -6.56 0.53
N GLN C 91 -34.28 -5.66 1.19
CA GLN C 91 -32.96 -5.96 1.72
C GLN C 91 -32.98 -6.86 2.95
N LEU C 92 -34.13 -7.37 3.34
CA LEU C 92 -34.11 -8.33 4.42
C LEU C 92 -34.74 -9.62 4.00
N ILE C 93 -33.91 -10.60 3.66
CA ILE C 93 -34.39 -11.92 3.27
C ILE C 93 -34.57 -12.86 4.49
N THR C 94 -35.79 -13.41 4.62
CA THR C 94 -36.12 -14.44 5.61
C THR C 94 -36.52 -15.75 4.89
N GLY C 95 -36.45 -16.89 5.56
CA GLY C 95 -36.51 -18.14 4.81
C GLY C 95 -37.31 -19.34 5.29
N LYS C 96 -38.41 -19.10 6.02
CA LYS C 96 -39.38 -20.16 6.44
C LYS C 96 -38.91 -21.18 7.53
N GLU C 97 -38.02 -22.08 7.12
CA GLU C 97 -37.54 -23.11 8.03
C GLU C 97 -36.10 -22.82 8.48
N ASP C 98 -35.81 -23.20 9.74
CA ASP C 98 -34.53 -23.00 10.42
C ASP C 98 -33.33 -23.88 9.96
N ALA C 99 -32.11 -23.47 10.27
CA ALA C 99 -30.91 -24.22 9.92
C ALA C 99 -30.55 -25.28 10.94
N ALA C 100 -31.19 -25.17 12.10
CA ALA C 100 -31.05 -26.06 13.24
C ALA C 100 -29.62 -26.33 13.69
N ASN C 101 -28.95 -25.26 14.13
CA ASN C 101 -27.71 -25.39 14.87
C ASN C 101 -26.78 -26.36 14.14
N ASN C 102 -26.92 -26.42 12.81
CA ASN C 102 -26.18 -27.43 12.02
C ASN C 102 -25.72 -27.03 10.59
N TYR C 103 -24.39 -27.01 10.42
CA TYR C 103 -23.74 -26.48 9.23
C TYR C 103 -24.24 -27.17 8.01
N ALA C 104 -24.13 -28.48 7.98
CA ALA C 104 -24.63 -29.23 6.85
C ALA C 104 -25.99 -28.73 6.39
N ARG C 105 -26.88 -28.46 7.33
CA ARG C 105 -28.19 -27.94 6.96
C ARG C 105 -28.04 -26.61 6.26
N GLY C 106 -27.29 -25.71 6.90
CA GLY C 106 -27.06 -24.37 6.41
C GLY C 106 -26.44 -24.24 5.02
N HIS C 107 -25.38 -25.02 4.76
CA HIS C 107 -24.63 -25.02 3.49
C HIS C 107 -25.36 -25.77 2.38
N TYR C 108 -25.79 -26.99 2.63
CA TYR C 108 -26.24 -27.85 1.55
C TYR C 108 -27.73 -27.97 1.43
N THR C 109 -28.42 -28.13 2.55
CA THR C 109 -29.80 -28.53 2.46
C THR C 109 -30.69 -27.35 2.34
N ILE C 110 -30.72 -26.53 3.36
CA ILE C 110 -31.61 -25.41 3.33
C ILE C 110 -30.98 -24.19 2.55
N GLY C 111 -29.67 -24.22 2.34
CA GLY C 111 -28.99 -23.11 1.68
C GLY C 111 -29.30 -23.05 0.22
N LYS C 112 -28.86 -24.07 -0.50
CA LYS C 112 -29.18 -24.29 -1.89
C LYS C 112 -30.35 -23.44 -2.37
N GLU C 113 -31.41 -23.36 -1.57
CA GLU C 113 -32.71 -22.81 -2.00
C GLU C 113 -32.77 -21.30 -1.98
N ILE C 114 -32.12 -20.69 -1.00
CA ILE C 114 -32.23 -19.24 -0.80
C ILE C 114 -31.08 -18.46 -1.40
N ILE C 115 -29.92 -19.12 -1.54
CA ILE C 115 -28.70 -18.47 -2.00
C ILE C 115 -28.83 -17.75 -3.33
N ASP C 116 -29.47 -18.41 -4.28
CA ASP C 116 -29.69 -17.82 -5.60
C ASP C 116 -30.36 -16.45 -5.42
N LEU C 117 -31.32 -16.36 -4.51
CA LEU C 117 -32.06 -15.13 -4.34
C LEU C 117 -31.22 -14.04 -3.69
N VAL C 118 -30.55 -14.39 -2.59
CA VAL C 118 -29.74 -13.43 -1.85
C VAL C 118 -28.71 -12.85 -2.79
N LEU C 119 -27.87 -13.73 -3.32
CA LEU C 119 -26.75 -13.37 -4.19
C LEU C 119 -27.10 -12.30 -5.21
N ASP C 120 -28.33 -12.40 -5.70
CA ASP C 120 -28.85 -11.51 -6.71
C ASP C 120 -29.35 -10.22 -6.04
N ARG C 121 -29.91 -10.30 -4.83
CA ARG C 121 -30.38 -9.09 -4.12
C ARG C 121 -29.24 -8.23 -3.58
N ILE C 122 -28.08 -8.86 -3.45
CA ILE C 122 -26.85 -8.15 -3.17
C ILE C 122 -26.46 -7.41 -4.44
N ARG C 123 -26.51 -8.13 -5.57
CA ARG C 123 -26.19 -7.60 -6.90
C ARG C 123 -26.99 -6.37 -7.31
N LYS C 124 -28.15 -6.18 -6.66
CA LYS C 124 -28.93 -4.97 -6.81
C LYS C 124 -28.17 -3.81 -6.20
N LEU C 125 -27.64 -4.02 -5.00
CA LEU C 125 -26.99 -2.97 -4.23
C LEU C 125 -25.63 -2.61 -4.76
N ALA C 126 -24.95 -3.60 -5.32
CA ALA C 126 -23.68 -3.35 -5.98
C ALA C 126 -23.86 -2.56 -7.28
N ASP C 127 -25.06 -2.62 -7.85
CA ASP C 127 -25.32 -1.96 -9.10
C ASP C 127 -25.59 -0.47 -8.96
N GLN C 128 -25.92 -0.03 -7.74
CA GLN C 128 -26.09 1.39 -7.47
C GLN C 128 -24.83 1.93 -6.77
N CYS C 129 -23.68 1.56 -7.34
CA CYS C 129 -22.35 1.89 -6.81
C CYS C 129 -21.25 2.05 -7.89
N THR C 130 -20.72 3.25 -8.06
CA THR C 130 -19.73 3.43 -9.11
C THR C 130 -18.35 3.20 -8.57
N GLY C 131 -17.94 1.95 -8.68
CA GLY C 131 -16.71 1.47 -8.09
C GLY C 131 -16.88 0.91 -6.67
N LEU C 132 -17.59 -0.20 -6.52
CA LEU C 132 -17.73 -0.81 -5.21
C LEU C 132 -16.40 -1.35 -4.72
N GLN C 133 -16.16 -1.22 -3.43
CA GLN C 133 -14.98 -1.79 -2.80
C GLN C 133 -15.14 -3.28 -2.37
N GLY C 134 -15.56 -3.54 -1.13
CA GLY C 134 -15.71 -4.89 -0.62
C GLY C 134 -16.95 -5.11 0.22
N PHE C 135 -17.07 -6.31 0.80
CA PHE C 135 -18.19 -6.62 1.66
C PHE C 135 -17.75 -6.82 3.06
N LEU C 136 -18.63 -6.46 3.99
CA LEU C 136 -18.52 -6.85 5.39
C LEU C 136 -19.56 -7.93 5.72
N VAL C 137 -19.09 -9.09 6.13
CA VAL C 137 -19.94 -10.22 6.40
C VAL C 137 -19.96 -10.39 7.89
N PHE C 138 -21.09 -10.10 8.54
CA PHE C 138 -21.22 -10.38 9.98
C PHE C 138 -21.91 -11.72 10.15
N HIS C 139 -21.41 -12.54 11.08
CA HIS C 139 -21.91 -13.90 11.25
C HIS C 139 -21.38 -14.62 12.46
N SER C 140 -22.18 -15.54 12.96
CA SER C 140 -21.81 -16.34 14.11
C SER C 140 -20.94 -17.51 13.67
N PHE C 141 -19.95 -17.85 14.52
CA PHE C 141 -18.99 -18.93 14.24
C PHE C 141 -19.71 -20.24 14.33
N GLY C 142 -19.91 -20.69 15.57
CA GLY C 142 -20.80 -21.78 15.86
C GLY C 142 -22.20 -21.35 15.54
N GLY C 143 -23.08 -22.33 15.38
CA GLY C 143 -24.42 -21.98 15.04
C GLY C 143 -24.62 -22.10 13.56
N GLY C 144 -25.89 -22.37 13.21
CA GLY C 144 -26.29 -23.02 11.97
C GLY C 144 -26.14 -22.25 10.68
N THR C 145 -27.06 -21.33 10.46
CA THR C 145 -27.05 -20.60 9.20
C THR C 145 -25.77 -19.75 9.18
N GLY C 146 -25.42 -19.21 10.35
CA GLY C 146 -24.25 -18.39 10.50
C GLY C 146 -22.97 -19.03 10.01
N SER C 147 -22.75 -20.29 10.34
CA SER C 147 -21.57 -21.00 9.84
C SER C 147 -21.77 -21.45 8.39
N GLY C 148 -22.93 -22.02 8.11
CA GLY C 148 -23.19 -22.76 6.87
C GLY C 148 -23.63 -21.96 5.66
N PHE C 149 -24.44 -20.93 5.87
CA PHE C 149 -24.85 -20.08 4.77
C PHE C 149 -23.71 -19.17 4.45
N THR C 150 -23.13 -18.59 5.49
CA THR C 150 -21.94 -17.76 5.35
C THR C 150 -20.90 -18.44 4.49
N SER C 151 -20.61 -19.67 4.84
CA SER C 151 -19.66 -20.42 4.07
C SER C 151 -20.07 -20.44 2.60
N LEU C 152 -21.29 -20.87 2.31
CA LEU C 152 -21.78 -20.90 0.93
C LEU C 152 -21.79 -19.53 0.26
N LEU C 153 -22.15 -18.49 1.01
CA LEU C 153 -22.13 -17.11 0.49
C LEU C 153 -20.76 -16.83 -0.06
N MET C 154 -19.76 -16.95 0.79
CA MET C 154 -18.40 -16.58 0.44
C MET C 154 -17.86 -17.34 -0.76
N GLU C 155 -18.20 -18.62 -0.87
CA GLU C 155 -17.75 -19.40 -2.02
C GLU C 155 -18.29 -18.63 -3.20
N ARG C 156 -19.57 -18.31 -3.14
CA ARG C 156 -20.24 -17.73 -4.30
C ARG C 156 -19.84 -16.29 -4.60
N LEU C 157 -19.83 -15.45 -3.55
CA LEU C 157 -19.37 -14.07 -3.63
C LEU C 157 -17.98 -14.00 -4.23
N SER C 158 -17.13 -14.95 -3.79
CA SER C 158 -15.81 -15.13 -4.36
C SER C 158 -15.90 -15.31 -5.87
N VAL C 159 -16.91 -16.03 -6.35
CA VAL C 159 -17.04 -16.27 -7.78
C VAL C 159 -17.66 -15.10 -8.54
N ASP C 160 -18.75 -14.54 -8.00
CA ASP C 160 -19.47 -13.43 -8.66
C ASP C 160 -18.73 -12.06 -8.59
N TYR C 161 -17.82 -11.89 -7.60
CA TYR C 161 -17.00 -10.67 -7.38
C TYR C 161 -15.46 -10.87 -7.36
N GLY C 162 -14.80 -10.36 -8.40
CA GLY C 162 -13.38 -10.56 -8.64
C GLY C 162 -12.42 -10.23 -7.50
N LYS C 163 -11.68 -9.11 -7.67
CA LYS C 163 -10.79 -8.56 -6.63
C LYS C 163 -11.61 -8.38 -5.33
N LYS C 164 -12.55 -7.42 -5.40
CA LYS C 164 -13.48 -7.06 -4.33
C LYS C 164 -13.31 -7.94 -3.08
N SER C 165 -12.66 -7.37 -2.07
CA SER C 165 -12.23 -8.11 -0.91
C SER C 165 -13.38 -8.36 0.05
N LYS C 166 -13.13 -9.22 1.02
CA LYS C 166 -14.16 -9.62 1.96
C LYS C 166 -13.61 -9.61 3.38
N LEU C 167 -14.28 -8.85 4.25
CA LEU C 167 -13.91 -8.76 5.66
C LEU C 167 -14.97 -9.40 6.51
N GLU C 168 -14.63 -10.41 7.29
CA GLU C 168 -15.65 -11.04 8.11
C GLU C 168 -15.49 -10.67 9.60
N PHE C 169 -16.62 -10.52 10.30
CA PHE C 169 -16.67 -10.38 11.75
C PHE C 169 -17.33 -11.60 12.33
N SER C 170 -16.54 -12.54 12.84
CA SER C 170 -17.01 -13.81 13.42
C SER C 170 -17.28 -13.73 14.96
N ILE C 171 -18.33 -14.40 15.43
CA ILE C 171 -18.60 -14.46 16.86
C ILE C 171 -18.26 -15.82 17.45
N TYR C 172 -16.99 -15.93 17.84
CA TYR C 172 -16.41 -17.10 18.46
C TYR C 172 -17.19 -17.40 19.73
N PRO C 173 -17.66 -18.65 19.83
CA PRO C 173 -18.79 -19.04 20.68
C PRO C 173 -18.44 -19.49 22.10
N ALA C 174 -19.32 -19.17 23.04
CA ALA C 174 -18.93 -19.29 24.42
C ALA C 174 -19.90 -19.98 25.33
N PRO C 175 -19.41 -21.08 25.88
CA PRO C 175 -20.17 -21.97 26.74
C PRO C 175 -21.23 -21.28 27.59
N GLN C 176 -20.90 -20.17 28.25
CA GLN C 176 -21.80 -19.57 29.26
C GLN C 176 -23.07 -18.97 28.66
N VAL C 177 -22.94 -18.17 27.59
CA VAL C 177 -24.14 -17.76 26.88
C VAL C 177 -24.24 -18.30 25.46
N SER C 178 -24.33 -19.62 25.39
CA SER C 178 -24.75 -20.35 24.21
C SER C 178 -25.91 -21.22 24.68
N THR C 179 -26.29 -22.20 23.89
CA THR C 179 -27.24 -23.23 24.32
C THR C 179 -26.83 -24.52 23.64
N ALA C 180 -26.08 -24.33 22.55
CA ALA C 180 -25.67 -25.37 21.60
C ALA C 180 -24.32 -26.11 21.89
N VAL C 181 -24.46 -27.43 22.03
CA VAL C 181 -23.38 -28.33 22.31
C VAL C 181 -22.57 -28.55 21.06
N VAL C 182 -23.28 -28.72 19.95
CA VAL C 182 -22.70 -29.06 18.66
C VAL C 182 -21.80 -27.95 18.09
N GLU C 183 -21.79 -26.81 18.76
CA GLU C 183 -21.04 -25.62 18.38
C GLU C 183 -19.73 -25.82 17.65
N PRO C 184 -18.73 -26.32 18.35
CA PRO C 184 -17.39 -26.52 17.81
C PRO C 184 -17.36 -27.07 16.41
N TYR C 185 -18.04 -28.19 16.13
CA TYR C 185 -18.10 -28.75 14.77
C TYR C 185 -18.37 -27.63 13.75
N ASN C 186 -19.43 -26.87 13.98
CA ASN C 186 -19.89 -25.86 13.05
C ASN C 186 -18.80 -24.86 12.79
N SER C 187 -18.09 -24.40 13.81
CA SER C 187 -17.04 -23.39 13.61
C SER C 187 -15.85 -23.91 12.80
N ILE C 188 -15.35 -25.08 13.16
CA ILE C 188 -14.22 -25.70 12.46
C ILE C 188 -14.58 -26.16 11.05
N LEU C 189 -15.86 -26.35 10.83
CA LEU C 189 -16.33 -26.68 9.51
C LEU C 189 -16.22 -25.45 8.64
N THR C 190 -16.97 -24.39 8.97
CA THR C 190 -17.04 -23.14 8.15
C THR C 190 -15.67 -22.54 7.93
N THR C 191 -15.06 -22.12 9.03
CA THR C 191 -13.68 -21.62 9.12
C THR C 191 -12.68 -22.27 8.14
N HIS C 192 -12.97 -23.50 7.71
CA HIS C 192 -12.13 -24.21 6.77
C HIS C 192 -12.50 -23.86 5.35
N THR C 193 -13.79 -23.93 5.03
CA THR C 193 -14.25 -23.66 3.66
C THR C 193 -14.16 -22.19 3.42
N THR C 194 -14.33 -21.47 4.52
CA THR C 194 -14.46 -20.02 4.54
C THR C 194 -13.13 -19.27 4.34
N LEU C 195 -12.04 -19.84 4.85
CA LEU C 195 -10.79 -19.10 5.03
C LEU C 195 -10.02 -18.83 3.74
N GLU C 196 -10.22 -19.60 2.69
CA GLU C 196 -9.52 -19.21 1.47
C GLU C 196 -10.31 -18.20 0.62
N HIS C 197 -11.53 -17.90 1.06
CA HIS C 197 -12.40 -16.93 0.38
C HIS C 197 -12.54 -15.66 1.20
N SER C 198 -11.79 -15.57 2.29
CA SER C 198 -11.83 -14.39 3.16
C SER C 198 -10.52 -13.58 3.06
N ASP C 199 -10.54 -12.32 3.49
CA ASP C 199 -9.35 -11.48 3.36
C ASP C 199 -8.71 -11.09 4.67
N CYS C 200 -9.52 -10.65 5.61
CA CYS C 200 -9.05 -10.40 6.96
C CYS C 200 -10.28 -10.57 7.80
N ALA C 201 -10.14 -11.15 8.98
CA ALA C 201 -11.31 -11.56 9.78
C ALA C 201 -11.21 -11.30 11.30
N PHE C 202 -12.08 -10.43 11.78
CA PHE C 202 -12.06 -10.08 13.18
C PHE C 202 -12.88 -11.06 13.99
N MET C 203 -12.24 -11.87 14.80
CA MET C 203 -12.99 -12.73 15.66
C MET C 203 -13.46 -11.92 16.86
N VAL C 204 -14.62 -12.25 17.41
CA VAL C 204 -15.09 -11.64 18.66
C VAL C 204 -15.55 -12.73 19.63
N ASP C 205 -14.79 -12.92 20.70
CA ASP C 205 -15.07 -13.99 21.68
C ASP C 205 -16.17 -13.58 22.65
N ASN C 206 -17.32 -14.19 22.47
CA ASN C 206 -18.45 -13.87 23.32
C ASN C 206 -18.01 -13.81 24.79
N GLU C 207 -17.28 -14.83 25.22
CA GLU C 207 -16.82 -14.95 26.61
C GLU C 207 -16.09 -13.68 27.04
N ALA C 208 -15.20 -13.16 26.21
CA ALA C 208 -14.43 -11.96 26.56
C ALA C 208 -15.34 -10.74 26.68
N ILE C 209 -16.41 -10.71 25.88
CA ILE C 209 -17.38 -9.61 25.94
C ILE C 209 -18.24 -9.73 27.19
N TYR C 210 -18.82 -10.92 27.37
CA TYR C 210 -19.49 -11.28 28.62
C TYR C 210 -18.62 -10.87 29.80
N ASP C 211 -17.31 -11.03 29.62
CA ASP C 211 -16.34 -10.76 30.65
C ASP C 211 -16.26 -9.28 30.94
N ILE C 212 -16.12 -8.49 29.89
CA ILE C 212 -15.98 -7.07 30.05
C ILE C 212 -17.16 -6.51 30.84
N CYS C 213 -18.36 -6.92 30.50
CA CYS C 213 -19.57 -6.42 31.15
C CYS C 213 -19.67 -6.76 32.63
N ARG C 214 -19.22 -7.97 32.97
CA ARG C 214 -19.28 -8.45 34.34
C ARG C 214 -18.25 -7.76 35.24
N ARG C 215 -17.14 -7.33 34.63
CA ARG C 215 -16.11 -6.60 35.37
C ARG C 215 -16.34 -5.09 35.26
N ASN C 216 -16.50 -4.61 34.03
CA ASN C 216 -16.41 -3.17 33.76
C ASN C 216 -17.72 -2.41 33.76
N LEU C 217 -18.84 -3.14 33.70
CA LEU C 217 -20.14 -2.51 33.60
C LEU C 217 -21.04 -2.80 34.79
N ASP C 218 -20.61 -3.72 35.64
CA ASP C 218 -21.34 -4.08 36.86
C ASP C 218 -22.66 -4.85 36.59
N ILE C 219 -22.83 -5.31 35.35
CA ILE C 219 -24.02 -6.08 34.95
C ILE C 219 -23.93 -7.49 35.54
N GLU C 220 -24.95 -7.89 36.29
CA GLU C 220 -24.94 -9.19 36.93
C GLU C 220 -24.77 -10.36 35.94
N ARG C 221 -25.82 -10.69 35.18
CA ARG C 221 -25.72 -11.68 34.10
C ARG C 221 -26.21 -11.05 32.82
N PRO C 222 -25.28 -10.62 31.97
CA PRO C 222 -25.55 -9.70 30.85
C PRO C 222 -26.31 -10.27 29.65
N THR C 223 -27.22 -9.48 29.10
CA THR C 223 -28.11 -9.87 28.01
C THR C 223 -27.34 -9.94 26.71
N TYR C 224 -28.02 -10.39 25.65
CA TYR C 224 -27.49 -10.36 24.30
C TYR C 224 -27.38 -8.92 23.82
N THR C 225 -28.46 -8.19 23.95
CA THR C 225 -28.50 -6.78 23.60
C THR C 225 -27.61 -5.92 24.52
N ASN C 226 -27.19 -6.52 25.64
CA ASN C 226 -26.11 -5.98 26.45
C ASN C 226 -24.78 -6.14 25.68
N LEU C 227 -24.52 -7.35 25.22
CA LEU C 227 -23.28 -7.70 24.55
C LEU C 227 -23.15 -6.99 23.23
N ASN C 228 -24.27 -6.76 22.58
CA ASN C 228 -24.26 -6.23 21.22
C ASN C 228 -23.89 -4.78 21.18
N ARG C 229 -24.39 -4.02 22.15
CA ARG C 229 -24.03 -2.60 22.28
C ARG C 229 -22.53 -2.40 22.36
N LEU C 230 -21.84 -3.36 22.99
CA LEU C 230 -20.38 -3.35 23.17
C LEU C 230 -19.67 -3.65 21.87
N ILE C 231 -20.14 -4.66 21.18
CA ILE C 231 -19.56 -5.04 19.91
C ILE C 231 -19.87 -3.94 18.89
N GLY C 232 -21.09 -3.43 18.94
CA GLY C 232 -21.51 -2.30 18.13
C GLY C 232 -20.49 -1.19 18.21
N GLN C 233 -20.05 -0.88 19.42
CA GLN C 233 -19.07 0.17 19.65
C GLN C 233 -17.73 -0.17 19.02
N ILE C 234 -17.33 -1.44 19.11
CA ILE C 234 -16.00 -1.86 18.67
C ILE C 234 -15.92 -1.82 17.16
N VAL C 235 -16.90 -2.45 16.51
CA VAL C 235 -16.99 -2.49 15.06
C VAL C 235 -16.97 -1.10 14.50
N SER C 236 -17.80 -0.24 15.06
CA SER C 236 -17.89 1.14 14.62
C SER C 236 -16.58 1.90 14.79
N SER C 237 -15.69 1.41 15.65
CA SER C 237 -14.41 2.06 15.80
C SER C 237 -13.44 1.49 14.78
N ILE C 238 -13.76 0.31 14.26
CA ILE C 238 -12.96 -0.28 13.20
C ILE C 238 -13.36 0.33 11.90
N THR C 239 -14.67 0.36 11.64
CA THR C 239 -15.18 0.86 10.37
C THR C 239 -14.99 2.36 10.27
N ALA C 240 -14.80 2.97 11.43
CA ALA C 240 -14.64 4.42 11.58
C ALA C 240 -13.78 5.09 10.47
N SER C 241 -12.64 4.46 10.16
CA SER C 241 -11.70 4.98 9.17
C SER C 241 -12.36 5.33 7.82
N LEU C 242 -13.22 4.45 7.33
CA LEU C 242 -13.81 4.62 5.99
C LEU C 242 -15.16 5.29 5.94
N ARG C 243 -15.62 5.86 7.06
CA ARG C 243 -16.97 6.43 7.13
C ARG C 243 -17.00 7.94 7.22
N PHE C 244 -16.05 8.50 7.96
CA PHE C 244 -15.92 9.94 8.07
C PHE C 244 -14.78 10.39 7.19
N ASP C 245 -14.11 9.38 6.62
CA ASP C 245 -12.79 9.53 6.00
C ASP C 245 -11.74 9.88 7.11
N GLY C 246 -10.90 8.89 7.46
CA GLY C 246 -9.83 9.05 8.45
C GLY C 246 -8.48 9.58 7.92
N ALA C 247 -7.79 10.44 8.71
CA ALA C 247 -6.41 10.92 8.42
C ALA C 247 -5.36 9.74 8.35
N LEU C 248 -5.78 8.50 8.72
CA LEU C 248 -5.27 7.18 8.20
C LEU C 248 -6.34 6.05 8.22
N ASN C 249 -5.99 4.95 7.55
CA ASN C 249 -6.77 3.70 7.34
C ASN C 249 -7.85 3.79 6.20
N VAL C 250 -7.64 4.80 5.33
CA VAL C 250 -8.64 5.41 4.39
C VAL C 250 -9.17 4.59 3.16
N ASP C 251 -8.70 3.33 3.03
CA ASP C 251 -9.19 2.32 2.03
C ASP C 251 -8.97 0.81 2.51
N LEU C 252 -9.74 -0.14 1.94
CA LEU C 252 -9.76 -1.53 2.43
C LEU C 252 -8.40 -2.25 2.36
N THR C 253 -7.75 -2.21 1.20
CA THR C 253 -6.31 -2.54 1.10
C THR C 253 -5.46 -1.91 2.26
N GLU C 254 -5.03 -0.64 2.08
CA GLU C 254 -4.05 0.01 2.98
C GLU C 254 -4.58 0.19 4.41
N PHE C 255 -5.84 -0.18 4.58
CA PHE C 255 -6.38 -0.36 5.89
C PHE C 255 -5.67 -1.63 6.44
N GLN C 256 -5.56 -2.67 5.59
CA GLN C 256 -5.19 -4.04 6.02
C GLN C 256 -3.87 -4.65 5.47
N THR C 257 -3.48 -4.31 4.25
CA THR C 257 -2.09 -4.35 3.84
C THR C 257 -1.22 -4.20 5.08
N ASN C 258 -1.84 -3.60 6.08
CA ASN C 258 -1.24 -3.32 7.37
C ASN C 258 -1.26 -4.51 8.32
N LEU C 259 -2.33 -5.30 8.24
CA LEU C 259 -2.63 -6.29 9.26
C LEU C 259 -2.23 -7.71 8.94
N VAL C 260 -2.37 -8.12 7.69
CA VAL C 260 -2.10 -9.51 7.33
C VAL C 260 -0.84 -9.71 6.52
N PRO C 261 0.17 -10.26 7.17
CA PRO C 261 1.44 -10.46 6.49
C PRO C 261 1.35 -11.68 5.61
N TYR C 262 0.58 -12.66 6.03
CA TYR C 262 0.50 -13.90 5.30
C TYR C 262 -0.94 -14.29 4.94
N PRO C 263 -1.14 -14.89 3.76
CA PRO C 263 -2.48 -15.07 3.19
C PRO C 263 -3.42 -15.65 4.22
N ARG C 264 -2.98 -16.70 4.87
CA ARG C 264 -3.77 -17.41 5.87
C ARG C 264 -4.00 -16.55 7.09
N ILE C 265 -3.00 -16.31 7.92
CA ILE C 265 -3.13 -15.45 9.10
C ILE C 265 -3.94 -14.14 8.92
N HIS C 266 -5.26 -14.19 9.02
CA HIS C 266 -6.12 -12.99 8.96
C HIS C 266 -6.31 -12.38 10.33
N PHE C 267 -6.38 -13.23 11.34
CA PHE C 267 -7.18 -12.91 12.48
C PHE C 267 -6.44 -11.97 13.39
N PRO C 268 -6.86 -10.73 13.35
CA PRO C 268 -6.29 -9.72 14.21
C PRO C 268 -7.02 -9.77 15.53
N LEU C 269 -6.38 -9.30 16.59
CA LEU C 269 -6.93 -9.25 17.92
C LEU C 269 -7.34 -7.80 18.17
N ALA C 270 -8.59 -7.55 18.55
CA ALA C 270 -9.04 -6.18 18.85
C ALA C 270 -9.06 -5.87 20.35
N THR C 271 -9.01 -4.60 20.75
CA THR C 271 -9.03 -4.24 22.17
C THR C 271 -9.64 -2.85 22.28
N TYR C 272 -10.81 -2.73 22.89
CA TYR C 272 -11.43 -1.41 22.97
C TYR C 272 -11.04 -0.69 24.25
N ALA C 273 -10.86 0.62 24.15
CA ALA C 273 -10.19 1.40 25.20
C ALA C 273 -10.99 1.69 26.47
N PRO C 274 -11.74 2.79 26.52
CA PRO C 274 -12.42 3.15 27.77
C PRO C 274 -13.86 2.65 27.76
N VAL C 275 -14.06 1.46 28.31
CA VAL C 275 -15.40 0.97 28.60
C VAL C 275 -15.67 1.37 30.04
N ILE C 276 -16.49 2.39 30.20
CA ILE C 276 -16.88 2.82 31.54
C ILE C 276 -18.34 3.26 31.58
N SER C 277 -19.03 2.83 32.65
CA SER C 277 -20.48 2.88 32.77
C SER C 277 -21.05 4.18 33.31
N ALA C 278 -21.99 4.77 32.58
CA ALA C 278 -22.73 5.94 33.06
C ALA C 278 -23.41 5.60 34.38
N GLU C 279 -23.77 6.62 35.16
CA GLU C 279 -24.41 6.46 36.47
C GLU C 279 -23.57 5.65 37.44
N GLN C 285 -12.41 12.38 33.45
CA GLN C 285 -12.24 11.33 32.44
C GLN C 285 -10.77 10.99 32.15
N LEU C 286 -10.57 9.84 31.48
CA LEU C 286 -9.24 9.20 31.40
C LEU C 286 -8.26 9.90 30.48
N SER C 287 -6.98 9.77 30.84
CA SER C 287 -5.86 10.42 30.14
C SER C 287 -5.39 9.69 28.88
N VAL C 288 -5.02 10.48 27.86
CA VAL C 288 -4.51 9.95 26.61
C VAL C 288 -3.52 8.79 26.84
N ALA C 289 -2.61 9.00 27.78
CA ALA C 289 -1.67 7.97 28.18
C ALA C 289 -2.38 6.69 28.67
N GLU C 290 -3.23 6.83 29.68
CA GLU C 290 -3.79 5.69 30.42
C GLU C 290 -4.58 4.73 29.54
N ILE C 291 -5.28 5.27 28.54
CA ILE C 291 -6.14 4.44 27.70
C ILE C 291 -5.34 3.58 26.77
N THR C 292 -4.27 4.15 26.24
CA THR C 292 -3.32 3.39 25.46
C THR C 292 -2.75 2.26 26.28
N ASN C 293 -2.40 2.57 27.53
CA ASN C 293 -1.86 1.59 28.49
C ASN C 293 -2.92 0.59 28.98
N ALA C 294 -4.14 0.67 28.42
CA ALA C 294 -5.20 -0.28 28.70
C ALA C 294 -5.26 -1.34 27.61
N CYS C 295 -5.08 -0.91 26.37
CA CYS C 295 -5.09 -1.78 25.17
C CYS C 295 -4.25 -3.03 25.33
N PHE C 296 -3.21 -2.88 26.14
CA PHE C 296 -2.29 -3.96 26.42
C PHE C 296 -2.60 -4.44 27.84
N GLU C 297 -3.82 -4.96 27.98
CA GLU C 297 -4.28 -5.55 29.23
C GLU C 297 -5.23 -6.70 28.89
N PRO C 298 -4.77 -7.94 29.11
CA PRO C 298 -5.53 -9.16 28.78
C PRO C 298 -7.04 -9.12 29.11
N ALA C 299 -7.41 -8.31 30.13
CA ALA C 299 -8.80 -8.12 30.56
C ALA C 299 -9.65 -7.45 29.47
N ASN C 300 -9.16 -6.30 29.00
CA ASN C 300 -9.82 -5.42 28.03
C ASN C 300 -9.79 -5.95 26.60
N GLN C 301 -9.23 -7.15 26.44
CA GLN C 301 -9.12 -7.84 25.16
C GLN C 301 -10.46 -8.19 24.54
N MET C 302 -10.39 -8.81 23.38
CA MET C 302 -11.57 -9.07 22.58
C MET C 302 -11.72 -10.52 22.25
N VAL C 303 -10.64 -11.27 22.45
CA VAL C 303 -10.62 -12.71 22.34
C VAL C 303 -9.83 -13.24 23.56
N LYS C 304 -10.46 -14.13 24.33
CA LYS C 304 -9.85 -14.66 25.55
C LYS C 304 -8.55 -15.40 25.20
N CYS C 305 -7.41 -14.80 25.54
CA CYS C 305 -6.10 -15.45 25.40
C CYS C 305 -5.05 -14.79 26.31
N ASP C 306 -3.79 -14.72 25.83
CA ASP C 306 -2.67 -14.09 26.54
C ASP C 306 -1.54 -13.74 25.55
N PRO C 307 -1.49 -12.48 25.09
CA PRO C 307 -0.48 -12.01 24.14
C PRO C 307 0.83 -11.50 24.76
N ARG C 308 0.93 -11.59 26.08
CA ARG C 308 2.17 -11.27 26.79
C ARG C 308 3.21 -12.36 26.56
N HIS C 309 2.75 -13.53 26.10
CA HIS C 309 3.64 -14.67 25.80
C HIS C 309 3.74 -15.07 24.29
N GLY C 310 2.73 -14.75 23.49
CA GLY C 310 2.86 -14.86 22.04
C GLY C 310 3.57 -13.63 21.45
N LYS C 311 4.18 -13.77 20.27
CA LYS C 311 4.84 -12.63 19.60
C LYS C 311 3.81 -11.79 18.85
N TYR C 312 4.03 -10.48 18.84
CA TYR C 312 3.27 -9.56 17.98
C TYR C 312 3.95 -9.53 16.61
N MET C 313 3.16 -9.39 15.55
CA MET C 313 3.72 -9.32 14.20
C MET C 313 3.17 -8.20 13.31
N ALA C 314 2.13 -7.53 13.80
CA ALA C 314 1.64 -6.29 13.19
C ALA C 314 0.69 -5.58 14.14
N CYS C 315 1.02 -4.32 14.44
CA CYS C 315 0.28 -3.55 15.43
C CYS C 315 -0.25 -2.20 14.92
N CYS C 316 -1.58 -2.04 15.03
CA CYS C 316 -2.28 -0.79 14.75
C CYS C 316 -2.82 -0.10 16.02
N LEU C 317 -2.90 1.22 16.01
CA LEU C 317 -3.60 1.93 17.06
C LEU C 317 -4.60 2.84 16.41
N LEU C 318 -5.88 2.60 16.69
CA LEU C 318 -6.94 3.44 16.16
C LEU C 318 -7.59 4.33 17.23
N TYR C 319 -7.09 5.56 17.34
CA TYR C 319 -7.62 6.57 18.26
C TYR C 319 -8.86 7.24 17.70
N ARG C 320 -9.73 7.70 18.60
CA ARG C 320 -10.99 8.38 18.26
C ARG C 320 -11.35 9.45 19.29
N GLY C 321 -11.50 10.69 18.85
CA GLY C 321 -11.85 11.80 19.73
C GLY C 321 -10.87 12.98 19.79
N ASP C 322 -10.72 13.55 20.98
CA ASP C 322 -9.87 14.70 21.19
C ASP C 322 -8.47 14.22 21.51
N VAL C 323 -7.59 14.29 20.51
CA VAL C 323 -6.19 13.88 20.66
C VAL C 323 -5.22 14.64 19.72
N VAL C 324 -4.17 15.21 20.30
CA VAL C 324 -3.01 15.69 19.53
C VAL C 324 -1.97 14.57 19.58
N PRO C 325 -1.42 14.21 18.42
CA PRO C 325 -0.37 13.19 18.34
C PRO C 325 0.79 13.44 19.30
N LYS C 326 0.96 14.73 19.64
CA LYS C 326 1.97 15.19 20.59
C LYS C 326 1.89 14.45 21.91
N ASP C 327 0.79 13.72 22.10
CA ASP C 327 0.54 12.94 23.32
C ASP C 327 0.80 11.48 23.05
N VAL C 328 0.20 11.01 21.97
CA VAL C 328 0.22 9.60 21.62
C VAL C 328 1.62 9.05 21.72
N ASN C 329 2.57 9.81 21.21
CA ASN C 329 3.92 9.34 21.12
C ASN C 329 4.53 8.95 22.44
N ALA C 330 4.80 9.94 23.30
CA ALA C 330 5.48 9.71 24.58
C ALA C 330 4.73 8.72 25.47
N ALA C 331 3.43 8.58 25.22
CA ALA C 331 2.62 7.54 25.85
C ALA C 331 3.09 6.16 25.38
N ILE C 332 3.17 5.96 24.06
CA ILE C 332 3.74 4.73 23.48
C ILE C 332 5.14 4.48 24.01
N ALA C 333 5.96 5.54 24.04
CA ALA C 333 7.35 5.44 24.45
C ALA C 333 7.50 4.62 25.72
N THR C 334 6.68 4.94 26.72
CA THR C 334 6.71 4.25 28.02
C THR C 334 5.74 3.06 28.09
N ILE C 335 5.23 2.63 26.92
CA ILE C 335 4.68 1.29 26.75
C ILE C 335 5.84 0.31 26.48
N LYS C 336 6.94 0.83 25.90
CA LYS C 336 8.13 0.03 25.57
C LYS C 336 9.20 -0.09 26.69
N THR C 337 9.30 0.95 27.53
CA THR C 337 10.22 0.95 28.68
C THR C 337 9.57 0.51 30.01
N LYS C 338 8.26 0.17 29.97
CA LYS C 338 7.59 -0.40 31.14
C LYS C 338 7.10 -1.82 30.86
N ARG C 339 6.25 -1.98 29.86
CA ARG C 339 5.64 -3.26 29.58
C ARG C 339 6.42 -4.17 28.60
N THR C 340 5.74 -5.23 28.14
CA THR C 340 6.27 -6.30 27.28
C THR C 340 6.18 -5.99 25.77
N ILE C 341 7.27 -5.39 25.29
CA ILE C 341 7.57 -5.14 23.89
C ILE C 341 6.98 -6.22 22.96
N GLN C 342 7.62 -7.39 22.92
CA GLN C 342 7.06 -8.62 22.37
C GLN C 342 6.92 -8.67 20.85
N PHE C 343 7.99 -8.34 20.13
CA PHE C 343 7.93 -8.34 18.66
C PHE C 343 8.56 -9.50 17.91
N VAL C 344 8.05 -9.75 16.70
CA VAL C 344 8.49 -10.88 15.88
C VAL C 344 9.88 -10.65 15.31
N ASP C 345 10.48 -11.72 14.79
CA ASP C 345 11.84 -11.72 14.25
C ASP C 345 12.12 -10.68 13.14
N TRP C 346 11.09 -10.35 12.36
CA TRP C 346 11.34 -9.76 11.04
C TRP C 346 10.44 -8.62 10.53
N CYS C 347 9.64 -8.00 11.40
CA CYS C 347 8.83 -6.85 10.94
C CYS C 347 9.00 -5.64 11.85
N PRO C 348 9.34 -4.46 11.30
CA PRO C 348 9.77 -3.25 12.06
C PRO C 348 9.61 -3.27 13.61
N THR C 349 8.87 -2.33 14.20
CA THR C 349 8.26 -2.47 15.54
C THR C 349 6.98 -1.64 15.50
N GLY C 350 6.19 -1.90 14.45
CA GLY C 350 4.82 -1.43 14.24
C GLY C 350 4.37 -0.05 14.67
N PHE C 351 3.08 0.03 14.97
CA PHE C 351 2.39 1.28 15.36
C PHE C 351 2.13 2.26 14.22
N LYS C 352 1.30 1.80 13.27
CA LYS C 352 0.52 2.66 12.38
C LYS C 352 -0.58 3.26 13.27
N VAL C 353 -0.60 4.59 13.35
CA VAL C 353 -1.43 5.28 14.32
C VAL C 353 -2.49 6.10 13.62
N GLY C 354 -3.74 5.84 13.96
CA GLY C 354 -4.87 6.42 13.24
C GLY C 354 -5.72 7.37 14.06
N ILE C 355 -5.59 8.66 13.74
CA ILE C 355 -6.32 9.73 14.44
C ILE C 355 -7.61 10.09 13.71
N ASN C 356 -8.73 9.99 14.44
CA ASN C 356 -10.04 10.47 13.99
C ASN C 356 -10.68 11.41 15.01
N TYR C 357 -10.77 12.70 14.67
CA TYR C 357 -11.21 13.75 15.60
C TYR C 357 -12.66 13.66 16.05
N GLN C 358 -13.43 12.83 15.36
CA GLN C 358 -14.84 12.64 15.70
C GLN C 358 -15.06 11.96 17.06
N PRO C 359 -15.50 12.75 18.05
CA PRO C 359 -15.73 12.22 19.41
C PRO C 359 -16.74 11.06 19.38
N PRO C 360 -16.43 10.04 20.17
CA PRO C 360 -17.26 8.82 20.23
C PRO C 360 -18.65 8.98 20.88
N THR C 361 -19.71 8.62 20.13
CA THR C 361 -21.09 8.66 20.63
C THR C 361 -21.53 7.29 21.11
N VAL C 362 -22.22 7.31 22.25
CA VAL C 362 -22.76 6.09 22.84
C VAL C 362 -24.27 6.14 22.76
N VAL C 363 -24.86 4.95 22.85
CA VAL C 363 -26.31 4.73 22.78
C VAL C 363 -27.03 5.36 23.98
N PRO C 364 -28.12 6.11 23.73
CA PRO C 364 -28.62 7.17 24.66
C PRO C 364 -28.87 6.73 26.10
N GLY C 365 -29.79 5.78 26.28
CA GLY C 365 -30.01 5.15 27.58
C GLY C 365 -29.31 3.81 27.68
N GLY C 366 -28.11 3.74 27.09
CA GLY C 366 -27.27 2.54 27.05
C GLY C 366 -26.57 2.26 28.37
N ASP C 367 -25.39 1.63 28.33
CA ASP C 367 -24.72 1.18 29.55
C ASP C 367 -23.45 1.97 29.87
N LEU C 368 -22.81 2.43 28.80
CA LEU C 368 -21.52 3.12 28.79
C LEU C 368 -21.76 4.64 28.73
N ALA C 369 -20.73 5.43 29.02
CA ALA C 369 -20.91 6.88 29.00
C ALA C 369 -20.20 7.52 27.83
N LYS C 370 -20.58 8.77 27.55
CA LYS C 370 -19.91 9.62 26.56
C LYS C 370 -18.44 9.81 26.93
N VAL C 371 -17.51 9.34 26.08
CA VAL C 371 -16.08 9.54 26.39
C VAL C 371 -15.38 10.56 25.49
N GLN C 372 -14.43 11.29 26.08
CA GLN C 372 -13.67 12.32 25.38
C GLN C 372 -12.78 11.69 24.31
N ARG C 373 -12.07 10.63 24.71
CA ARG C 373 -11.10 9.95 23.87
C ARG C 373 -11.21 8.43 24.08
N ALA C 374 -11.11 7.68 22.99
CA ALA C 374 -11.16 6.22 23.02
C ALA C 374 -10.14 5.61 22.06
N VAL C 375 -9.55 4.49 22.46
CA VAL C 375 -8.49 3.84 21.68
C VAL C 375 -8.93 2.45 21.18
N CYS C 376 -8.28 1.92 20.14
CA CYS C 376 -8.74 0.68 19.54
C CYS C 376 -7.78 -0.46 19.13
N MET C 377 -6.48 -0.20 19.04
CA MET C 377 -5.50 -1.29 18.92
C MET C 377 -5.91 -2.54 18.16
N LEU C 378 -5.44 -2.65 16.91
CA LEU C 378 -5.61 -3.87 16.14
C LEU C 378 -4.29 -4.60 15.97
N SER C 379 -4.15 -5.69 16.72
CA SER C 379 -2.91 -6.43 16.79
C SER C 379 -3.00 -7.81 16.14
N ASN C 380 -2.02 -8.12 15.29
CA ASN C 380 -1.91 -9.46 14.72
C ASN C 380 -0.87 -10.27 15.47
N THR C 381 -1.26 -10.78 16.63
CA THR C 381 -0.37 -11.59 17.46
C THR C 381 -0.59 -13.08 17.25
N THR C 382 0.44 -13.84 17.59
CA THR C 382 0.40 -15.27 17.41
C THR C 382 -0.27 -15.92 18.60
N ALA C 383 -0.70 -15.11 19.56
CA ALA C 383 -1.34 -15.69 20.73
C ALA C 383 -2.84 -15.83 20.52
N ILE C 384 -3.34 -15.32 19.39
CA ILE C 384 -4.75 -15.49 19.09
C ILE C 384 -5.05 -16.90 18.59
N ALA C 385 -4.00 -17.69 18.35
CA ALA C 385 -4.16 -19.10 18.03
C ALA C 385 -4.46 -19.95 19.28
N GLU C 386 -4.45 -19.30 20.44
CA GLU C 386 -4.81 -19.92 21.70
C GLU C 386 -6.24 -20.39 21.63
N ALA C 387 -7.07 -19.57 20.99
CA ALA C 387 -8.48 -19.85 20.86
C ALA C 387 -8.71 -20.66 19.62
N TRP C 388 -7.67 -20.81 18.83
CA TRP C 388 -7.79 -21.73 17.72
C TRP C 388 -7.74 -23.17 18.19
N ALA C 389 -7.06 -23.42 19.30
CA ALA C 389 -6.99 -24.77 19.88
C ALA C 389 -8.08 -24.99 20.92
N ARG C 390 -8.30 -23.98 21.76
CA ARG C 390 -9.31 -24.06 22.81
C ARG C 390 -10.61 -24.47 22.18
N LEU C 391 -10.72 -24.20 20.89
CA LEU C 391 -11.79 -24.73 20.08
C LEU C 391 -11.47 -26.14 19.66
N ASP C 392 -10.56 -26.27 18.71
CA ASP C 392 -10.11 -27.57 18.21
C ASP C 392 -10.31 -28.68 19.21
N HIS C 393 -9.78 -28.48 20.42
CA HIS C 393 -9.79 -29.52 21.47
C HIS C 393 -11.18 -30.08 21.74
N LYS C 394 -12.17 -29.19 21.75
CA LYS C 394 -13.56 -29.62 21.89
C LYS C 394 -13.94 -30.49 20.70
N PHE C 395 -13.72 -29.96 19.51
CA PHE C 395 -13.99 -30.68 18.28
C PHE C 395 -13.36 -32.06 18.22
N ASP C 396 -12.07 -32.14 18.54
CA ASP C 396 -11.33 -33.40 18.65
C ASP C 396 -12.01 -34.41 19.57
N LEU C 397 -12.26 -33.97 20.80
CA LEU C 397 -12.64 -34.82 21.92
C LEU C 397 -14.06 -35.32 21.74
N MET C 398 -14.73 -34.78 20.73
CA MET C 398 -16.05 -35.22 20.33
C MET C 398 -15.97 -36.17 19.14
N TYR C 399 -15.46 -35.68 18.01
CA TYR C 399 -15.37 -36.47 16.78
C TYR C 399 -14.75 -37.83 17.05
N ALA C 400 -13.93 -37.87 18.09
CA ALA C 400 -13.31 -39.08 18.58
C ALA C 400 -14.31 -40.20 18.88
N LYS C 401 -15.58 -39.82 19.04
CA LYS C 401 -16.60 -40.79 19.38
C LYS C 401 -17.72 -40.73 18.36
N ARG C 402 -17.47 -39.97 17.28
CA ARG C 402 -18.47 -39.60 16.28
C ARG C 402 -19.55 -38.74 16.89
N ALA C 403 -19.46 -38.57 18.20
CA ALA C 403 -20.36 -37.72 18.96
C ALA C 403 -21.64 -37.35 18.22
N PHE C 404 -21.64 -36.18 17.56
CA PHE C 404 -22.86 -35.67 16.99
C PHE C 404 -22.96 -35.79 15.48
N VAL C 405 -21.87 -36.30 14.92
CA VAL C 405 -21.74 -36.47 13.48
C VAL C 405 -23.00 -36.82 12.73
N HIS C 406 -23.71 -37.83 13.21
CA HIS C 406 -24.73 -38.46 12.41
C HIS C 406 -25.82 -37.47 12.00
N TRP C 407 -25.90 -36.33 12.68
CA TRP C 407 -26.86 -35.30 12.27
C TRP C 407 -26.45 -34.64 10.94
N TYR C 408 -25.18 -34.79 10.60
CA TYR C 408 -24.56 -34.14 9.45
C TYR C 408 -24.56 -35.06 8.25
N VAL C 409 -23.93 -36.22 8.40
CA VAL C 409 -24.05 -37.28 7.42
C VAL C 409 -25.53 -37.39 7.01
N GLY C 410 -26.40 -37.08 7.96
CA GLY C 410 -27.84 -37.15 7.80
C GLY C 410 -28.33 -36.19 6.76
N GLU C 411 -28.09 -34.89 6.97
CA GLU C 411 -28.51 -33.86 6.03
C GLU C 411 -27.82 -33.97 4.69
N GLY C 412 -26.63 -34.54 4.66
CA GLY C 412 -26.10 -34.99 3.39
C GLY C 412 -24.61 -35.08 3.36
N MET C 413 -23.95 -34.76 4.47
CA MET C 413 -22.52 -34.53 4.43
C MET C 413 -21.66 -35.77 4.47
N GLU C 414 -20.34 -35.57 4.37
CA GLU C 414 -19.39 -36.66 4.27
C GLU C 414 -18.58 -36.84 5.53
N GLU C 415 -18.62 -38.05 6.06
CA GLU C 415 -17.77 -38.45 7.16
C GLU C 415 -16.35 -37.87 7.02
N GLY C 416 -15.83 -37.87 5.78
CA GLY C 416 -14.48 -37.43 5.48
C GLY C 416 -14.24 -35.92 5.40
N GLU C 417 -15.31 -35.16 5.21
CA GLU C 417 -15.23 -33.69 5.12
C GLU C 417 -14.92 -33.06 6.47
N PHE C 418 -15.29 -33.77 7.54
CA PHE C 418 -14.95 -33.44 8.91
C PHE C 418 -13.47 -33.63 9.17
N SER C 419 -12.98 -34.84 8.93
CA SER C 419 -11.57 -35.18 9.01
C SER C 419 -10.78 -34.04 8.44
N GLU C 420 -11.16 -33.70 7.20
CA GLU C 420 -10.52 -32.74 6.32
C GLU C 420 -10.46 -31.29 6.81
N ALA C 421 -11.44 -30.90 7.61
CA ALA C 421 -11.45 -29.54 8.11
C ALA C 421 -10.57 -29.46 9.31
N ARG C 422 -10.61 -30.49 10.16
CA ARG C 422 -9.74 -30.56 11.33
C ARG C 422 -8.31 -30.59 10.84
N GLU C 423 -8.12 -31.22 9.68
CA GLU C 423 -6.81 -31.23 9.00
C GLU C 423 -6.28 -29.81 8.76
N ASP C 424 -7.20 -28.91 8.43
CA ASP C 424 -6.84 -27.53 8.13
C ASP C 424 -6.40 -26.71 9.34
N MET C 425 -7.17 -26.79 10.42
CA MET C 425 -6.78 -26.13 11.69
C MET C 425 -5.47 -26.65 12.22
N ALA C 426 -5.28 -27.97 12.16
CA ALA C 426 -4.03 -28.59 12.55
C ALA C 426 -2.87 -27.91 11.84
N ALA C 427 -2.96 -27.84 10.51
CA ALA C 427 -1.97 -27.16 9.66
C ALA C 427 -1.87 -25.65 9.91
N LEU C 428 -3.02 -24.99 10.17
CA LEU C 428 -3.05 -23.59 10.57
C LEU C 428 -2.38 -23.37 11.93
N GLU C 429 -2.92 -24.00 12.98
CA GLU C 429 -2.31 -24.06 14.31
C GLU C 429 -0.79 -24.21 14.24
N LYS C 430 -0.33 -24.79 13.12
CA LYS C 430 1.08 -25.01 12.78
C LYS C 430 1.75 -23.77 12.22
N ASP C 431 1.12 -23.12 11.23
CA ASP C 431 1.64 -21.87 10.66
C ASP C 431 1.85 -20.83 11.77
N TYR C 432 0.84 -20.71 12.62
CA TYR C 432 0.85 -19.78 13.73
C TYR C 432 1.98 -20.04 14.74
N GLU C 433 2.31 -21.31 14.96
CA GLU C 433 3.46 -21.68 15.79
C GLU C 433 4.76 -21.42 15.05
N GLU C 434 4.69 -21.54 13.72
CA GLU C 434 5.83 -21.40 12.79
C GLU C 434 6.27 -19.96 12.50
N VAL C 435 5.66 -19.00 13.17
CA VAL C 435 6.02 -17.62 12.97
C VAL C 435 6.89 -17.08 14.14
N GLY C 436 7.08 -17.87 15.19
CA GLY C 436 7.97 -17.50 16.28
C GLY C 436 9.46 -17.59 15.96
N VAL C 437 10.21 -16.55 16.33
CA VAL C 437 11.68 -16.46 16.29
C VAL C 437 12.44 -17.03 15.07
N ASP C 438 13.74 -17.23 15.27
CA ASP C 438 14.68 -17.68 14.23
C ASP C 438 15.74 -18.64 14.75
N ARG D 2 -42.20 -23.93 15.09
CA ARG D 2 -42.93 -23.12 14.06
C ARG D 2 -44.41 -23.49 14.07
N GLU D 3 -44.73 -24.73 14.50
CA GLU D 3 -46.08 -25.32 14.49
C GLU D 3 -46.00 -26.81 14.73
N ILE D 4 -46.77 -27.34 15.69
CA ILE D 4 -46.76 -28.79 16.03
C ILE D 4 -48.11 -29.48 16.26
N VAL D 5 -48.33 -30.67 15.68
CA VAL D 5 -49.56 -31.42 15.91
C VAL D 5 -49.38 -32.55 16.87
N HIS D 6 -50.51 -33.00 17.38
CA HIS D 6 -50.54 -33.90 18.50
C HIS D 6 -51.46 -35.11 18.28
N ILE D 7 -50.86 -36.30 18.36
CA ILE D 7 -51.61 -37.53 18.29
C ILE D 7 -51.59 -38.16 19.66
N GLN D 8 -52.76 -38.59 20.08
CA GLN D 8 -52.97 -39.02 21.45
C GLN D 8 -53.84 -40.26 21.44
N ALA D 9 -53.21 -41.42 21.50
CA ALA D 9 -53.89 -42.67 21.20
C ALA D 9 -53.81 -43.67 22.32
N GLY D 10 -54.96 -44.23 22.66
CA GLY D 10 -55.02 -45.27 23.66
C GLY D 10 -55.54 -44.79 24.99
N GLN D 11 -56.25 -45.67 25.70
CA GLN D 11 -56.80 -45.38 27.02
C GLN D 11 -55.75 -44.65 27.89
N CYS D 12 -54.55 -45.19 27.99
CA CYS D 12 -53.52 -44.52 28.78
C CYS D 12 -53.03 -43.28 28.03
N GLY D 13 -52.73 -43.43 26.75
CA GLY D 13 -52.35 -42.31 25.93
C GLY D 13 -53.36 -41.16 25.99
N ASN D 14 -54.64 -41.48 26.05
CA ASN D 14 -55.69 -40.46 25.92
C ASN D 14 -55.96 -39.70 27.21
N GLN D 15 -56.06 -40.45 28.31
CA GLN D 15 -56.29 -39.88 29.64
C GLN D 15 -55.11 -39.04 30.13
N ILE D 16 -53.92 -39.24 29.54
CA ILE D 16 -52.77 -38.35 29.76
C ILE D 16 -53.03 -37.10 28.97
N GLY D 17 -53.43 -37.33 27.71
CA GLY D 17 -53.58 -36.27 26.72
C GLY D 17 -54.57 -35.26 27.22
N ALA D 18 -55.69 -35.77 27.70
CA ALA D 18 -56.67 -34.90 28.25
C ALA D 18 -56.06 -33.97 29.32
N LYS D 19 -55.39 -34.54 30.32
CA LYS D 19 -54.91 -33.72 31.44
C LYS D 19 -53.85 -32.75 30.94
N PHE D 20 -52.94 -33.23 30.10
CA PHE D 20 -51.96 -32.36 29.46
C PHE D 20 -52.67 -31.13 28.94
N TRP D 21 -53.62 -31.38 28.03
CA TRP D 21 -54.25 -30.31 27.28
C TRP D 21 -54.86 -29.28 28.19
N GLU D 22 -55.63 -29.74 29.18
CA GLU D 22 -56.31 -28.81 30.07
C GLU D 22 -55.34 -28.03 30.98
N VAL D 23 -54.15 -28.59 31.24
CA VAL D 23 -53.15 -27.86 32.02
C VAL D 23 -52.49 -26.78 31.19
N ILE D 24 -52.09 -27.11 29.97
CA ILE D 24 -51.52 -26.11 29.09
C ILE D 24 -52.60 -25.13 28.64
N SER D 25 -53.83 -25.61 28.57
CA SER D 25 -54.93 -24.74 28.18
C SER D 25 -55.21 -23.74 29.25
N ASP D 26 -54.89 -24.09 30.48
CA ASP D 26 -55.00 -23.12 31.54
C ASP D 26 -53.93 -22.07 31.35
N GLU D 27 -52.68 -22.50 31.18
CA GLU D 27 -51.54 -21.56 31.13
C GLU D 27 -51.77 -20.46 30.12
N HIS D 28 -52.34 -20.82 28.97
CA HIS D 28 -52.66 -19.83 27.95
C HIS D 28 -53.97 -19.19 28.26
N GLY D 29 -54.81 -19.91 29.00
CA GLY D 29 -56.10 -19.39 29.43
C GLY D 29 -57.13 -19.49 28.32
N ILE D 30 -57.78 -20.65 28.24
CA ILE D 30 -58.83 -20.85 27.27
C ILE D 30 -60.08 -21.43 27.92
N ASP D 31 -61.20 -20.80 27.62
CA ASP D 31 -62.52 -21.26 28.05
C ASP D 31 -62.67 -22.70 27.59
N PRO D 32 -63.40 -23.52 28.34
CA PRO D 32 -63.76 -24.85 27.90
C PRO D 32 -64.16 -24.90 26.42
N THR D 33 -64.66 -23.78 25.85
CA THR D 33 -64.83 -23.65 24.40
C THR D 33 -64.04 -22.48 23.83
N GLY D 34 -64.49 -21.28 24.18
CA GLY D 34 -64.10 -20.05 23.52
C GLY D 34 -62.63 -19.70 23.54
N SER D 35 -62.40 -18.43 23.85
CA SER D 35 -61.08 -17.84 23.70
C SER D 35 -60.46 -17.39 25.02
N TYR D 36 -59.58 -16.40 24.91
CA TYR D 36 -58.71 -15.98 25.99
C TYR D 36 -59.50 -15.32 27.13
N HIS D 37 -59.14 -15.69 28.35
CA HIS D 37 -59.59 -14.99 29.56
C HIS D 37 -58.45 -15.03 30.59
N GLY D 38 -57.74 -13.91 30.70
CA GLY D 38 -56.59 -13.79 31.60
C GLY D 38 -55.89 -12.45 31.47
N ASP D 39 -55.40 -11.91 32.60
CA ASP D 39 -54.77 -10.60 32.62
C ASP D 39 -53.36 -10.60 32.03
N SER D 40 -52.77 -11.79 31.90
CA SER D 40 -51.49 -11.96 31.20
C SER D 40 -51.68 -11.68 29.68
N ASP D 41 -50.59 -11.49 28.94
CA ASP D 41 -50.70 -11.17 27.50
C ASP D 41 -49.74 -11.97 26.67
N LEU D 42 -48.64 -12.41 27.29
CA LEU D 42 -47.68 -13.32 26.67
C LEU D 42 -48.42 -14.47 25.99
N GLN D 43 -48.73 -15.53 26.75
CA GLN D 43 -49.53 -16.67 26.27
C GLN D 43 -49.60 -16.82 24.75
N LEU D 44 -50.24 -15.84 24.12
CA LEU D 44 -50.61 -15.87 22.69
C LEU D 44 -49.52 -15.71 21.59
N GLU D 45 -48.27 -15.40 21.96
CA GLU D 45 -47.14 -15.35 21.00
C GLU D 45 -46.91 -16.69 20.35
N ARG D 46 -46.98 -17.71 21.19
CA ARG D 46 -46.58 -19.05 20.84
C ARG D 46 -47.75 -20.01 21.06
N ILE D 47 -48.98 -19.48 21.03
CA ILE D 47 -50.21 -20.31 21.09
C ILE D 47 -50.48 -20.84 19.69
N ASN D 48 -49.87 -20.13 18.76
CA ASN D 48 -49.78 -20.52 17.40
C ASN D 48 -49.43 -21.97 17.28
N VAL D 49 -48.50 -22.39 18.11
CA VAL D 49 -47.82 -23.66 17.93
C VAL D 49 -48.65 -24.84 18.31
N TYR D 50 -49.45 -24.70 19.36
CA TYR D 50 -50.20 -25.84 19.86
C TYR D 50 -51.70 -25.76 19.58
N TYR D 51 -52.12 -24.67 18.93
CA TYR D 51 -53.54 -24.43 18.70
C TYR D 51 -53.84 -23.90 17.29
N ASN D 52 -54.42 -24.75 16.44
CA ASN D 52 -54.92 -24.24 15.16
C ASN D 52 -56.24 -23.54 15.44
N GLU D 53 -56.34 -22.24 15.14
CA GLU D 53 -57.54 -21.48 15.50
C GLU D 53 -58.64 -21.46 14.41
N ALA D 54 -59.90 -21.57 14.82
CA ALA D 54 -61.06 -21.61 13.91
C ALA D 54 -61.99 -20.37 14.06
N THR D 55 -63.05 -20.27 13.23
CA THR D 55 -63.89 -19.06 13.11
C THR D 55 -64.63 -18.65 14.38
N GLY D 56 -65.20 -17.43 14.39
CA GLY D 56 -65.75 -16.84 15.60
C GLY D 56 -64.62 -16.27 16.45
N ASN D 57 -64.63 -16.57 17.76
CA ASN D 57 -63.49 -16.27 18.63
C ASN D 57 -62.58 -17.46 18.52
N LYS D 58 -62.80 -18.43 19.40
CA LYS D 58 -62.37 -19.83 19.24
C LYS D 58 -60.86 -20.15 19.11
N TYR D 59 -60.45 -21.30 19.64
CA TYR D 59 -59.04 -21.65 19.55
C TYR D 59 -58.66 -23.11 19.24
N VAL D 60 -59.50 -24.09 19.59
CA VAL D 60 -59.32 -25.55 19.27
C VAL D 60 -57.88 -26.11 19.04
N PRO D 61 -57.44 -27.00 19.93
CA PRO D 61 -56.16 -27.71 19.80
C PRO D 61 -55.94 -28.44 18.47
N ARG D 62 -54.67 -28.62 18.13
CA ARG D 62 -54.28 -29.42 17.00
C ARG D 62 -54.13 -30.83 17.54
N ALA D 63 -55.26 -31.52 17.70
CA ALA D 63 -55.27 -32.81 18.36
C ALA D 63 -56.00 -33.90 17.60
N ILE D 64 -55.44 -35.10 17.65
CA ILE D 64 -56.07 -36.26 17.08
C ILE D 64 -56.08 -37.29 18.17
N LEU D 65 -57.26 -37.87 18.39
CA LEU D 65 -57.51 -38.86 19.43
C LEU D 65 -57.92 -40.17 18.80
N VAL D 66 -57.03 -41.14 18.91
CA VAL D 66 -57.29 -42.46 18.37
C VAL D 66 -57.55 -43.40 19.52
N ASP D 67 -58.57 -44.26 19.36
CA ASP D 67 -58.82 -45.42 20.23
C ASP D 67 -59.52 -46.52 19.44
N LEU D 68 -59.31 -47.76 19.83
CA LEU D 68 -59.96 -48.87 19.15
C LEU D 68 -61.25 -49.36 19.84
N GLU D 69 -61.90 -48.41 20.51
CA GLU D 69 -63.23 -48.60 21.09
C GLU D 69 -63.76 -47.29 21.70
N PRO D 70 -65.06 -47.02 21.51
CA PRO D 70 -65.73 -45.80 22.02
C PRO D 70 -65.36 -45.43 23.46
N GLY D 71 -65.77 -46.27 24.42
CA GLY D 71 -65.49 -46.12 25.85
C GLY D 71 -64.73 -44.90 26.37
N THR D 72 -63.43 -44.82 26.06
CA THR D 72 -62.53 -43.82 26.66
C THR D 72 -62.50 -42.45 25.94
N MET D 73 -63.13 -42.37 24.78
CA MET D 73 -63.21 -41.12 24.02
C MET D 73 -64.35 -40.25 24.52
N ASP D 74 -65.47 -40.90 24.84
CA ASP D 74 -66.62 -40.25 25.46
C ASP D 74 -66.39 -40.01 26.96
N SER D 75 -65.13 -40.19 27.40
CA SER D 75 -64.71 -39.89 28.75
C SER D 75 -64.19 -38.49 28.75
N VAL D 76 -63.30 -38.23 27.82
CA VAL D 76 -62.86 -36.89 27.57
C VAL D 76 -64.07 -36.00 27.28
N ARG D 77 -64.83 -36.32 26.23
CA ARG D 77 -65.94 -35.45 25.79
C ARG D 77 -66.99 -35.19 26.86
N SER D 78 -67.01 -36.05 27.88
CA SER D 78 -67.98 -35.94 28.96
C SER D 78 -67.38 -35.40 30.25
N GLY D 79 -66.07 -35.15 30.25
CA GLY D 79 -65.36 -34.83 31.47
C GLY D 79 -64.99 -33.37 31.72
N PRO D 80 -63.70 -33.03 31.60
CA PRO D 80 -63.19 -31.76 32.14
C PRO D 80 -63.24 -30.63 31.11
N PHE D 81 -62.21 -30.55 30.27
CA PHE D 81 -62.25 -29.70 29.09
C PHE D 81 -62.77 -30.58 27.97
N GLY D 82 -64.07 -30.81 28.00
CA GLY D 82 -64.70 -31.80 27.16
C GLY D 82 -64.73 -31.40 25.70
N GLN D 83 -65.83 -30.76 25.33
CA GLN D 83 -66.07 -30.40 23.95
C GLN D 83 -65.06 -29.34 23.47
N ILE D 84 -63.79 -29.49 23.82
CA ILE D 84 -62.81 -28.54 23.34
C ILE D 84 -62.25 -28.98 21.99
N PHE D 85 -62.15 -30.28 21.77
CA PHE D 85 -61.52 -30.82 20.56
C PHE D 85 -62.49 -30.89 19.41
N ARG D 86 -62.03 -30.55 18.22
CA ARG D 86 -62.89 -30.51 17.04
C ARG D 86 -63.54 -31.89 16.88
N PRO D 87 -64.88 -31.88 16.82
CA PRO D 87 -65.68 -33.11 16.73
C PRO D 87 -65.07 -34.25 15.90
N ASP D 88 -64.90 -34.09 14.59
CA ASP D 88 -64.29 -35.15 13.77
C ASP D 88 -62.79 -35.00 13.71
N ASN D 89 -62.19 -34.92 14.89
CA ASN D 89 -60.79 -35.18 15.06
C ASN D 89 -60.72 -36.44 15.90
N PHE D 90 -61.90 -36.98 16.26
CA PHE D 90 -61.99 -38.20 17.04
C PHE D 90 -61.99 -39.39 16.09
N VAL D 91 -61.02 -40.30 16.24
CA VAL D 91 -61.01 -41.51 15.41
C VAL D 91 -61.41 -42.71 16.25
N PHE D 92 -62.67 -43.10 16.10
CA PHE D 92 -63.30 -44.17 16.88
C PHE D 92 -62.81 -45.56 16.56
N GLY D 93 -63.14 -46.49 17.42
CA GLY D 93 -62.61 -47.82 17.26
C GLY D 93 -63.64 -48.87 16.93
N GLN D 94 -64.70 -48.92 17.75
CA GLN D 94 -65.73 -49.97 17.67
C GLN D 94 -65.23 -51.33 18.15
N SER D 95 -64.20 -51.85 17.49
CA SER D 95 -63.73 -53.22 17.71
C SER D 95 -63.12 -53.45 19.11
N GLY D 96 -62.43 -54.58 19.26
CA GLY D 96 -61.59 -54.82 20.41
C GLY D 96 -60.29 -54.02 20.32
N ALA D 97 -59.61 -53.97 21.47
CA ALA D 97 -58.26 -53.43 21.60
C ALA D 97 -57.36 -54.61 21.93
N GLY D 98 -57.87 -55.43 22.85
CA GLY D 98 -57.26 -56.70 23.19
C GLY D 98 -56.25 -56.61 24.30
N ASN D 99 -55.63 -55.43 24.47
CA ASN D 99 -54.45 -55.26 25.30
C ASN D 99 -53.35 -56.11 24.67
N ASN D 100 -53.37 -56.12 23.34
CA ASN D 100 -52.51 -56.98 22.56
C ASN D 100 -51.86 -56.22 21.41
N TRP D 101 -50.52 -56.20 21.36
CA TRP D 101 -49.78 -55.42 20.38
C TRP D 101 -50.20 -55.65 18.94
N ALA D 102 -50.35 -56.91 18.57
CA ALA D 102 -50.59 -57.25 17.18
C ALA D 102 -51.92 -56.74 16.67
N LYS D 103 -52.98 -56.90 17.46
CA LYS D 103 -54.30 -56.44 17.03
C LYS D 103 -54.17 -54.96 16.63
N GLY D 104 -53.48 -54.18 17.46
CA GLY D 104 -53.28 -52.76 17.24
C GLY D 104 -52.28 -52.36 16.16
N HIS D 105 -51.28 -53.19 15.92
CA HIS D 105 -50.28 -52.92 14.89
C HIS D 105 -50.55 -53.63 13.56
N TYR D 106 -51.37 -54.68 13.58
CA TYR D 106 -51.61 -55.46 12.38
C TYR D 106 -53.07 -55.54 11.94
N THR D 107 -53.87 -56.33 12.66
CA THR D 107 -55.22 -56.60 12.19
C THR D 107 -56.18 -55.42 12.39
N GLU D 108 -56.65 -55.24 13.62
CA GLU D 108 -57.68 -54.23 13.92
C GLU D 108 -57.14 -52.82 13.81
N GLY D 109 -55.83 -52.68 13.92
CA GLY D 109 -55.18 -51.40 13.81
C GLY D 109 -55.20 -50.91 12.38
N ALA D 110 -54.48 -51.60 11.52
CA ALA D 110 -54.41 -51.25 10.09
C ALA D 110 -55.78 -51.08 9.48
N GLU D 111 -56.77 -51.74 10.10
CA GLU D 111 -58.17 -51.61 9.75
C GLU D 111 -58.61 -50.15 9.81
N LEU D 112 -58.11 -49.45 10.84
CA LEU D 112 -58.36 -48.04 11.00
C LEU D 112 -57.23 -47.29 10.33
N VAL D 113 -56.28 -46.79 11.13
CA VAL D 113 -55.03 -46.21 10.64
C VAL D 113 -55.22 -45.20 9.53
N ASP D 114 -55.63 -45.68 8.37
CA ASP D 114 -55.81 -44.85 7.19
C ASP D 114 -56.75 -43.69 7.50
N SER D 115 -57.71 -43.91 8.39
CA SER D 115 -58.66 -42.87 8.78
C SER D 115 -58.02 -41.86 9.70
N VAL D 116 -57.09 -42.34 10.52
CA VAL D 116 -56.27 -41.45 11.33
C VAL D 116 -55.35 -40.60 10.42
N LEU D 117 -54.52 -41.27 9.61
CA LEU D 117 -53.67 -40.62 8.63
C LEU D 117 -54.43 -39.52 7.89
N ASP D 118 -55.74 -39.70 7.77
CA ASP D 118 -56.62 -38.76 7.04
C ASP D 118 -56.95 -37.48 7.83
N VAL D 119 -56.94 -37.54 9.17
CA VAL D 119 -57.07 -36.34 9.98
C VAL D 119 -55.72 -35.62 10.08
N VAL D 120 -54.67 -36.37 10.39
CA VAL D 120 -53.31 -35.82 10.52
C VAL D 120 -52.89 -35.12 9.25
N ARG D 121 -53.06 -35.82 8.12
CA ARG D 121 -52.76 -35.27 6.81
C ARG D 121 -53.47 -33.91 6.64
N LYS D 122 -54.65 -33.75 7.24
CA LYS D 122 -55.39 -32.49 7.13
C LYS D 122 -54.69 -31.47 7.99
N GLU D 123 -54.70 -31.71 9.28
CA GLU D 123 -54.22 -30.71 10.22
C GLU D 123 -52.83 -30.26 9.88
N SER D 124 -52.01 -31.22 9.50
CA SER D 124 -50.62 -30.96 9.15
C SER D 124 -50.47 -30.25 7.80
N GLU D 125 -51.26 -30.70 6.83
CA GLU D 125 -51.29 -30.07 5.54
C GLU D 125 -51.97 -28.70 5.67
N SER D 126 -52.77 -28.50 6.72
CA SER D 126 -53.41 -27.21 6.98
C SER D 126 -52.37 -26.26 7.60
N CYS D 127 -51.80 -26.74 8.70
CA CYS D 127 -50.61 -26.18 9.32
C CYS D 127 -49.57 -25.55 8.39
N ASP D 128 -49.36 -24.24 8.53
CA ASP D 128 -48.57 -23.42 7.60
C ASP D 128 -47.06 -23.73 7.55
N CYS D 129 -46.46 -24.02 8.68
CA CYS D 129 -45.12 -24.57 8.67
C CYS D 129 -45.00 -25.66 9.74
N LEU D 130 -45.54 -26.84 9.46
CA LEU D 130 -45.54 -27.92 10.43
C LEU D 130 -44.13 -28.39 10.78
N GLN D 131 -43.82 -28.32 12.06
CA GLN D 131 -42.47 -28.64 12.50
C GLN D 131 -42.30 -30.10 12.87
N GLY D 132 -43.27 -30.67 13.56
CA GLY D 132 -43.18 -32.09 13.91
C GLY D 132 -44.37 -32.57 14.71
N PHE D 133 -44.50 -33.86 14.96
CA PHE D 133 -45.62 -34.27 15.75
C PHE D 133 -45.04 -34.70 17.05
N GLN D 134 -45.89 -34.72 18.07
CA GLN D 134 -45.64 -35.44 19.31
C GLN D 134 -46.79 -36.45 19.58
N LEU D 135 -46.51 -37.54 20.29
CA LEU D 135 -47.55 -38.53 20.57
C LEU D 135 -47.49 -39.01 22.00
N THR D 136 -48.65 -39.30 22.57
CA THR D 136 -48.69 -39.86 23.93
C THR D 136 -49.36 -41.22 23.87
N HIS D 137 -48.94 -42.15 24.74
CA HIS D 137 -49.49 -43.54 24.78
C HIS D 137 -48.85 -44.50 25.78
N SER D 138 -49.55 -45.57 26.08
CA SER D 138 -48.97 -46.70 26.82
C SER D 138 -48.07 -47.61 25.97
N LEU D 139 -47.23 -48.41 26.63
CA LEU D 139 -46.30 -49.29 25.93
C LEU D 139 -46.58 -50.76 26.21
N GLY D 140 -47.40 -51.02 27.24
CA GLY D 140 -47.93 -52.35 27.50
C GLY D 140 -49.44 -52.39 27.30
N GLY D 141 -49.88 -52.86 26.14
CA GLY D 141 -51.26 -52.69 25.72
C GLY D 141 -51.32 -52.13 24.30
N GLY D 142 -52.16 -52.76 23.48
CA GLY D 142 -52.14 -52.63 22.04
C GLY D 142 -52.54 -51.33 21.38
N THR D 143 -53.71 -50.81 21.69
CA THR D 143 -54.23 -49.65 20.95
C THR D 143 -53.26 -48.45 20.91
N GLY D 144 -52.54 -48.26 22.02
CA GLY D 144 -51.53 -47.23 22.14
C GLY D 144 -50.22 -47.71 21.60
N SER D 145 -49.59 -48.63 22.33
CA SER D 145 -48.29 -49.12 21.92
C SER D 145 -48.24 -49.68 20.49
N GLY D 146 -49.26 -50.44 20.09
CA GLY D 146 -49.29 -51.13 18.79
C GLY D 146 -49.80 -50.33 17.61
N MET D 147 -50.88 -49.57 17.82
CA MET D 147 -51.39 -48.65 16.82
C MET D 147 -50.41 -47.51 16.59
N GLY D 148 -49.94 -46.94 17.68
CA GLY D 148 -49.07 -45.79 17.65
C GLY D 148 -47.74 -46.08 16.99
N THR D 149 -47.13 -47.20 17.36
CA THR D 149 -45.88 -47.57 16.75
C THR D 149 -46.11 -47.74 15.26
N LEU D 150 -47.31 -48.21 14.91
CA LEU D 150 -47.71 -48.23 13.50
C LEU D 150 -47.86 -46.81 12.94
N LEU D 151 -48.65 -46.00 13.66
CA LEU D 151 -48.92 -44.63 13.27
C LEU D 151 -47.61 -44.00 12.91
N ILE D 152 -46.70 -44.00 13.89
CA ILE D 152 -45.41 -43.35 13.70
C ILE D 152 -44.67 -43.86 12.44
N SER D 153 -44.78 -45.18 12.20
CA SER D 153 -44.13 -45.82 11.07
C SER D 153 -44.76 -45.34 9.77
N LYS D 154 -46.07 -45.15 9.84
CA LYS D 154 -46.79 -44.63 8.70
C LYS D 154 -46.68 -43.09 8.64
N ILE D 155 -46.41 -42.49 9.81
CA ILE D 155 -46.28 -41.04 9.94
C ILE D 155 -45.02 -40.55 9.26
N ARG D 156 -43.91 -41.22 9.58
CA ARG D 156 -42.68 -41.08 8.80
C ARG D 156 -43.02 -41.64 7.44
N GLU D 157 -42.07 -41.71 6.52
CA GLU D 157 -42.44 -42.17 5.16
C GLU D 157 -43.38 -41.17 4.44
N GLU D 158 -44.42 -40.71 5.15
CA GLU D 158 -45.33 -39.66 4.70
C GLU D 158 -44.64 -38.30 4.97
N TYR D 159 -44.06 -38.25 6.18
CA TYR D 159 -43.30 -37.13 6.69
C TYR D 159 -41.96 -37.67 7.19
N PRO D 160 -40.99 -37.74 6.30
CA PRO D 160 -39.66 -38.25 6.71
C PRO D 160 -39.03 -37.08 7.48
N ASP D 161 -38.49 -36.13 6.71
CA ASP D 161 -38.74 -34.70 6.84
C ASP D 161 -38.83 -34.03 8.21
N ARG D 162 -39.95 -34.26 8.89
CA ARG D 162 -40.33 -33.53 10.09
C ARG D 162 -39.97 -34.37 11.25
N ILE D 163 -39.77 -33.78 12.43
CA ILE D 163 -39.30 -34.62 13.52
C ILE D 163 -40.38 -35.22 14.44
N MET D 164 -40.14 -36.45 14.86
CA MET D 164 -41.08 -37.24 15.64
C MET D 164 -40.71 -37.25 17.14
N ASN D 165 -41.64 -37.68 18.02
CA ASN D 165 -41.56 -37.34 19.45
C ASN D 165 -42.62 -37.94 20.32
N THR D 166 -42.22 -38.68 21.35
CA THR D 166 -43.25 -39.33 22.17
C THR D 166 -43.01 -39.34 23.66
N PHE D 167 -44.13 -39.22 24.40
CA PHE D 167 -44.22 -39.58 25.81
C PHE D 167 -44.88 -40.91 25.80
N SER D 168 -44.08 -41.90 26.13
CA SER D 168 -44.51 -43.27 26.18
C SER D 168 -44.46 -43.79 27.64
N VAL D 169 -45.38 -44.67 28.00
CA VAL D 169 -45.50 -45.04 29.36
C VAL D 169 -45.05 -46.49 29.51
N MET D 170 -43.75 -46.66 29.80
CA MET D 170 -43.14 -47.95 30.20
C MET D 170 -43.83 -48.64 31.41
N PRO D 171 -44.41 -49.84 31.20
CA PRO D 171 -45.27 -50.48 32.19
C PRO D 171 -44.54 -51.31 33.23
N SER D 172 -45.08 -51.32 34.43
CA SER D 172 -44.40 -52.04 35.47
C SER D 172 -45.16 -53.34 35.84
N PRO D 173 -44.43 -54.37 36.30
CA PRO D 173 -45.07 -55.58 36.88
C PRO D 173 -45.95 -55.23 38.07
N LYS D 174 -45.59 -54.16 38.77
CA LYS D 174 -46.42 -53.64 39.86
C LYS D 174 -47.22 -52.42 39.39
N VAL D 175 -48.52 -52.49 39.62
CA VAL D 175 -49.50 -51.51 39.10
C VAL D 175 -49.66 -51.52 37.55
N SER D 176 -50.36 -52.59 37.12
CA SER D 176 -50.76 -52.91 35.75
C SER D 176 -51.90 -53.96 35.72
N ASP D 177 -52.45 -54.15 34.52
CA ASP D 177 -53.67 -54.93 34.29
C ASP D 177 -53.38 -56.29 33.64
N THR D 178 -52.42 -56.27 32.70
CA THR D 178 -52.12 -57.42 31.82
C THR D 178 -50.79 -58.14 32.13
N VAL D 179 -50.92 -59.44 32.35
CA VAL D 179 -49.79 -60.35 32.37
C VAL D 179 -48.77 -60.02 31.25
N VAL D 180 -49.27 -59.73 30.05
CA VAL D 180 -48.46 -59.76 28.83
C VAL D 180 -47.55 -58.56 28.58
N GLU D 181 -47.85 -57.39 29.18
CA GLU D 181 -47.23 -56.09 28.79
C GLU D 181 -45.77 -56.10 28.36
N PRO D 182 -44.87 -56.72 29.13
CA PRO D 182 -43.49 -56.92 28.66
C PRO D 182 -43.46 -57.26 27.18
N TYR D 183 -44.29 -58.21 26.73
CA TYR D 183 -44.34 -58.64 25.33
C TYR D 183 -44.69 -57.42 24.53
N ASN D 184 -45.71 -56.71 24.99
CA ASN D 184 -46.16 -55.53 24.30
C ASN D 184 -45.06 -54.46 24.16
N ALA D 185 -44.34 -54.22 25.25
CA ALA D 185 -43.33 -53.15 25.32
C ALA D 185 -42.14 -53.43 24.43
N THR D 186 -41.56 -54.61 24.59
CA THR D 186 -40.40 -55.03 23.84
C THR D 186 -40.65 -54.84 22.34
N LEU D 187 -41.92 -54.97 21.93
CA LEU D 187 -42.29 -54.91 20.51
C LEU D 187 -42.34 -53.51 19.97
N SER D 188 -42.70 -52.59 20.86
CA SER D 188 -42.80 -51.16 20.53
C SER D 188 -41.48 -50.43 20.74
N VAL D 189 -40.79 -50.79 21.82
CA VAL D 189 -39.43 -50.33 22.13
C VAL D 189 -38.53 -50.46 20.86
N HIS D 190 -38.52 -51.67 20.29
CA HIS D 190 -37.99 -51.96 18.96
C HIS D 190 -38.47 -50.88 18.00
N GLN D 191 -39.79 -50.79 17.84
CA GLN D 191 -40.37 -49.88 16.87
C GLN D 191 -39.89 -48.43 17.05
N LEU D 192 -39.96 -47.93 18.28
CA LEU D 192 -39.57 -46.56 18.64
C LEU D 192 -38.12 -46.25 18.30
N VAL D 193 -37.21 -47.05 18.85
CA VAL D 193 -35.78 -46.84 18.70
C VAL D 193 -35.32 -46.63 17.24
N GLU D 194 -36.21 -46.82 16.28
CA GLU D 194 -35.84 -46.67 14.88
C GLU D 194 -36.67 -45.66 14.15
N ASN D 195 -37.76 -45.21 14.80
CA ASN D 195 -38.70 -44.25 14.18
C ASN D 195 -38.98 -42.92 14.90
N THR D 196 -38.57 -42.77 16.14
CA THR D 196 -38.76 -41.52 16.87
C THR D 196 -37.47 -40.73 16.92
N ASP D 197 -37.54 -39.46 17.32
CA ASP D 197 -36.33 -38.64 17.41
C ASP D 197 -35.92 -38.35 18.85
N GLU D 198 -36.92 -38.35 19.74
CA GLU D 198 -36.80 -38.29 21.20
C GLU D 198 -38.00 -39.04 21.77
N THR D 199 -37.80 -39.65 22.92
CA THR D 199 -38.86 -40.43 23.55
C THR D 199 -38.80 -40.35 25.06
N TYR D 200 -39.65 -39.51 25.63
CA TYR D 200 -39.70 -39.38 27.08
C TYR D 200 -40.15 -40.68 27.67
N SER D 201 -39.25 -41.26 28.47
CA SER D 201 -39.49 -42.49 29.21
C SER D 201 -40.23 -42.14 30.50
N ILE D 202 -41.28 -42.89 30.80
CA ILE D 202 -42.06 -42.64 32.00
C ILE D 202 -42.49 -43.99 32.57
N ASP D 203 -41.88 -44.40 33.67
CA ASP D 203 -42.25 -45.64 34.30
C ASP D 203 -43.43 -45.41 35.20
N ASN D 204 -44.33 -46.38 35.25
CA ASN D 204 -45.37 -46.36 36.26
C ASN D 204 -44.84 -46.85 37.60
N GLU D 205 -43.72 -47.59 37.55
CA GLU D 205 -42.91 -47.91 38.74
C GLU D 205 -42.45 -46.64 39.44
N ALA D 206 -41.97 -45.69 38.66
CA ALA D 206 -41.64 -44.38 39.20
C ALA D 206 -42.92 -43.75 39.69
N LEU D 207 -43.78 -43.39 38.74
CA LEU D 207 -44.98 -42.63 38.99
C LEU D 207 -45.70 -43.06 40.25
N TYR D 208 -45.87 -44.37 40.41
CA TYR D 208 -46.44 -44.88 41.66
C TYR D 208 -45.51 -44.64 42.85
N ASP D 209 -44.20 -44.76 42.62
CA ASP D 209 -43.25 -44.69 43.74
C ASP D 209 -43.15 -43.25 44.28
N ILE D 210 -43.16 -42.30 43.37
CA ILE D 210 -43.29 -40.88 43.69
C ILE D 210 -44.51 -40.51 44.61
N CYS D 211 -45.48 -41.42 44.74
CA CYS D 211 -46.73 -41.10 45.44
C CYS D 211 -46.82 -41.73 46.81
N PHE D 212 -46.12 -42.85 47.00
CA PHE D 212 -46.13 -43.57 48.28
C PHE D 212 -44.84 -43.39 49.08
N ARG D 213 -43.73 -43.12 48.37
CA ARG D 213 -42.43 -42.90 49.00
C ARG D 213 -42.24 -41.42 49.27
N THR D 214 -43.04 -40.63 48.57
CA THR D 214 -42.85 -39.20 48.50
C THR D 214 -44.16 -38.40 48.61
N LEU D 215 -45.28 -39.05 48.91
CA LEU D 215 -46.52 -38.30 49.06
C LEU D 215 -47.39 -38.77 50.22
N LYS D 216 -47.10 -39.98 50.70
CA LYS D 216 -47.93 -40.69 51.69
C LYS D 216 -49.33 -41.10 51.15
N LEU D 217 -49.55 -40.91 49.84
CA LEU D 217 -50.83 -41.18 49.15
C LEU D 217 -51.26 -42.67 49.05
N THR D 218 -52.12 -43.13 49.98
CA THR D 218 -52.50 -44.56 50.12
C THR D 218 -52.94 -45.26 48.82
N THR D 219 -54.16 -44.95 48.36
CA THR D 219 -54.77 -45.58 47.19
C THR D 219 -54.50 -44.78 45.90
N PRO D 220 -53.36 -44.96 45.25
CA PRO D 220 -53.01 -44.13 44.08
C PRO D 220 -53.80 -44.50 42.82
N THR D 221 -54.64 -43.57 42.34
CA THR D 221 -55.51 -43.78 41.19
C THR D 221 -54.67 -43.90 39.97
N TYR D 222 -55.36 -44.01 38.84
CA TYR D 222 -54.80 -43.55 37.58
C TYR D 222 -54.99 -42.05 37.48
N GLY D 223 -55.60 -41.48 38.53
CA GLY D 223 -55.85 -40.06 38.60
C GLY D 223 -54.60 -39.35 39.06
N ASP D 224 -54.51 -39.17 40.37
CA ASP D 224 -53.32 -38.58 40.95
C ASP D 224 -52.14 -39.52 40.66
N LEU D 225 -51.43 -39.26 39.56
CA LEU D 225 -50.43 -40.18 39.02
C LEU D 225 -50.33 -39.89 37.54
N ASN D 226 -51.49 -39.66 36.93
CA ASN D 226 -51.54 -38.99 35.64
C ASN D 226 -51.12 -37.56 35.92
N HIS D 227 -51.66 -37.01 37.00
CA HIS D 227 -51.34 -35.65 37.45
C HIS D 227 -49.86 -35.22 37.28
N LEU D 228 -48.95 -36.15 37.56
CA LEU D 228 -47.51 -35.92 37.46
C LEU D 228 -47.10 -35.74 36.03
N VAL D 229 -47.51 -36.70 35.20
CA VAL D 229 -47.19 -36.73 33.77
C VAL D 229 -47.73 -35.47 33.10
N SER D 230 -48.97 -35.15 33.45
CA SER D 230 -49.63 -33.92 33.03
C SER D 230 -48.69 -32.74 33.27
N ALA D 231 -48.18 -32.63 34.50
CA ALA D 231 -47.29 -31.55 34.88
C ALA D 231 -45.96 -31.61 34.13
N THR D 232 -45.35 -32.80 34.15
CA THR D 232 -44.01 -33.01 33.61
C THR D 232 -44.00 -32.66 32.13
N MET D 233 -45.12 -32.96 31.48
CA MET D 233 -45.34 -32.66 30.08
C MET D 233 -45.51 -31.19 29.78
N SER D 234 -46.07 -30.44 30.72
CA SER D 234 -46.11 -29.01 30.52
C SER D 234 -44.69 -28.54 30.62
N GLY D 235 -44.00 -29.02 31.65
CA GLY D 235 -42.61 -28.69 31.90
C GLY D 235 -41.80 -28.73 30.62
N VAL D 236 -41.71 -29.90 30.04
CA VAL D 236 -40.94 -30.09 28.83
C VAL D 236 -41.30 -29.18 27.70
N THR D 237 -42.59 -28.94 27.46
CA THR D 237 -43.05 -28.16 26.31
C THR D 237 -42.83 -26.64 26.33
N THR D 238 -43.03 -26.07 27.51
CA THR D 238 -43.00 -24.63 27.72
C THR D 238 -42.29 -23.84 26.64
N CYS D 239 -40.99 -24.07 26.47
CA CYS D 239 -40.15 -23.15 25.70
C CYS D 239 -40.26 -23.26 24.17
N LEU D 240 -41.07 -24.23 23.74
CA LEU D 240 -41.54 -24.16 22.37
C LEU D 240 -42.82 -23.36 22.34
N ARG D 241 -43.51 -23.28 23.50
CA ARG D 241 -44.81 -22.58 23.57
C ARG D 241 -44.95 -21.23 24.37
N PHE D 242 -43.85 -20.50 24.62
CA PHE D 242 -43.90 -19.37 25.57
C PHE D 242 -43.02 -18.07 25.42
N PRO D 243 -41.72 -18.09 25.82
CA PRO D 243 -41.01 -16.85 26.12
C PRO D 243 -40.51 -16.27 24.83
N GLY D 244 -39.24 -16.52 24.56
CA GLY D 244 -38.56 -15.98 23.40
C GLY D 244 -37.13 -15.75 23.84
N GLN D 245 -36.80 -16.36 25.00
CA GLN D 245 -35.44 -16.39 25.54
C GLN D 245 -34.64 -17.61 25.03
N LEU D 246 -35.35 -18.61 24.51
CA LEU D 246 -34.72 -19.68 23.78
C LEU D 246 -34.85 -19.38 22.30
N ASN D 247 -35.22 -20.41 21.54
CA ASN D 247 -36.26 -20.34 20.47
C ASN D 247 -36.67 -21.72 19.86
N ALA D 248 -35.99 -22.75 20.37
CA ALA D 248 -36.55 -24.11 20.56
C ALA D 248 -37.12 -24.87 19.33
N ASP D 249 -36.34 -24.93 18.23
CA ASP D 249 -36.76 -25.44 16.92
C ASP D 249 -37.37 -26.83 16.88
N LEU D 250 -37.25 -27.51 18.02
CA LEU D 250 -37.64 -28.90 18.22
C LEU D 250 -36.65 -29.80 17.50
N ARG D 251 -36.27 -29.41 16.28
CA ARG D 251 -35.17 -30.05 15.61
C ARG D 251 -33.91 -29.63 16.36
N LYS D 252 -33.64 -28.32 16.44
CA LYS D 252 -32.47 -27.81 17.12
C LYS D 252 -32.45 -28.57 18.39
N LEU D 253 -33.59 -28.47 19.06
CA LEU D 253 -33.78 -29.11 20.34
C LEU D 253 -33.33 -30.58 20.43
N ALA D 254 -33.59 -31.34 19.38
CA ALA D 254 -33.13 -32.71 19.32
C ALA D 254 -31.62 -32.83 18.98
N VAL D 255 -31.17 -32.18 17.90
CA VAL D 255 -29.77 -32.20 17.53
C VAL D 255 -28.92 -31.95 18.74
N ASN D 256 -29.39 -31.11 19.66
CA ASN D 256 -28.57 -30.75 20.80
C ASN D 256 -28.75 -31.59 22.01
N MET D 257 -29.57 -32.62 21.85
CA MET D 257 -29.90 -33.56 22.91
C MET D 257 -29.43 -34.99 22.61
N VAL D 258 -29.23 -35.28 21.33
CA VAL D 258 -28.88 -36.64 20.92
C VAL D 258 -27.54 -36.78 20.20
N PRO D 259 -26.63 -37.43 20.88
CA PRO D 259 -25.33 -37.78 20.30
C PRO D 259 -25.42 -38.89 19.24
N PHE D 260 -26.08 -39.99 19.62
CA PHE D 260 -26.16 -41.25 18.85
C PHE D 260 -27.58 -41.71 18.53
N PRO D 261 -27.82 -42.01 17.23
CA PRO D 261 -29.14 -41.82 16.58
C PRO D 261 -30.15 -42.73 17.15
N ARG D 262 -29.68 -43.88 17.64
CA ARG D 262 -30.46 -44.74 18.50
C ARG D 262 -30.63 -43.96 19.81
N LEU D 263 -30.78 -44.67 20.93
CA LEU D 263 -30.64 -44.04 22.24
C LEU D 263 -31.08 -42.57 22.37
N HIS D 264 -32.37 -42.31 22.16
CA HIS D 264 -32.94 -40.97 22.43
C HIS D 264 -33.89 -41.08 23.63
N PHE D 265 -33.36 -41.64 24.72
CA PHE D 265 -34.23 -42.00 25.79
C PHE D 265 -34.03 -41.17 27.05
N PHE D 266 -34.63 -39.98 26.96
CA PHE D 266 -34.70 -39.05 28.06
C PHE D 266 -35.57 -39.56 29.19
N MET D 267 -34.95 -39.84 30.34
CA MET D 267 -35.73 -39.95 31.55
C MET D 267 -35.94 -38.53 32.10
N PRO D 268 -37.20 -38.13 32.34
CA PRO D 268 -37.51 -36.80 32.90
C PRO D 268 -37.59 -36.74 34.43
N GLY D 269 -38.00 -35.58 34.94
CA GLY D 269 -38.12 -35.36 36.37
C GLY D 269 -38.76 -34.01 36.66
N PHE D 270 -39.17 -33.80 37.91
CA PHE D 270 -39.86 -32.56 38.29
C PHE D 270 -39.44 -31.93 39.61
N ALA D 271 -39.82 -30.66 39.80
CA ALA D 271 -39.45 -29.91 41.00
C ALA D 271 -40.32 -30.23 42.23
N PRO D 272 -41.47 -29.57 42.36
CA PRO D 272 -42.47 -29.90 43.41
C PRO D 272 -43.59 -30.91 43.02
N LEU D 273 -44.44 -31.27 43.98
CA LEU D 273 -45.32 -32.44 43.84
C LEU D 273 -46.57 -32.46 44.73
N THR D 274 -47.36 -33.54 44.61
CA THR D 274 -48.66 -33.74 45.31
C THR D 274 -49.82 -32.96 44.60
N SER D 275 -51.06 -33.11 45.11
CA SER D 275 -52.23 -32.32 44.66
C SER D 275 -53.24 -32.08 45.79
N ARG D 276 -53.66 -33.16 46.45
CA ARG D 276 -54.69 -33.13 47.51
C ARG D 276 -54.14 -32.56 48.84
N GLY D 277 -54.40 -33.27 49.94
CA GLY D 277 -54.11 -32.80 51.29
C GLY D 277 -52.68 -32.41 51.69
N SER D 278 -51.90 -31.90 50.72
CA SER D 278 -50.53 -31.39 50.95
C SER D 278 -50.09 -30.18 50.07
N GLN D 279 -49.26 -29.33 50.69
CA GLN D 279 -48.91 -27.99 50.21
C GLN D 279 -47.42 -27.83 49.85
N GLN D 280 -46.94 -26.59 49.92
CA GLN D 280 -45.52 -26.26 50.09
C GLN D 280 -45.47 -24.85 50.70
N TYR D 281 -44.97 -24.74 51.94
CA TYR D 281 -44.94 -23.46 52.68
C TYR D 281 -44.00 -22.40 52.05
N ARG D 282 -44.28 -22.08 50.77
CA ARG D 282 -43.53 -21.12 49.90
C ARG D 282 -42.08 -21.52 49.54
N ALA D 283 -41.47 -22.35 50.41
CA ALA D 283 -40.00 -22.57 50.52
C ALA D 283 -39.21 -23.15 49.31
N LEU D 284 -39.84 -23.30 48.14
CA LEU D 284 -39.11 -23.74 46.94
C LEU D 284 -38.06 -22.68 46.56
N THR D 285 -36.82 -22.87 47.03
CA THR D 285 -35.82 -21.78 47.19
C THR D 285 -34.78 -21.49 46.05
N VAL D 286 -34.76 -22.33 45.01
CA VAL D 286 -33.69 -22.38 43.99
C VAL D 286 -32.69 -23.51 44.33
N PRO D 287 -31.81 -23.35 45.33
CA PRO D 287 -30.91 -24.43 45.70
C PRO D 287 -31.69 -25.70 45.91
N GLU D 288 -32.62 -25.67 46.89
CA GLU D 288 -33.49 -26.79 47.24
C GLU D 288 -34.43 -27.18 46.09
N LEU D 289 -34.36 -26.40 45.01
CA LEU D 289 -35.08 -26.70 43.76
C LEU D 289 -34.16 -27.40 42.76
N THR D 290 -32.85 -27.24 42.95
CA THR D 290 -31.88 -27.83 42.03
C THR D 290 -31.46 -29.24 42.41
N GLN D 291 -30.87 -29.40 43.60
CA GLN D 291 -30.53 -30.73 44.11
C GLN D 291 -31.81 -31.51 44.44
N GLN D 292 -32.89 -31.20 43.71
CA GLN D 292 -34.19 -31.83 43.86
C GLN D 292 -34.61 -32.40 42.50
N MET D 293 -34.38 -31.61 41.45
CA MET D 293 -34.62 -32.04 40.08
C MET D 293 -33.45 -32.90 39.62
N PHE D 294 -32.44 -32.99 40.47
CA PHE D 294 -31.30 -33.80 40.17
C PHE D 294 -31.25 -34.98 41.11
N ASP D 295 -32.30 -35.09 41.93
CA ASP D 295 -32.49 -36.26 42.80
C ASP D 295 -33.25 -37.34 42.03
N SER D 296 -32.74 -38.56 42.11
CA SER D 296 -33.28 -39.70 41.39
C SER D 296 -34.68 -40.09 41.88
N LYS D 297 -34.87 -40.11 43.21
CA LYS D 297 -36.19 -40.32 43.83
C LYS D 297 -37.20 -39.25 43.37
N ASN D 298 -36.80 -38.47 42.36
CA ASN D 298 -37.65 -37.50 41.67
C ASN D 298 -37.57 -37.56 40.12
N MET D 299 -37.22 -38.77 39.63
CA MET D 299 -37.16 -39.08 38.18
C MET D 299 -38.45 -39.72 37.65
N MET D 300 -38.74 -39.40 36.39
CA MET D 300 -39.94 -39.90 35.74
C MET D 300 -39.75 -41.28 35.10
N ALA D 301 -38.51 -41.68 34.82
CA ALA D 301 -38.22 -43.10 34.60
C ALA D 301 -37.59 -43.73 35.86
N ALA D 302 -37.93 -44.99 36.16
CA ALA D 302 -37.29 -45.74 37.25
C ALA D 302 -35.92 -46.28 36.81
N CYS D 303 -34.90 -45.44 37.04
CA CYS D 303 -33.48 -45.81 36.93
C CYS D 303 -32.76 -45.43 38.22
N ASP D 304 -31.64 -44.71 38.06
CA ASP D 304 -30.90 -44.03 39.14
C ASP D 304 -29.63 -43.48 38.54
N PRO D 305 -29.73 -42.23 38.06
CA PRO D 305 -28.64 -41.54 37.33
C PRO D 305 -27.34 -41.37 38.13
N ARG D 306 -27.12 -42.38 38.97
CA ARG D 306 -25.84 -42.65 39.58
C ARG D 306 -25.10 -43.66 38.69
N HIS D 307 -25.41 -44.95 38.84
CA HIS D 307 -24.83 -45.99 37.98
C HIS D 307 -25.35 -45.82 36.57
N GLY D 308 -24.52 -45.25 35.70
CA GLY D 308 -25.00 -44.73 34.43
C GLY D 308 -24.86 -43.23 34.48
N ARG D 309 -24.26 -42.69 33.43
CA ARG D 309 -23.74 -41.33 33.42
C ARG D 309 -24.50 -40.44 32.44
N TYR D 310 -24.74 -39.20 32.82
CA TYR D 310 -25.52 -38.33 31.96
C TYR D 310 -24.72 -38.09 30.68
N LEU D 311 -25.37 -38.34 29.55
CA LEU D 311 -24.78 -38.03 28.26
C LEU D 311 -24.95 -36.54 28.05
N THR D 312 -26.20 -36.12 27.91
CA THR D 312 -26.59 -34.70 27.93
C THR D 312 -27.80 -34.45 28.86
N VAL D 313 -27.94 -33.19 29.29
CA VAL D 313 -28.94 -32.83 30.29
C VAL D 313 -29.38 -31.38 30.10
N ALA D 314 -30.67 -31.21 29.83
CA ALA D 314 -31.29 -29.90 29.83
C ALA D 314 -32.11 -29.72 31.09
N ALA D 315 -32.14 -28.49 31.58
CA ALA D 315 -33.14 -28.11 32.58
C ALA D 315 -33.76 -26.76 32.22
N VAL D 316 -35.02 -26.62 32.61
CA VAL D 316 -35.76 -25.38 32.41
C VAL D 316 -36.53 -24.99 33.70
N PHE D 317 -36.37 -23.71 34.06
CA PHE D 317 -36.88 -23.15 35.32
C PHE D 317 -38.07 -22.22 35.13
N ARG D 318 -38.94 -22.21 36.12
CA ARG D 318 -40.21 -21.49 36.07
C ARG D 318 -40.47 -20.60 37.31
N GLY D 319 -40.57 -19.29 37.06
CA GLY D 319 -40.93 -18.33 38.11
C GLY D 319 -40.08 -17.06 38.17
N ARG D 320 -40.73 -15.93 38.46
CA ARG D 320 -40.04 -14.65 38.57
C ARG D 320 -38.98 -14.72 39.68
N MET D 321 -37.91 -15.48 39.41
CA MET D 321 -36.75 -15.58 40.29
C MET D 321 -35.48 -15.28 39.48
N SER D 322 -34.42 -14.83 40.16
CA SER D 322 -33.20 -14.40 39.46
C SER D 322 -32.35 -15.61 39.06
N MET D 323 -31.91 -15.59 37.80
CA MET D 323 -31.06 -16.65 37.26
C MET D 323 -29.59 -16.43 37.59
N LYS D 324 -29.28 -15.26 38.17
CA LYS D 324 -27.95 -14.99 38.72
C LYS D 324 -27.57 -15.95 39.85
N GLU D 325 -28.58 -16.66 40.35
CA GLU D 325 -28.38 -17.75 41.28
C GLU D 325 -28.36 -19.06 40.50
N VAL D 326 -29.17 -19.13 39.44
CA VAL D 326 -29.37 -20.38 38.69
C VAL D 326 -28.09 -21.02 38.14
N ASP D 327 -27.29 -20.25 37.39
CA ASP D 327 -26.08 -20.81 36.79
C ASP D 327 -25.10 -21.22 37.88
N GLU D 328 -25.26 -20.59 39.03
CA GLU D 328 -24.35 -20.71 40.16
C GLU D 328 -24.66 -21.91 41.07
N GLN D 329 -25.94 -22.29 41.13
CA GLN D 329 -26.34 -23.58 41.67
C GLN D 329 -25.99 -24.65 40.64
N MET D 330 -26.34 -24.37 39.37
CA MET D 330 -26.09 -25.26 38.23
C MET D 330 -24.62 -25.66 38.17
N LEU D 331 -23.76 -24.65 38.17
CA LEU D 331 -22.32 -24.85 38.40
C LEU D 331 -22.14 -25.86 39.52
N ASN D 332 -22.45 -25.42 40.75
CA ASN D 332 -22.21 -26.21 41.95
C ASN D 332 -22.44 -27.71 41.78
N VAL D 333 -23.58 -28.11 41.21
CA VAL D 333 -23.90 -29.55 41.08
C VAL D 333 -22.95 -30.31 40.13
N GLN D 334 -22.44 -29.60 39.12
CA GLN D 334 -21.38 -30.13 38.25
C GLN D 334 -20.01 -30.31 38.97
N ASN D 335 -19.92 -29.83 40.22
CA ASN D 335 -18.77 -30.06 41.07
C ASN D 335 -19.15 -30.95 42.25
N LYS D 336 -20.40 -30.82 42.71
CA LYS D 336 -20.92 -31.59 43.84
C LYS D 336 -21.26 -33.02 43.43
N ASN D 337 -21.43 -33.21 42.11
CA ASN D 337 -21.62 -34.51 41.46
C ASN D 337 -20.92 -34.45 40.10
N SER D 338 -19.65 -34.07 40.10
CA SER D 338 -18.85 -33.83 38.86
C SER D 338 -18.52 -35.10 38.07
N SER D 339 -18.24 -36.17 38.82
CA SER D 339 -17.88 -37.49 38.29
C SER D 339 -18.84 -37.97 37.18
N TYR D 340 -20.15 -37.91 37.46
CA TYR D 340 -21.18 -38.52 36.60
C TYR D 340 -21.82 -37.62 35.52
N PHE D 341 -20.99 -36.79 34.94
CA PHE D 341 -21.24 -36.30 33.60
C PHE D 341 -20.13 -36.88 32.77
N VAL D 342 -20.47 -37.24 31.54
CA VAL D 342 -19.48 -37.50 30.51
C VAL D 342 -18.57 -36.26 30.32
N GLU D 343 -17.29 -36.45 30.00
CA GLU D 343 -16.46 -35.30 29.65
C GLU D 343 -16.41 -35.10 28.15
N TRP D 344 -16.46 -36.19 27.39
CA TRP D 344 -16.19 -36.15 25.96
C TRP D 344 -17.19 -35.40 25.09
N ILE D 345 -18.40 -35.13 25.58
CA ILE D 345 -19.13 -33.97 25.03
C ILE D 345 -19.05 -32.83 26.02
N PRO D 346 -18.48 -31.71 25.56
CA PRO D 346 -17.98 -30.66 26.45
C PRO D 346 -19.08 -29.98 27.22
N ASN D 347 -19.69 -28.91 26.72
CA ASN D 347 -20.60 -28.19 27.58
C ASN D 347 -21.98 -28.75 27.55
N ASN D 348 -22.10 -29.93 28.16
CA ASN D 348 -23.21 -30.86 27.99
C ASN D 348 -24.38 -30.80 29.01
N VAL D 349 -24.42 -29.72 29.79
CA VAL D 349 -25.64 -29.37 30.53
C VAL D 349 -25.94 -27.85 30.48
N LYS D 350 -26.80 -27.50 29.51
CA LYS D 350 -27.28 -26.13 29.32
C LYS D 350 -28.62 -25.99 30.03
N THR D 351 -28.88 -24.82 30.63
CA THR D 351 -30.15 -24.55 31.31
C THR D 351 -30.72 -23.16 31.08
N ALA D 352 -32.02 -23.12 30.86
CA ALA D 352 -32.73 -21.86 30.59
C ALA D 352 -34.01 -21.72 31.45
N VAL D 353 -34.53 -20.49 31.50
CA VAL D 353 -35.63 -20.11 32.40
C VAL D 353 -36.77 -19.35 31.71
N CYS D 354 -38.00 -19.83 31.93
CA CYS D 354 -39.24 -19.09 31.57
C CYS D 354 -40.04 -18.81 32.86
N ASP D 355 -40.64 -17.63 32.95
CA ASP D 355 -41.02 -17.06 34.25
C ASP D 355 -42.50 -16.84 34.59
N ILE D 356 -43.41 -17.37 33.78
CA ILE D 356 -44.83 -17.31 34.16
C ILE D 356 -45.28 -18.67 34.70
N PRO D 357 -45.47 -18.76 36.02
CA PRO D 357 -45.60 -20.04 36.75
C PRO D 357 -46.66 -21.01 36.18
N PRO D 358 -46.57 -22.31 36.50
CA PRO D 358 -47.66 -23.26 36.17
C PRO D 358 -48.95 -23.05 37.03
N ARG D 359 -49.90 -23.98 36.92
CA ARG D 359 -51.03 -24.04 37.83
C ARG D 359 -50.48 -24.10 39.27
N GLY D 360 -50.96 -23.22 40.16
CA GLY D 360 -50.43 -23.08 41.52
C GLY D 360 -48.94 -22.77 41.50
N LEU D 361 -48.20 -23.23 42.52
CA LEU D 361 -46.73 -23.35 42.45
C LEU D 361 -45.95 -22.11 41.95
N LYS D 362 -45.29 -21.41 42.88
CA LYS D 362 -44.59 -20.13 42.63
C LYS D 362 -43.28 -20.22 41.83
N MET D 363 -42.55 -21.32 42.07
CA MET D 363 -41.23 -21.63 41.53
C MET D 363 -41.19 -23.13 41.21
N SER D 364 -40.73 -23.52 40.02
CA SER D 364 -40.69 -24.94 39.66
C SER D 364 -39.65 -25.31 38.59
N ALA D 365 -39.16 -26.55 38.65
CA ALA D 365 -38.14 -26.99 37.72
C ALA D 365 -38.43 -28.33 37.05
N THR D 366 -37.99 -28.44 35.80
CA THR D 366 -38.18 -29.65 35.05
C THR D 366 -36.87 -30.06 34.38
N PHE D 367 -36.58 -31.36 34.42
CA PHE D 367 -35.30 -31.91 34.01
C PHE D 367 -35.42 -32.91 32.85
N ILE D 368 -34.78 -32.61 31.73
CA ILE D 368 -34.77 -33.52 30.61
C ILE D 368 -33.45 -34.27 30.69
N GLY D 369 -33.46 -35.58 30.44
CA GLY D 369 -32.29 -36.38 30.80
C GLY D 369 -31.82 -37.67 30.12
N ASN D 370 -30.99 -37.47 29.09
CA ASN D 370 -30.27 -38.53 28.40
C ASN D 370 -29.23 -39.20 29.33
N SER D 371 -29.72 -40.05 30.23
CA SER D 371 -28.84 -40.80 31.12
C SER D 371 -28.74 -42.24 30.61
N THR D 372 -27.52 -42.72 30.41
CA THR D 372 -27.31 -44.12 30.06
C THR D 372 -27.76 -45.05 31.21
N ALA D 373 -28.16 -44.45 32.33
CA ALA D 373 -28.79 -45.16 33.44
C ALA D 373 -30.18 -45.63 33.04
N ILE D 374 -30.66 -45.14 31.89
CA ILE D 374 -31.85 -45.63 31.20
C ILE D 374 -31.74 -47.14 30.89
N GLN D 375 -30.50 -47.59 30.67
CA GLN D 375 -30.16 -49.01 30.52
C GLN D 375 -30.89 -49.73 31.64
N GLU D 376 -30.82 -49.13 32.84
CA GLU D 376 -31.55 -49.59 34.02
C GLU D 376 -33.02 -49.96 33.72
N LEU D 377 -33.73 -49.09 33.01
CA LEU D 377 -35.13 -49.31 32.66
C LEU D 377 -35.27 -50.47 31.68
N PHE D 378 -34.72 -50.33 30.47
CA PHE D 378 -34.76 -51.41 29.49
C PHE D 378 -34.42 -52.81 30.10
N LYS D 379 -33.23 -52.92 30.70
CA LYS D 379 -32.75 -54.18 31.28
C LYS D 379 -33.68 -54.73 32.34
N ARG D 380 -34.62 -53.92 32.81
CA ARG D 380 -35.60 -54.40 33.79
C ARG D 380 -36.74 -55.13 33.10
N ILE D 381 -37.12 -54.64 31.91
CA ILE D 381 -38.25 -55.19 31.13
C ILE D 381 -37.88 -56.45 30.35
N SER D 382 -36.70 -56.44 29.74
CA SER D 382 -36.17 -57.63 29.07
C SER D 382 -35.83 -58.72 30.08
N GLU D 383 -35.76 -58.32 31.37
CA GLU D 383 -35.57 -59.24 32.49
C GLU D 383 -36.86 -60.05 32.73
N GLN D 384 -38.04 -59.43 32.63
CA GLN D 384 -39.29 -60.21 32.69
C GLN D 384 -39.84 -60.68 31.32
N PHE D 385 -39.22 -60.24 30.21
CA PHE D 385 -39.68 -60.62 28.87
C PHE D 385 -39.32 -62.04 28.43
N THR D 386 -38.04 -62.39 28.56
CA THR D 386 -37.53 -63.74 28.26
C THR D 386 -37.73 -64.73 29.43
N ALA D 387 -38.17 -64.19 30.57
CA ALA D 387 -38.70 -64.97 31.67
C ALA D 387 -40.12 -65.39 31.30
N MET D 388 -40.60 -64.82 30.19
CA MET D 388 -41.90 -65.16 29.60
C MET D 388 -41.70 -65.98 28.32
N PHE D 389 -40.73 -65.57 27.50
CA PHE D 389 -40.37 -66.28 26.26
C PHE D 389 -39.60 -67.58 26.53
N ARG D 390 -39.50 -67.94 27.82
CA ARG D 390 -39.08 -69.28 28.27
C ARG D 390 -39.65 -70.31 27.29
N ARG D 391 -40.36 -71.32 27.80
CA ARG D 391 -41.14 -72.24 26.94
C ARG D 391 -42.40 -71.50 26.46
N LYS D 392 -42.12 -70.37 25.78
CA LYS D 392 -43.07 -69.48 25.11
C LYS D 392 -44.47 -69.51 25.67
N ALA D 393 -44.71 -68.78 26.75
CA ALA D 393 -46.05 -68.72 27.35
C ALA D 393 -47.03 -67.85 26.51
N PHE D 394 -47.65 -66.81 27.09
CA PHE D 394 -48.85 -66.19 26.51
C PHE D 394 -48.87 -66.04 25.01
N LEU D 395 -47.69 -66.15 24.43
CA LEU D 395 -47.42 -65.92 23.03
C LEU D 395 -48.54 -66.34 22.08
N HIS D 396 -49.27 -67.39 22.42
CA HIS D 396 -50.24 -67.93 21.50
C HIS D 396 -51.33 -66.94 21.01
N TRP D 397 -51.44 -65.75 21.60
CA TRP D 397 -52.41 -64.74 21.14
C TRP D 397 -51.99 -64.02 19.88
N TYR D 398 -50.69 -64.10 19.62
CA TYR D 398 -50.02 -63.43 18.52
C TYR D 398 -49.63 -64.48 17.49
N THR D 399 -49.22 -65.67 17.97
CA THR D 399 -48.99 -66.87 17.14
C THR D 399 -49.93 -66.87 15.95
N GLY D 400 -51.23 -66.90 16.25
CA GLY D 400 -52.28 -66.99 15.26
C GLY D 400 -52.72 -65.64 14.72
N GLU D 401 -52.64 -64.58 15.53
CA GLU D 401 -53.07 -63.27 15.06
C GLU D 401 -52.36 -62.86 13.79
N GLY D 402 -51.26 -63.53 13.48
CA GLY D 402 -50.53 -63.32 12.24
C GLY D 402 -49.12 -62.85 12.49
N MET D 403 -48.47 -63.49 13.45
CA MET D 403 -47.13 -63.09 13.84
C MET D 403 -46.20 -64.26 13.84
N ASP D 404 -44.91 -63.97 13.81
CA ASP D 404 -43.93 -65.01 13.65
C ASP D 404 -43.12 -65.35 14.90
N GLU D 405 -42.82 -66.65 14.99
CA GLU D 405 -41.87 -67.27 15.90
C GLU D 405 -40.70 -66.36 16.26
N MET D 406 -39.79 -66.23 15.30
CA MET D 406 -38.55 -65.47 15.45
C MET D 406 -38.75 -63.96 15.64
N GLU D 407 -39.96 -63.46 15.37
CA GLU D 407 -40.21 -62.01 15.37
C GLU D 407 -40.14 -61.41 16.77
N PHE D 408 -40.59 -62.16 17.76
CA PHE D 408 -40.39 -61.76 19.16
C PHE D 408 -38.89 -61.69 19.41
N THR D 409 -38.23 -62.83 19.25
CA THR D 409 -36.78 -62.96 19.42
C THR D 409 -36.03 -61.92 18.59
N GLU D 410 -36.58 -61.60 17.41
CA GLU D 410 -36.02 -60.63 16.47
C GLU D 410 -36.04 -59.19 17.01
N ALA D 411 -36.86 -59.00 18.05
CA ALA D 411 -36.92 -57.72 18.77
C ALA D 411 -36.39 -57.88 20.20
N GLU D 412 -36.45 -59.10 20.75
CA GLU D 412 -35.76 -59.41 21.99
C GLU D 412 -34.32 -59.01 21.82
N SER D 413 -33.76 -59.41 20.69
CA SER D 413 -32.43 -58.99 20.24
C SER D 413 -32.26 -57.47 19.99
N ASN D 414 -33.07 -56.84 19.11
CA ASN D 414 -32.94 -55.37 18.83
C ASN D 414 -32.92 -54.52 20.09
N MET D 415 -33.56 -55.02 21.15
CA MET D 415 -33.45 -54.44 22.46
C MET D 415 -32.09 -54.76 23.10
N ASN D 416 -31.75 -56.05 23.14
CA ASN D 416 -30.50 -56.53 23.74
C ASN D 416 -29.24 -55.88 23.17
N ASP D 417 -29.39 -55.23 22.05
CA ASP D 417 -28.31 -54.42 21.51
C ASP D 417 -28.36 -53.10 22.24
N LEU D 418 -29.48 -52.37 22.09
CA LEU D 418 -29.67 -51.07 22.73
C LEU D 418 -29.28 -51.10 24.22
N VAL D 419 -29.49 -52.24 24.88
CA VAL D 419 -28.99 -52.41 26.23
C VAL D 419 -27.47 -52.17 26.27
N SER D 420 -26.71 -52.98 25.52
CA SER D 420 -25.23 -53.06 25.60
C SER D 420 -24.55 -52.08 24.65
N GLU D 421 -25.19 -50.94 24.53
CA GLU D 421 -24.69 -49.88 23.72
C GLU D 421 -24.53 -48.69 24.62
N TYR D 422 -25.41 -48.60 25.60
CA TYR D 422 -25.33 -47.61 26.69
C TYR D 422 -24.18 -47.94 27.68
N GLN D 423 -23.99 -49.24 27.92
CA GLN D 423 -22.85 -49.82 28.68
C GLN D 423 -21.57 -49.67 27.88
N GLN D 424 -21.72 -49.53 26.57
CA GLN D 424 -20.63 -49.23 25.65
C GLN D 424 -20.22 -47.77 25.76
N TYR D 425 -21.15 -46.93 26.16
CA TYR D 425 -20.84 -45.54 26.41
C TYR D 425 -20.70 -45.28 27.93
N GLN D 426 -19.88 -46.13 28.53
CA GLN D 426 -19.26 -45.84 29.80
C GLN D 426 -17.79 -45.71 29.37
N ASP D 427 -17.54 -44.66 28.57
CA ASP D 427 -16.36 -44.52 27.67
C ASP D 427 -15.00 -44.04 28.27
N ALA D 428 -14.25 -43.21 27.54
CA ALA D 428 -12.95 -42.73 28.01
C ALA D 428 -12.61 -41.35 27.46
N ALA E 1 73.78 43.57 -24.18
CA ALA E 1 75.25 43.31 -24.09
C ALA E 1 76.14 44.19 -25.02
N ASP E 2 75.51 45.16 -25.71
CA ASP E 2 76.12 46.07 -26.75
C ASP E 2 76.56 45.41 -28.10
N MET E 3 75.68 45.51 -29.12
CA MET E 3 75.40 44.38 -30.03
C MET E 3 75.40 44.46 -31.59
N GLU E 4 74.94 45.57 -32.17
CA GLU E 4 74.68 45.63 -33.63
C GLU E 4 73.36 44.94 -34.01
N VAL E 5 72.53 45.68 -34.73
CA VAL E 5 71.22 45.26 -35.19
C VAL E 5 71.26 44.95 -36.69
N ILE E 6 70.71 43.82 -37.11
CA ILE E 6 70.67 43.49 -38.51
C ILE E 6 69.39 44.06 -39.10
N GLU E 7 69.46 45.28 -39.62
CA GLU E 7 68.25 46.00 -40.08
C GLU E 7 67.41 45.25 -41.14
N LEU E 8 66.24 44.78 -40.73
CA LEU E 8 65.36 43.98 -41.60
C LEU E 8 64.04 44.70 -41.96
N ASN E 9 64.15 45.79 -42.73
CA ASN E 9 62.99 46.46 -43.37
C ASN E 9 62.45 47.79 -42.75
N LYS E 10 61.81 48.58 -43.62
CA LYS E 10 61.21 49.87 -43.31
C LYS E 10 60.01 50.02 -44.27
N CYS E 11 58.84 50.47 -43.79
CA CYS E 11 57.76 50.87 -44.70
C CYS E 11 56.93 52.04 -44.16
N THR E 12 55.78 52.31 -44.77
CA THR E 12 54.97 53.48 -44.46
C THR E 12 54.81 53.81 -42.96
N SER E 13 54.37 52.80 -42.19
CA SER E 13 53.92 52.92 -40.77
C SER E 13 54.70 52.02 -39.74
N GLY E 14 55.97 51.72 -40.03
CA GLY E 14 56.76 50.80 -39.23
C GLY E 14 58.22 50.61 -39.63
N GLN E 15 58.91 49.73 -38.90
CA GLN E 15 60.33 49.41 -39.11
C GLN E 15 60.62 48.12 -38.35
N SER E 16 61.18 47.12 -39.02
CA SER E 16 61.58 45.87 -38.37
C SER E 16 63.09 45.85 -38.20
N PHE E 17 63.60 44.98 -37.34
CA PHE E 17 65.03 44.78 -37.23
C PHE E 17 65.46 43.74 -36.22
N GLU E 18 66.29 42.80 -36.64
CA GLU E 18 66.87 41.78 -35.77
C GLU E 18 67.91 42.40 -34.82
N VAL E 19 68.26 41.68 -33.75
CA VAL E 19 69.33 42.17 -32.87
C VAL E 19 70.24 41.04 -32.27
N ILE E 20 70.75 40.16 -33.15
CA ILE E 20 71.61 39.02 -32.75
C ILE E 20 72.67 39.42 -31.73
N LEU E 21 72.72 38.68 -30.63
CA LEU E 21 73.47 39.11 -29.47
C LEU E 21 74.77 38.32 -29.25
N LYS E 22 74.67 36.99 -29.29
CA LYS E 22 75.81 36.08 -29.12
C LYS E 22 75.59 34.81 -29.93
N PRO E 23 76.49 34.54 -30.89
CA PRO E 23 76.31 33.51 -31.92
C PRO E 23 75.55 32.27 -31.48
N PRO E 24 74.83 31.65 -32.41
CA PRO E 24 74.06 30.41 -32.14
C PRO E 24 74.84 29.26 -31.44
N SER E 25 76.12 29.07 -31.79
CA SER E 25 76.94 27.90 -31.37
C SER E 25 76.43 26.54 -31.92
N PHE E 26 77.19 25.98 -32.88
CA PHE E 26 76.79 24.84 -33.75
C PHE E 26 76.22 23.65 -32.98
N ASP E 27 75.02 23.20 -33.32
CA ASP E 27 74.41 22.03 -32.67
C ASP E 27 75.08 20.75 -33.15
N PRO E 42 51.19 15.62 -43.48
CA PRO E 42 50.44 14.70 -44.36
C PRO E 42 48.90 14.58 -44.07
N SER E 43 48.23 15.72 -43.76
CA SER E 43 46.81 15.89 -43.32
C SER E 43 45.76 14.73 -43.42
N LEU E 44 45.50 14.18 -44.62
CA LEU E 44 44.66 12.95 -44.86
C LEU E 44 43.11 13.10 -44.94
N GLU E 45 42.53 13.04 -46.15
CA GLU E 45 41.08 13.24 -46.33
C GLU E 45 40.23 12.03 -45.91
N GLU E 46 40.61 10.84 -46.38
CA GLU E 46 39.89 9.56 -46.16
C GLU E 46 38.97 9.42 -44.91
N ILE E 47 39.21 10.26 -43.88
CA ILE E 47 38.48 10.29 -42.59
C ILE E 47 37.25 11.25 -42.48
N GLN E 48 36.28 10.98 -43.34
CA GLN E 48 34.94 11.54 -43.37
C GLN E 48 34.08 10.33 -43.05
N LYS E 49 34.73 9.16 -43.12
CA LYS E 49 34.20 7.82 -42.82
C LYS E 49 34.61 7.45 -41.39
N LYS E 50 35.28 8.38 -40.73
CA LYS E 50 35.61 8.23 -39.31
C LYS E 50 34.47 8.82 -38.48
N LEU E 51 33.84 9.86 -39.04
CA LEU E 51 32.72 10.59 -38.41
C LEU E 51 31.33 9.89 -38.50
N GLU E 52 31.20 8.90 -39.40
CA GLU E 52 30.04 7.98 -39.42
C GLU E 52 30.49 6.57 -38.97
N ALA E 53 31.66 6.54 -38.34
CA ALA E 53 32.12 5.43 -37.51
C ALA E 53 31.69 5.76 -36.08
N ALA E 54 31.85 7.02 -35.69
CA ALA E 54 31.32 7.53 -34.43
C ALA E 54 29.82 7.27 -34.31
N GLU E 55 29.11 7.62 -35.36
CA GLU E 55 27.69 7.41 -35.45
C GLU E 55 27.33 5.92 -35.63
N GLU E 56 28.34 5.12 -35.96
CA GLU E 56 28.17 3.67 -36.00
C GLU E 56 27.80 3.12 -34.62
N ARG E 57 28.37 3.74 -33.58
CA ARG E 57 28.27 3.24 -32.20
C ARG E 57 27.20 3.94 -31.37
N ARG E 58 26.92 5.20 -31.67
CA ARG E 58 25.69 5.83 -31.16
C ARG E 58 24.51 5.01 -31.63
N LYS E 59 24.26 5.02 -32.95
CA LYS E 59 23.11 4.31 -33.52
C LYS E 59 22.90 2.89 -32.95
N TYR E 60 23.98 2.29 -32.45
CA TYR E 60 23.92 0.95 -31.84
C TYR E 60 23.45 1.03 -30.40
N GLN E 61 24.01 1.97 -29.65
CA GLN E 61 23.72 2.13 -28.22
C GLN E 61 22.24 2.45 -27.93
N GLU E 62 21.72 3.54 -28.52
CA GLU E 62 20.31 3.91 -28.36
C GLU E 62 19.34 2.88 -29.01
N ALA E 63 19.76 2.18 -30.08
CA ALA E 63 18.96 1.08 -30.61
C ALA E 63 19.07 -0.21 -29.76
N GLU E 64 19.69 -0.10 -28.58
CA GLU E 64 19.82 -1.21 -27.60
C GLU E 64 19.20 -0.92 -26.25
N LEU E 65 19.22 0.35 -25.84
CA LEU E 65 18.37 0.79 -24.72
C LEU E 65 17.03 1.10 -25.36
N LEU E 66 16.68 0.24 -26.30
CA LEU E 66 15.41 0.23 -26.97
C LEU E 66 15.05 -1.24 -27.13
N LYS E 67 15.93 -2.01 -27.80
CA LYS E 67 15.82 -3.48 -27.81
C LYS E 67 16.09 -4.12 -26.42
N HIS E 68 16.43 -3.30 -25.41
CA HIS E 68 16.42 -3.75 -23.99
C HIS E 68 15.25 -3.06 -23.23
N LEU E 69 14.66 -2.05 -23.86
CA LEU E 69 13.57 -1.32 -23.22
C LEU E 69 12.23 -1.74 -23.71
N ALA E 70 12.14 -1.98 -25.02
CA ALA E 70 10.98 -2.66 -25.58
C ALA E 70 11.03 -4.12 -25.10
N GLU E 71 11.87 -4.37 -24.08
CA GLU E 71 12.09 -5.67 -23.41
C GLU E 71 11.41 -5.68 -22.05
N LYS E 72 11.91 -4.81 -21.17
CA LYS E 72 11.22 -4.52 -19.93
C LYS E 72 9.77 -4.10 -20.25
N ARG E 73 9.40 -4.08 -21.53
CA ARG E 73 8.04 -3.73 -21.88
C ARG E 73 7.17 -4.93 -21.88
N GLU E 74 7.17 -5.71 -22.96
CA GLU E 74 6.34 -6.88 -22.98
C GLU E 74 6.83 -7.97 -22.04
N HIS E 75 7.45 -7.55 -20.92
CA HIS E 75 7.45 -8.32 -19.66
C HIS E 75 6.26 -7.82 -18.83
N GLU E 76 6.08 -6.51 -18.82
CA GLU E 76 4.87 -5.86 -18.33
C GLU E 76 3.58 -6.51 -18.88
N ARG E 77 3.61 -6.93 -20.14
CA ARG E 77 2.49 -7.66 -20.68
C ARG E 77 2.20 -8.86 -19.78
N GLU E 78 3.24 -9.61 -19.41
CA GLU E 78 3.13 -10.78 -18.52
C GLU E 78 2.51 -10.40 -17.19
N VAL E 79 3.35 -10.01 -16.24
CA VAL E 79 2.91 -9.42 -15.00
C VAL E 79 1.45 -9.01 -15.13
N ILE E 80 1.17 -7.94 -15.88
CA ILE E 80 -0.20 -7.41 -16.04
C ILE E 80 -1.27 -8.49 -16.24
N GLN E 81 -0.94 -9.51 -17.01
CA GLN E 81 -1.90 -10.55 -17.38
C GLN E 81 -1.61 -11.94 -16.80
N LYS E 82 -0.35 -12.35 -16.73
CA LYS E 82 0.04 -13.59 -16.06
C LYS E 82 -0.37 -13.52 -14.58
N ALA E 83 -1.15 -12.47 -14.29
CA ALA E 83 -1.79 -12.24 -13.00
C ALA E 83 -3.25 -12.49 -13.16
N ILE E 84 -3.90 -11.68 -13.99
CA ILE E 84 -5.29 -11.93 -14.34
C ILE E 84 -5.48 -13.40 -14.78
N GLU E 85 -4.47 -13.97 -15.46
CA GLU E 85 -4.52 -15.35 -15.97
C GLU E 85 -4.26 -16.41 -14.91
N GLU E 86 -3.73 -15.98 -13.76
CA GLU E 86 -3.62 -16.82 -12.56
C GLU E 86 -4.81 -16.60 -11.62
N ASN E 87 -5.61 -15.56 -11.88
CA ASN E 87 -6.77 -15.24 -11.08
C ASN E 87 -8.01 -16.03 -11.46
N ASN E 88 -8.52 -15.82 -12.67
CA ASN E 88 -9.63 -16.62 -13.17
C ASN E 88 -9.28 -18.11 -13.10
N ASN E 89 -7.98 -18.40 -12.97
CA ASN E 89 -7.47 -19.75 -12.77
C ASN E 89 -7.94 -20.31 -11.45
N PHE E 90 -8.43 -19.41 -10.60
CA PHE E 90 -8.91 -19.71 -9.26
C PHE E 90 -10.43 -19.72 -9.26
N ILE E 91 -11.04 -18.79 -9.97
CA ILE E 91 -12.49 -18.79 -10.11
C ILE E 91 -13.01 -20.10 -10.75
N LYS E 92 -12.42 -20.48 -11.88
CA LYS E 92 -12.83 -21.69 -12.60
C LYS E 92 -12.12 -22.95 -12.08
N MET E 93 -11.44 -22.79 -10.93
CA MET E 93 -11.07 -23.91 -10.09
C MET E 93 -12.19 -24.02 -9.05
N ALA E 94 -12.63 -22.90 -8.50
CA ALA E 94 -13.58 -22.88 -7.38
C ALA E 94 -15.04 -22.73 -7.78
N LYS E 95 -15.34 -22.81 -9.08
CA LYS E 95 -16.73 -22.87 -9.50
C LYS E 95 -17.22 -24.33 -9.55
N GLU E 96 -16.27 -25.26 -9.63
CA GLU E 96 -16.58 -26.69 -9.56
C GLU E 96 -16.10 -27.37 -8.25
N LYS E 97 -15.13 -26.77 -7.55
CA LYS E 97 -14.80 -27.15 -6.18
C LYS E 97 -16.05 -26.89 -5.37
N LEU E 98 -16.99 -26.17 -5.99
CA LEU E 98 -18.34 -26.03 -5.49
C LEU E 98 -19.28 -27.05 -6.13
N ALA E 99 -19.97 -26.66 -7.21
CA ALA E 99 -21.13 -27.45 -7.69
C ALA E 99 -20.89 -28.94 -8.12
N GLN E 100 -19.67 -29.44 -7.89
CA GLN E 100 -19.32 -30.86 -8.06
C GLN E 100 -18.93 -31.45 -6.71
N LYS E 101 -18.97 -30.62 -5.69
CA LYS E 101 -18.94 -31.04 -4.30
C LYS E 101 -20.39 -31.07 -3.87
N MET E 102 -21.21 -30.28 -4.56
CA MET E 102 -22.56 -30.03 -4.13
C MET E 102 -23.61 -30.80 -4.91
N GLU E 103 -23.22 -31.36 -6.04
CA GLU E 103 -24.04 -32.37 -6.73
C GLU E 103 -23.57 -33.77 -6.32
N SER E 104 -22.45 -33.84 -5.61
CA SER E 104 -22.08 -35.07 -4.92
C SER E 104 -22.88 -35.14 -3.62
N ASN E 105 -23.38 -33.99 -3.17
CA ASN E 105 -24.23 -33.88 -1.99
C ASN E 105 -25.71 -34.24 -2.21
N LYS E 106 -26.34 -33.60 -3.19
CA LYS E 106 -27.71 -33.95 -3.61
C LYS E 106 -27.84 -35.45 -3.93
N GLU E 107 -26.87 -36.02 -4.65
CA GLU E 107 -26.84 -37.47 -4.94
C GLU E 107 -26.66 -38.32 -3.65
N ASN E 108 -25.90 -37.78 -2.68
CA ASN E 108 -25.59 -38.44 -1.41
C ASN E 108 -26.74 -38.57 -0.44
N ARG E 109 -27.41 -37.46 -0.18
CA ARG E 109 -28.61 -37.49 0.65
C ARG E 109 -29.69 -38.34 0.00
N GLU E 110 -30.15 -37.94 -1.19
CA GLU E 110 -31.34 -38.52 -1.84
C GLU E 110 -31.46 -40.07 -1.78
N ALA E 111 -30.32 -40.77 -1.83
CA ALA E 111 -30.28 -42.23 -1.63
C ALA E 111 -29.92 -42.62 -0.17
N HIS E 112 -29.96 -41.60 0.70
CA HIS E 112 -30.02 -41.77 2.15
C HIS E 112 -31.45 -41.44 2.65
N LEU E 113 -32.27 -40.86 1.78
CA LEU E 113 -33.72 -40.80 1.96
C LEU E 113 -34.28 -42.17 1.55
N ALA E 114 -33.99 -42.58 0.30
CA ALA E 114 -34.38 -43.90 -0.20
C ALA E 114 -33.92 -45.03 0.74
N ALA E 115 -32.69 -44.93 1.23
CA ALA E 115 -32.17 -45.87 2.23
C ALA E 115 -32.98 -45.86 3.53
N MET E 116 -33.81 -44.83 3.69
CA MET E 116 -34.76 -44.77 4.80
C MET E 116 -36.11 -45.37 4.38
N LEU E 117 -36.56 -45.00 3.18
CA LEU E 117 -37.88 -45.40 2.67
C LEU E 117 -38.00 -46.87 2.28
N GLU E 118 -36.98 -47.40 1.60
CA GLU E 118 -36.90 -48.81 1.21
C GLU E 118 -36.77 -49.77 2.41
N ARG E 119 -36.63 -49.21 3.62
CA ARG E 119 -36.75 -49.96 4.88
C ARG E 119 -38.20 -50.05 5.28
N LEU E 120 -38.98 -49.09 4.78
CA LEU E 120 -40.38 -48.96 5.17
C LEU E 120 -41.26 -49.90 4.38
N GLN E 121 -41.06 -49.90 3.06
CA GLN E 121 -41.67 -50.88 2.15
C GLN E 121 -41.39 -52.33 2.55
N GLU E 122 -40.61 -52.49 3.62
CA GLU E 122 -40.02 -53.76 4.07
C GLU E 122 -40.51 -54.15 5.48
N LYS E 123 -40.91 -53.14 6.24
CA LYS E 123 -41.74 -53.37 7.39
C LYS E 123 -43.21 -53.19 6.95
N ASP E 124 -43.41 -52.80 5.69
CA ASP E 124 -44.74 -52.61 5.09
C ASP E 124 -45.26 -53.78 4.23
N LYS E 125 -44.46 -54.24 3.24
CA LYS E 125 -44.79 -55.45 2.47
C LYS E 125 -44.42 -56.77 3.19
N HIS E 126 -44.33 -56.67 4.53
CA HIS E 126 -44.26 -57.78 5.49
C HIS E 126 -45.49 -57.77 6.44
N ALA E 127 -45.95 -56.56 6.81
CA ALA E 127 -47.20 -56.36 7.55
C ALA E 127 -48.39 -56.80 6.72
N GLU E 128 -48.28 -56.57 5.42
CA GLU E 128 -49.26 -57.04 4.44
C GLU E 128 -49.34 -58.56 4.45
N GLU E 129 -48.20 -59.23 4.31
CA GLU E 129 -48.15 -60.69 4.20
C GLU E 129 -48.42 -61.41 5.52
N VAL E 130 -48.52 -60.67 6.64
CA VAL E 130 -48.91 -61.27 7.93
C VAL E 130 -50.37 -60.98 8.39
N ARG E 131 -51.25 -60.75 7.40
CA ARG E 131 -52.70 -60.80 7.56
C ARG E 131 -53.27 -61.77 6.52
N LYS E 132 -52.64 -61.82 5.35
CA LYS E 132 -52.84 -62.90 4.40
C LYS E 132 -52.37 -64.23 5.03
N ASN E 133 -51.72 -64.16 6.20
CA ASN E 133 -51.33 -65.31 7.00
C ASN E 133 -52.19 -65.46 8.29
N LYS E 134 -52.87 -64.38 8.68
CA LYS E 134 -53.93 -64.46 9.68
C LYS E 134 -55.19 -65.04 9.04
N GLU E 135 -55.60 -64.47 7.88
CA GLU E 135 -56.68 -65.03 7.06
C GLU E 135 -56.25 -66.33 6.40
N LEU E 136 -55.54 -67.15 7.18
CA LEU E 136 -55.07 -68.48 6.82
C LEU E 136 -54.44 -69.17 8.05
N LYS E 137 -54.92 -68.81 9.24
CA LYS E 137 -54.50 -69.47 10.48
C LYS E 137 -55.64 -69.47 11.47
PG GTP F . 28.76 26.85 -25.07
O1G GTP F . 28.08 27.66 -24.06
O2G GTP F . 28.12 27.17 -26.42
O3G GTP F . 28.83 25.34 -24.68
O3B GTP F . 30.28 27.30 -25.25
PB GTP F . 31.41 26.16 -25.44
O1B GTP F . 32.47 26.59 -26.38
O2B GTP F . 30.75 24.77 -25.74
O3A GTP F . 32.10 26.16 -23.98
PA GTP F . 32.77 27.50 -23.41
O1A GTP F . 31.87 28.16 -22.45
O2A GTP F . 33.12 28.38 -24.63
O5' GTP F . 34.09 27.02 -22.63
C5' GTP F . 34.16 26.78 -21.25
C4' GTP F . 35.52 27.32 -20.89
O4' GTP F . 35.52 28.56 -21.52
C3' GTP F . 35.67 27.60 -19.41
O3' GTP F . 37.05 27.53 -19.13
C2' GTP F . 35.29 29.04 -19.26
O2' GTP F . 36.05 29.63 -18.23
C1' GTP F . 35.70 29.61 -20.61
N9 GTP F . 35.00 30.86 -21.00
C8 GTP F . 33.67 30.96 -21.22
N7 GTP F . 33.39 32.23 -21.58
C5 GTP F . 34.51 32.95 -21.60
C6 GTP F . 34.74 34.28 -21.90
O6 GTP F . 33.81 35.02 -22.20
N1 GTP F . 36.00 34.78 -21.86
C2 GTP F . 37.02 33.93 -21.52
N2 GTP F . 38.26 34.37 -21.47
N3 GTP F . 36.79 32.60 -21.21
C4 GTP F . 35.54 32.11 -21.25
MG MG G . 29.71 23.66 -25.16
PB GDP H . 1.28 7.54 -2.93
O1B GDP H . 2.24 8.34 -3.76
O2B GDP H . 0.04 8.39 -2.63
O3B GDP H . 0.71 6.23 -3.55
O3A GDP H . 2.12 7.17 -1.59
PA GDP H . 2.26 8.12 -0.29
O1A GDP H . 2.01 9.48 -0.80
O2A GDP H . 1.38 7.62 0.90
O5' GDP H . 3.82 8.09 0.09
C5' GDP H . 4.19 7.25 1.14
C4' GDP H . 5.50 7.75 1.73
O4' GDP H . 5.62 9.12 1.44
C3' GDP H . 5.47 7.56 3.24
O3' GDP H . 6.73 7.14 3.73
C2' GDP H . 5.19 8.92 3.80
O2' GDP H . 6.02 9.14 4.92
C1' GDP H . 5.51 9.87 2.65
N9 GDP H . 4.52 10.99 2.53
C8 GDP H . 3.15 10.89 2.53
N7 GDP H . 2.65 12.15 2.43
C5 GDP H . 3.67 13.03 2.36
C6 GDP H . 3.73 14.42 2.26
O6 GDP H . 2.75 14.98 1.78
N1 GDP H . 4.94 15.07 2.22
C2 GDP H . 6.11 14.35 2.29
N2 GDP H . 7.13 14.92 2.86
N3 GDP H . 6.07 12.97 2.40
C4 GDP H . 4.87 12.32 2.44
MG MG I . -1.77 6.97 0.70
CAA G2N J . 15.08 20.03 -12.49
CAB G2N J . 21.91 25.80 -10.84
NAC G2N J . 23.78 20.08 -11.22
OAD G2N J . 17.07 18.93 -11.76
CAE G2N J . 27.37 24.88 -10.65
CAF G2N J . 26.63 24.43 -11.75
CAG G2N J . 26.81 25.01 -9.37
CAH G2N J . 25.30 24.10 -11.52
CAI G2N J . 25.47 24.66 -9.16
CAJ G2N J . 19.98 21.65 -10.77
CAK G2N J . 15.93 21.16 -11.87
NAL G2N J . 23.43 22.57 -10.49
NAM G2N J . 21.43 19.83 -11.33
NAN G2N J . 19.19 19.56 -11.41
NAO G2N J . 20.98 23.77 -10.06
OAP G2N J . 17.42 21.10 -11.63
CAQ G2N J . 17.89 19.83 -11.59
CAR G2N J . 23.42 23.85 -10.20
CAS G2N J . 22.53 20.56 -11.09
CAT G2N J . 24.73 24.24 -10.25
CAU G2N J . 20.20 20.36 -11.19
CAV G2N J . 21.09 22.43 -10.51
CAW G2N J . 22.35 21.85 -10.65
CAX G2N J . 22.14 24.65 -9.88
PG GTP K . -30.62 -19.24 13.61
O1G GTP K . -31.25 -18.54 14.75
O2G GTP K . -31.45 -19.11 12.34
O3G GTP K . -30.38 -20.73 13.89
O3B GTP K . -29.23 -18.51 13.30
PB GTP K . -27.97 -19.50 13.29
O1B GTP K . -26.87 -19.01 12.43
O2B GTP K . -28.45 -20.91 12.85
O3A GTP K . -27.51 -19.43 14.87
PA GTP K . -26.81 -18.18 15.65
O1A GTP K . -27.43 -17.93 16.97
O2A GTP K . -26.95 -16.89 14.80
O5' GTP K . -25.31 -18.68 15.94
C5' GTP K . -24.98 -19.34 17.15
C4' GTP K . -24.20 -18.42 18.10
O4' GTP K . -24.95 -17.26 18.18
C3' GTP K . -24.01 -18.84 19.57
O3' GTP K . -22.65 -18.75 19.93
C2' GTP K . -24.77 -17.83 20.42
O2' GTP K . -24.06 -17.54 21.59
C1' GTP K . -24.69 -16.69 19.45
N9 GTP K . -25.55 -15.51 19.50
C8 GTP K . -26.88 -15.44 19.21
N7 GTP K . -27.26 -14.15 19.32
C5 GTP K . -26.18 -13.41 19.62
C6 GTP K . -26.00 -12.07 19.83
O6 GTP K . -26.96 -11.33 19.75
N1 GTP K . -24.76 -11.56 20.15
C2 GTP K . -23.67 -12.40 20.26
N2 GTP K . -22.47 -11.91 20.56
N3 GTP K . -23.87 -13.74 20.03
C4 GTP K . -25.10 -14.24 19.73
MG MG L . -29.66 -22.25 12.63
PB GDP M . -54.52 -49.56 25.49
O1B GDP M . -53.92 -48.70 24.45
O2B GDP M . -55.84 -48.98 26.01
O3B GDP M . -54.90 -50.96 24.95
O3A GDP M . -53.41 -49.60 26.67
PA GDP M . -53.79 -49.10 28.14
O1A GDP M . -54.60 -47.88 27.95
O2A GDP M . -54.58 -50.16 28.98
O5' GDP M . -52.43 -48.65 28.88
C5' GDP M . -51.30 -49.49 28.96
C4' GDP M . -50.64 -49.49 30.33
O4' GDP M . -50.23 -48.22 30.78
C3' GDP M . -51.59 -49.96 31.42
O3' GDP M . -51.74 -51.35 31.38
C2' GDP M . -50.92 -49.42 32.67
O2' GDP M . -49.73 -50.09 33.04
C1' GDP M . -50.52 -48.07 32.16
N9 GDP M . -51.71 -47.21 32.32
C8 GDP M . -53.01 -47.60 32.18
N7 GDP M . -53.80 -46.51 32.40
C5 GDP M . -53.03 -45.43 32.67
C6 GDP M . -53.32 -44.09 32.97
O6 GDP M . -54.44 -43.80 33.46
N1 GDP M . -52.27 -43.22 33.20
C2 GDP M . -50.94 -43.65 33.19
N2 GDP M . -50.11 -43.09 34.07
N3 GDP M . -50.69 -44.97 32.87
C4 GDP M . -51.70 -45.86 32.62
CAA G2N N . -43.15 -31.47 21.88
CAB G2N N . -37.01 -26.27 25.70
NAC G2N N . -34.44 -30.94 23.18
OAD G2N N . -41.08 -33.05 23.07
CAE G2N N . -31.87 -25.18 26.70
CAF G2N N . -32.40 -25.23 25.41
CAG G2N N . -32.36 -26.02 27.74
CAH G2N N . -33.43 -26.14 25.16
CAI G2N N . -33.40 -26.93 27.49
CAJ G2N N . -38.11 -30.39 24.92
CAK G2N N . -42.14 -30.73 22.77
NAL G2N N . -34.76 -28.94 25.09
NAM G2N N . -36.72 -31.53 23.39
NAN G2N N . -39.07 -32.18 23.67
NAO G2N N . -37.28 -28.58 26.30
OAP G2N N . -40.73 -30.96 22.38
CAQ G2N N . -40.29 -32.07 23.05
CAR G2N N . -34.97 -27.85 25.88
CAS G2N N . -35.64 -30.75 23.75
CAT G2N N . -33.92 -26.98 26.19
CAU G2N N . -37.98 -31.37 23.92
CAV G2N N . -37.05 -29.56 25.31
CAW G2N N . -35.78 -29.75 24.74
CAX G2N N . -36.37 -27.46 26.44
#